data_7E7I
#
_entry.id   7E7I
#
_cell.length_a   1.00
_cell.length_b   1.00
_cell.length_c   1.00
_cell.angle_alpha   90.00
_cell.angle_beta   90.00
_cell.angle_gamma   90.00
#
_symmetry.space_group_name_H-M   'P 1'
#
loop_
_entity.id
_entity.type
_entity.pdbx_description
1 polymer 'Retinal-specific phospholipid-transporting ATPase ABCA4'
2 branched beta-D-mannopyranose-(1-3)-[beta-D-mannopyranose-(1-6)]beta-D-mannopyranose-(1-4)-2-acetamido-2-deoxy-beta-D-glucopyranose-(1-4)-2-acetamido-2-deoxy-beta-D-glucopyranose
3 non-polymer 2-acetamido-2-deoxy-beta-D-glucopyranose
4 non-polymer 1,2-Distearoyl-sn-glycerophosphoethanolamine
#
_entity_poly.entity_id   1
_entity_poly.type   'polypeptide(L)'
_entity_poly.pdbx_seq_one_letter_code
;MADYKDDDDKSGPDEVDASGRMGFVRQIQLLLWKNWTLRKRQKIRFVVELVWPLSLFLVLIWLRNANPLYSHHECHFPNK
AMPSAGMLPWLQGIFCNVNNPCFQSPTPGESPGIVSNYNNSILARVYRDFQELLMNAPESQHLGRIWTELHILSQFMDTL
RTHPERIAGRGIRIRDILKDEETLTLFLIKNIGLSDSVVYLLINSQVRPEQFAHGVPDLALKDIACSEALLERFIIFSQR
RGAKTVRYALCSLSQGTLQWIEDTLYANVDFFKLFRVLPTLLDSRSQGINLRSWGGILSDMSPRIQEFIHRPSMQDLLWV
TRPLMQNGGPETFTKLMGILSDLLCGYPEGGGSRVLSFNWYEDNNYKAFLGIDSTRKDPIYSYDRRTTSFCNALIQSLES
NPLTKIAWRAAKPLLMGKILYTPDSPAARRILKNANSTFEELEHVRKLVKAWEEVGPQIWYFFDNSTQMNMIRDTLGNPT
VKDFLNRQLGEEGITAEAILNFLYKGPRESQADDMANFDWRDIFNITDRTLRLVNQYLECLVLDKFESYNDETQLTQRAL
SLLEENMFWAGVVFPDMYPWTSSLPPHVKYKIRMDIDVVEKTNKIKDRYWDSGPRADPVEDFRYIWGGFAYLQDMVEQGI
TRSQVQAEAPVGIYLQQMPYPCFVDDSFMIILNRCFPIFMVLAWIYSVSMTVKSIVLEKELRLKETLKNQGVSNAVIWCT
WFLDSFSIMSMSIFLLTIFIMHGRILHYSDPFILFLFLLAFSTATIMLCFLLSTFFSKASLAAACSGVIYFTLYLPHILC
FAWQDRMTAELKKAVSLLSPVAFGFGTEYLVRFEEQGLGLQWSNIGNSPTEGDEFSFLLSMQMMLLDAAVYGLLAWYLDQ
VFPGDYGTPLPWYFLLQESYWLGGEGCSTREERALEKTEPLTEETEDPEHPEGIHDSFFEREHPGWVPGVCVKNLVKIFE
PCGRPAVDRLNITFYENQITAFLGHNGAGKTTTLSILTGLLPPTSGTVLVGGRDIETSLDAVRQSLGMCPQHNILFHHLT
VAEHMLFYAQLKGKSQEEAQLEMEAMLEDTGLHHKRNEEAQDLSGGMQRKLSVAIAFVGDAKVVILDEPTSGVDPYSRRS
IWDLLLKYRSGRTIIMSTHHMDEADLLGDRIAIIAQGRLYCSGTPLFLKNCFGTGLYLTLVRKMKNIQSQRKGSEGTCSC
SSKGFSTTCPAHVDDLTPEQVLDGDVNELMDVVLHHVPEAKLVECIGQELIFLLPNKNFKHRAYASLFRELEETLADLGL
SSFGISDTPLEEIFLKVTEDSDSGPLFAGGAQQKRENVNPRHPCLGPREKAGQTPQDSNVCSPGAPAAHPEGQPPPEPEC
PGPQLNTGTQLVLQHVQALLVKRFQHTIRSHKDFLAQIVLPATFVFLALMLSIVIPPFGEYPALTLHPWIYGQQYTFFSM
DEPGSEQFTVLADVLLNKPGFGNRCLKEGWLPEYPCGNSTPWKTPSVSPNITQLFQKQKWTQVNPSPSCRCSTREKLTML
PECPEGAGGLPPPQRTQRSTEILQDLTDRNISDFLVKTYPALIRSSLKSKFWVNEQRYGGISIGGKLPVVPITGEALVGF
LSDLGRIMNVSGGPITREASKEIPDFLKHLETEDNIKVWFNNKGWHALVSFLNVAHNAILRASLPKDRSPEEYGITVISQ
PLNLTKEQLSEITVLTTSVDAVVAICVIFSMSFVPASFVLYLIQERVNKSKHLQFISGVSPTTYWVTNFLWDIMNYSVSA
GLVVGIFIGFQKKAYTSPENLPALVALLLLYGWAVIPMMYPASFLFDVPSTAYVALSCANLFIGINSSAITFILELFENN
RTLLRFNAVLRKLLIVFPHFCLGRGLIDLALSQAVTDVYARFGEEHSANPFHWDLIGKNLFAMVVEGVVYFLLTLLVQRH
FFLSQWIAEPTKEPIVDEDDDVAEERQRIITGGNKTDILRLHELTKIYPGTSSPAVDRLCVGVRPGECFGLLGVNGAGKT
TTFKMLTGDTTVTSGDATVAGKSILTNISEVHQNMGYCPQFDAIDELLTGREHLYLYARLRGVPAEEIEKVANWSIKSLG
LTVYADCLAGTYSGGNKRKLSTAIALIGCPPLVLLDEPTTGMDPQARRMLWNVIVSIIREGRAVVLTSHSMEECEALCTR
LAIMVKGAFRCMGTIQHLKSKFGDGYIVTMKIKSPKDDLLPDLNPVEQFFQGNFPGSVQRERHYNMLQFQVSSSSLARIF
QLLLSHKDSLLIEEYSVTQTTLDQVFVNFAKQQTESHDLPLHPRAAGASRQAQDLEGSDEVDAVEGSHHHHHHHHHH
;
_entity_poly.pdbx_strand_id   A
#
loop_
_chem_comp.id
_chem_comp.type
_chem_comp.name
_chem_comp.formula
3PE non-polymer 1,2-Distearoyl-sn-glycerophosphoethanolamine 'C41 H82 N O8 P'
BMA D-saccharide, beta linking beta-D-mannopyranose 'C6 H12 O6'
NAG D-saccharide, beta linking 2-acetamido-2-deoxy-beta-D-glucopyranose 'C8 H15 N O6'
#
# COMPACT_ATOMS: atom_id res chain seq x y z
N MET A 22 -36.45 29.83 27.68
CA MET A 22 -35.98 28.79 26.78
C MET A 22 -34.68 28.20 27.31
N GLY A 23 -33.76 27.90 26.40
CA GLY A 23 -32.48 27.34 26.80
C GLY A 23 -31.53 27.31 25.63
N PHE A 24 -30.25 27.22 25.96
CA PHE A 24 -29.19 27.06 24.98
C PHE A 24 -28.22 26.01 25.46
N VAL A 25 -28.11 25.87 26.79
CA VAL A 25 -27.26 24.85 27.38
C VAL A 25 -28.06 23.71 27.94
N ARG A 26 -29.39 23.78 27.84
CA ARG A 26 -30.25 22.66 28.19
C ARG A 26 -30.52 21.78 26.98
N GLN A 27 -30.68 22.41 25.81
CA GLN A 27 -30.75 21.63 24.58
C GLN A 27 -29.51 20.80 24.39
N ILE A 28 -28.35 21.35 24.72
CA ILE A 28 -27.11 20.62 24.53
C ILE A 28 -27.04 19.41 25.46
N GLN A 29 -27.45 19.56 26.71
CA GLN A 29 -27.51 18.41 27.60
C GLN A 29 -28.44 17.35 27.02
N LEU A 30 -29.60 17.76 26.52
CA LEU A 30 -30.57 16.82 26.00
C LEU A 30 -30.02 16.05 24.80
N LEU A 31 -29.47 16.78 23.82
CA LEU A 31 -28.96 16.14 22.61
C LEU A 31 -27.77 15.24 22.90
N LEU A 32 -26.87 15.68 23.80
CA LEU A 32 -25.79 14.81 24.23
C LEU A 32 -26.33 13.53 24.85
N TRP A 33 -27.38 13.62 25.65
CA TRP A 33 -27.96 12.43 26.24
C TRP A 33 -28.47 11.49 25.15
N LYS A 34 -29.19 12.00 24.16
CA LYS A 34 -29.74 11.09 23.16
C LYS A 34 -28.65 10.47 22.31
N ASN A 35 -27.63 11.24 21.92
CA ASN A 35 -26.57 10.69 21.09
C ASN A 35 -25.74 9.67 21.85
N TRP A 36 -25.45 9.94 23.12
CA TRP A 36 -24.74 8.97 23.94
C TRP A 36 -25.55 7.69 24.09
N THR A 37 -26.87 7.82 24.23
CA THR A 37 -27.70 6.63 24.34
C THR A 37 -27.80 5.87 23.03
N LEU A 38 -27.83 6.57 21.89
CA LEU A 38 -27.85 5.88 20.61
C LEU A 38 -26.57 5.12 20.37
N ARG A 39 -25.42 5.71 20.72
CA ARG A 39 -24.15 5.02 20.49
C ARG A 39 -23.85 4.03 21.60
N LYS A 40 -24.86 3.25 21.97
CA LYS A 40 -24.67 2.12 22.87
C LYS A 40 -25.38 0.88 22.40
N ARG A 41 -26.43 1.01 21.59
CA ARG A 41 -27.14 -0.15 21.07
C ARG A 41 -26.48 -0.72 19.83
N GLN A 42 -25.33 -0.17 19.44
CA GLN A 42 -24.63 -0.62 18.24
C GLN A 42 -23.58 -1.67 18.59
N LYS A 43 -22.66 -1.36 19.49
CA LYS A 43 -21.83 -2.37 20.16
C LYS A 43 -21.02 -3.25 19.23
N ILE A 44 -21.11 -3.02 17.93
CA ILE A 44 -20.19 -3.63 16.98
C ILE A 44 -19.45 -2.59 16.15
N ARG A 45 -20.00 -1.39 16.01
CA ARG A 45 -19.20 -0.24 15.60
C ARG A 45 -18.34 0.26 16.75
N PHE A 46 -18.86 0.22 17.97
CA PHE A 46 -18.11 0.71 19.12
C PHE A 46 -16.83 -0.09 19.35
N VAL A 47 -16.92 -1.41 19.26
CA VAL A 47 -15.74 -2.25 19.52
C VAL A 47 -14.70 -2.07 18.42
N VAL A 48 -15.15 -2.07 17.17
CA VAL A 48 -14.21 -1.90 16.06
C VAL A 48 -13.51 -0.56 16.16
N GLU A 49 -14.23 0.50 16.50
CA GLU A 49 -13.64 1.84 16.51
C GLU A 49 -12.59 2.01 17.59
N LEU A 50 -12.45 1.08 18.53
CA LEU A 50 -11.38 1.13 19.51
C LEU A 50 -10.39 -0.02 19.38
N VAL A 51 -10.67 -1.01 18.56
CA VAL A 51 -9.74 -2.11 18.37
C VAL A 51 -8.97 -2.04 17.05
N TRP A 52 -9.58 -1.60 15.97
CA TRP A 52 -8.90 -1.64 14.68
C TRP A 52 -7.59 -0.86 14.65
N PRO A 53 -7.48 0.37 15.17
CA PRO A 53 -6.18 1.04 15.17
C PRO A 53 -5.09 0.27 15.89
N LEU A 54 -5.39 -0.36 17.02
CA LEU A 54 -4.38 -1.12 17.75
C LEU A 54 -3.93 -2.35 16.97
N SER A 55 -4.85 -3.03 16.31
CA SER A 55 -4.48 -4.13 15.43
C SER A 55 -3.68 -3.65 14.24
N LEU A 56 -3.76 -2.37 13.91
CA LEU A 56 -2.91 -1.81 12.87
C LEU A 56 -1.55 -1.37 13.36
N PHE A 57 -1.42 -1.05 14.65
CA PHE A 57 -0.14 -0.61 15.20
C PHE A 57 0.62 -1.71 15.90
N LEU A 58 0.08 -2.91 16.02
CA LEU A 58 0.92 -4.02 16.50
C LEU A 58 1.97 -4.43 15.48
N VAL A 59 1.64 -4.36 14.19
CA VAL A 59 2.63 -4.71 13.19
C VAL A 59 3.79 -3.74 13.23
N LEU A 60 3.54 -2.50 13.62
CA LEU A 60 4.59 -1.51 13.69
C LEU A 60 5.45 -1.68 14.93
N ILE A 61 5.10 -2.61 15.82
CA ILE A 61 5.96 -3.02 16.91
C ILE A 61 6.74 -4.28 16.58
N TRP A 62 6.09 -5.22 15.90
CA TRP A 62 6.86 -6.34 15.35
C TRP A 62 7.95 -5.85 14.40
N LEU A 63 7.69 -4.78 13.66
CA LEU A 63 8.71 -4.22 12.78
C LEU A 63 9.80 -3.48 13.54
N ARG A 64 9.50 -2.92 14.70
CA ARG A 64 10.55 -2.40 15.56
C ARG A 64 11.47 -3.51 16.05
N ASN A 65 10.90 -4.64 16.45
CA ASN A 65 11.75 -5.69 16.98
C ASN A 65 12.42 -6.53 15.91
N ALA A 66 11.95 -6.46 14.66
CA ALA A 66 12.60 -7.16 13.57
C ALA A 66 13.68 -6.34 12.88
N ASN A 67 13.91 -5.11 13.33
CA ASN A 67 14.91 -4.21 12.74
C ASN A 67 15.76 -3.68 13.86
N PRO A 68 16.80 -4.39 14.24
CA PRO A 68 17.62 -3.94 15.37
C PRO A 68 18.54 -2.79 15.00
N LEU A 69 19.41 -2.43 15.93
CA LEU A 69 20.20 -1.21 15.88
C LEU A 69 21.68 -1.54 15.82
N TYR A 70 22.40 -0.84 14.94
CA TYR A 70 23.82 -1.09 14.71
C TYR A 70 24.62 0.14 15.09
N SER A 71 25.58 -0.03 15.99
CA SER A 71 26.48 1.04 16.39
C SER A 71 27.92 0.58 16.20
N HIS A 72 28.85 1.52 16.30
CA HIS A 72 30.24 1.18 16.12
C HIS A 72 31.06 2.31 16.73
N HIS A 73 32.33 2.04 16.97
CA HIS A 73 33.19 3.06 17.56
C HIS A 73 33.86 3.84 16.42
N GLU A 74 34.92 4.57 16.73
CA GLU A 74 35.64 5.29 15.69
C GLU A 74 36.38 4.32 14.77
N CYS A 75 36.73 4.82 13.60
CA CYS A 75 37.52 4.05 12.64
C CYS A 75 38.66 4.89 12.09
N HIS A 76 39.87 4.37 12.27
CA HIS A 76 41.06 4.84 11.59
C HIS A 76 41.61 3.69 10.77
N PHE A 77 41.84 3.92 9.47
CA PHE A 77 42.16 2.83 8.56
C PHE A 77 43.60 2.90 8.06
N PRO A 78 44.25 1.78 7.81
CA PRO A 78 45.60 1.81 7.24
C PRO A 78 45.61 2.25 5.78
N ASN A 79 46.77 2.41 5.18
CA ASN A 79 46.83 2.90 3.82
C ASN A 79 47.27 1.81 2.86
N LYS A 80 47.04 2.06 1.58
CA LYS A 80 47.31 1.11 0.52
C LYS A 80 48.33 1.70 -0.42
N ALA A 81 49.41 0.95 -0.69
CA ALA A 81 50.44 1.42 -1.59
C ALA A 81 50.12 1.00 -3.01
N MET A 82 50.24 1.92 -3.94
CA MET A 82 50.09 1.63 -5.34
C MET A 82 51.40 1.10 -5.91
N PRO A 83 51.36 0.42 -7.05
CA PRO A 83 52.58 -0.17 -7.60
C PRO A 83 53.73 0.79 -7.70
N SER A 84 53.47 2.08 -7.85
CA SER A 84 54.52 3.05 -8.02
C SER A 84 55.33 3.27 -6.76
N ALA A 85 54.89 2.72 -5.64
CA ALA A 85 55.58 2.85 -4.37
C ALA A 85 56.51 1.69 -4.10
N GLY A 86 57.05 1.06 -5.13
CA GLY A 86 57.86 -0.13 -4.96
C GLY A 86 57.06 -1.38 -5.19
N MET A 87 57.72 -2.51 -5.00
CA MET A 87 57.04 -3.79 -5.09
C MET A 87 56.86 -4.45 -3.75
N LEU A 88 57.79 -4.28 -2.85
CA LEU A 88 57.67 -4.90 -1.56
C LEU A 88 56.55 -4.26 -0.75
N PRO A 89 56.49 -2.92 -0.61
CA PRO A 89 55.32 -2.33 0.02
C PRO A 89 54.01 -2.61 -0.70
N TRP A 90 54.01 -2.69 -2.03
CA TRP A 90 52.79 -3.02 -2.74
C TRP A 90 52.24 -4.38 -2.31
N LEU A 91 53.08 -5.42 -2.41
CA LEU A 91 52.59 -6.76 -2.09
C LEU A 91 52.30 -6.90 -0.60
N GLN A 92 53.09 -6.27 0.25
CA GLN A 92 52.83 -6.35 1.68
C GLN A 92 51.51 -5.69 2.02
N GLY A 93 51.16 -4.60 1.35
CA GLY A 93 49.87 -3.99 1.58
C GLY A 93 48.71 -4.76 1.02
N ILE A 94 48.92 -5.49 -0.07
CA ILE A 94 47.86 -6.38 -0.55
C ILE A 94 47.57 -7.44 0.49
N PHE A 95 48.62 -8.05 1.05
CA PHE A 95 48.39 -9.16 1.96
C PHE A 95 47.91 -8.70 3.33
N CYS A 96 48.42 -7.59 3.85
CA CYS A 96 48.07 -7.19 5.21
C CYS A 96 46.68 -6.59 5.32
N ASN A 97 46.22 -5.85 4.31
CA ASN A 97 44.98 -5.10 4.40
C ASN A 97 43.85 -5.76 3.62
N VAL A 98 43.79 -7.09 3.60
CA VAL A 98 42.79 -7.74 2.76
C VAL A 98 41.39 -7.44 3.28
N ASN A 99 41.22 -7.35 4.59
CA ASN A 99 39.92 -7.14 5.21
C ASN A 99 39.67 -5.70 5.60
N ASN A 100 40.59 -4.80 5.34
CA ASN A 100 40.41 -3.37 5.60
C ASN A 100 39.97 -3.11 7.03
N PRO A 101 40.84 -3.28 8.02
CA PRO A 101 40.40 -3.18 9.41
C PRO A 101 40.22 -1.75 9.94
N CYS A 102 39.32 -1.62 10.89
CA CYS A 102 39.02 -0.39 11.62
C CYS A 102 39.66 -0.46 13.00
N PHE A 103 40.33 0.62 13.40
CA PHE A 103 41.30 0.54 14.49
C PHE A 103 41.07 1.39 15.72
N GLN A 104 40.08 2.28 15.73
CA GLN A 104 39.69 2.94 16.98
C GLN A 104 40.71 3.93 17.51
N SER A 105 41.93 3.90 17.00
CA SER A 105 43.00 4.74 17.53
C SER A 105 44.05 5.00 16.46
N PRO A 106 44.46 6.24 16.25
CA PRO A 106 45.08 6.62 14.98
C PRO A 106 46.26 5.75 14.63
N THR A 107 46.32 5.35 13.36
CA THR A 107 47.37 4.50 12.86
C THR A 107 48.68 5.27 12.82
N PRO A 108 49.81 4.57 12.76
CA PRO A 108 51.10 5.27 12.66
C PRO A 108 51.41 5.83 11.29
N GLY A 109 50.59 5.57 10.29
CA GLY A 109 50.89 6.04 8.96
C GLY A 109 50.23 7.34 8.61
N GLU A 110 49.24 7.76 9.40
CA GLU A 110 48.61 9.05 9.22
C GLU A 110 49.17 10.09 10.17
N SER A 111 50.49 10.15 10.21
CA SER A 111 51.29 11.16 10.87
C SER A 111 51.93 12.06 9.83
N PRO A 112 52.45 13.21 10.23
CA PRO A 112 52.99 14.14 9.24
C PRO A 112 54.19 13.62 8.44
N GLY A 113 55.04 12.78 8.99
CA GLY A 113 56.23 12.43 8.24
C GLY A 113 56.42 10.96 7.98
N ILE A 114 55.51 10.16 8.46
CA ILE A 114 55.62 8.71 8.44
C ILE A 114 54.71 8.18 7.35
N VAL A 115 55.15 7.09 6.71
CA VAL A 115 54.29 6.38 5.79
C VAL A 115 54.31 4.88 6.01
N SER A 116 55.30 4.35 6.74
CA SER A 116 55.60 2.91 6.74
C SER A 116 54.46 2.08 7.24
N ASN A 117 54.20 2.16 8.55
CA ASN A 117 53.06 1.58 9.24
C ASN A 117 53.33 0.15 9.70
N TYR A 118 54.59 -0.30 9.75
CA TYR A 118 54.86 -1.69 10.13
C TYR A 118 56.01 -1.85 11.13
N ASN A 119 56.20 -0.98 12.12
CA ASN A 119 56.82 -1.61 13.28
C ASN A 119 55.96 -2.69 13.89
N ASN A 120 56.52 -3.30 14.92
CA ASN A 120 55.92 -4.27 15.79
C ASN A 120 55.68 -5.59 15.11
N SER A 121 55.91 -5.69 13.81
CA SER A 121 56.06 -7.00 13.21
C SER A 121 57.28 -7.63 13.81
N ILE A 122 57.17 -8.87 14.27
CA ILE A 122 58.32 -9.46 14.96
C ILE A 122 59.51 -9.51 14.03
N LEU A 123 59.25 -9.57 12.72
CA LEU A 123 60.30 -9.65 11.72
C LEU A 123 60.97 -8.30 11.50
N ALA A 124 60.43 -7.22 12.04
CA ALA A 124 61.11 -5.93 12.04
C ALA A 124 61.82 -5.64 13.34
N ARG A 125 61.26 -6.12 14.45
CA ARG A 125 61.93 -5.98 15.73
C ARG A 125 63.18 -6.85 15.81
N VAL A 126 63.12 -8.05 15.25
CA VAL A 126 64.33 -8.89 15.14
C VAL A 126 65.41 -8.16 14.38
N TYR A 127 65.05 -7.56 13.25
CA TYR A 127 66.02 -6.84 12.45
C TYR A 127 66.59 -5.66 13.21
N ARG A 128 65.74 -4.93 13.94
CA ARG A 128 66.24 -3.79 14.70
C ARG A 128 67.22 -4.23 15.78
N ASP A 129 66.91 -5.30 16.50
CA ASP A 129 67.83 -5.79 17.53
C ASP A 129 69.14 -6.23 16.91
N PHE A 130 69.07 -7.09 15.89
CA PHE A 130 70.25 -7.49 15.15
C PHE A 130 71.12 -6.29 14.78
N GLN A 131 70.56 -5.36 14.01
CA GLN A 131 71.31 -4.20 13.58
C GLN A 131 71.79 -3.34 14.73
N GLU A 132 71.16 -3.45 15.91
CA GLU A 132 71.57 -2.61 17.02
C GLU A 132 72.77 -3.18 17.77
N LEU A 133 72.74 -4.46 18.13
CA LEU A 133 73.79 -4.93 19.01
C LEU A 133 74.93 -5.63 18.27
N LEU A 134 74.65 -6.55 17.35
CA LEU A 134 75.75 -7.12 16.58
C LEU A 134 76.36 -6.05 15.69
N MET A 135 75.61 -5.60 14.70
CA MET A 135 76.16 -4.62 13.79
C MET A 135 76.33 -3.28 14.51
N ASN A 136 77.21 -2.45 13.96
CA ASN A 136 77.62 -1.20 14.59
C ASN A 136 78.20 -1.51 15.95
N ALA A 137 79.19 -2.41 15.95
CA ALA A 137 79.82 -2.92 17.17
C ALA A 137 81.11 -2.16 17.41
N PRO A 138 81.14 -1.19 18.33
CA PRO A 138 82.43 -0.61 18.71
C PRO A 138 83.38 -1.63 19.30
N GLU A 139 82.87 -2.70 19.91
CA GLU A 139 83.71 -3.68 20.57
C GLU A 139 84.64 -4.36 19.58
N SER A 140 84.10 -5.16 18.66
CA SER A 140 84.98 -5.80 17.70
C SER A 140 84.99 -5.10 16.34
N GLN A 141 83.86 -5.17 15.62
CA GLN A 141 83.78 -4.66 14.26
C GLN A 141 84.93 -5.16 13.40
N HIS A 142 85.62 -6.19 13.87
CA HIS A 142 86.91 -6.59 13.34
C HIS A 142 86.89 -7.97 12.68
N LEU A 143 85.71 -8.51 12.39
CA LEU A 143 85.64 -9.74 11.62
C LEU A 143 86.22 -9.53 10.22
N GLY A 144 86.35 -8.27 9.80
CA GLY A 144 86.95 -7.99 8.51
C GLY A 144 88.38 -8.50 8.41
N ARG A 145 89.15 -8.37 9.50
CA ARG A 145 90.51 -8.90 9.51
C ARG A 145 90.52 -10.41 9.38
N ILE A 146 89.63 -11.08 10.12
CA ILE A 146 89.57 -12.54 10.04
C ILE A 146 89.20 -12.97 8.63
N TRP A 147 88.21 -12.32 8.03
CA TRP A 147 87.80 -12.67 6.68
C TRP A 147 88.91 -12.40 5.67
N THR A 148 89.60 -11.26 5.80
CA THR A 148 90.68 -10.94 4.88
C THR A 148 91.79 -11.97 4.97
N GLU A 149 92.12 -12.40 6.19
CA GLU A 149 93.19 -13.39 6.36
C GLU A 149 92.76 -14.76 5.82
N LEU A 150 91.55 -15.20 6.20
CA LEU A 150 91.06 -16.50 5.78
C LEU A 150 90.82 -16.57 4.27
N HIS A 151 90.65 -15.43 3.61
CA HIS A 151 90.56 -15.41 2.16
C HIS A 151 91.92 -15.25 1.48
N ILE A 152 92.83 -14.47 2.07
CA ILE A 152 94.15 -14.31 1.48
C ILE A 152 94.95 -15.60 1.56
N LEU A 153 94.69 -16.43 2.57
CA LEU A 153 95.35 -17.73 2.60
C LEU A 153 94.72 -18.69 1.61
N SER A 154 93.44 -19.00 1.79
CA SER A 154 92.77 -19.99 0.95
C SER A 154 92.20 -19.36 -0.32
N GLN A 155 92.99 -18.54 -0.96
CA GLN A 155 92.83 -18.19 -2.36
C GLN A 155 94.16 -18.18 -3.10
N PHE A 156 95.24 -17.93 -2.39
CA PHE A 156 96.56 -17.76 -2.98
C PHE A 156 97.54 -18.85 -2.58
N MET A 157 97.59 -19.24 -1.30
CA MET A 157 98.54 -20.25 -0.88
C MET A 157 97.93 -21.64 -0.82
N ASP A 158 96.71 -21.77 -0.29
CA ASP A 158 96.10 -23.08 -0.12
C ASP A 158 95.89 -23.80 -1.45
N THR A 159 95.81 -23.07 -2.55
CA THR A 159 95.64 -23.70 -3.86
C THR A 159 96.98 -24.18 -4.40
N LEU A 160 97.90 -23.24 -4.69
CA LEU A 160 99.27 -23.54 -5.12
C LEU A 160 99.29 -24.54 -6.28
N ARG A 161 98.21 -24.56 -7.07
CA ARG A 161 98.06 -25.58 -8.09
C ARG A 161 99.05 -25.40 -9.24
N THR A 162 99.24 -24.16 -9.70
CA THR A 162 100.13 -23.89 -10.82
C THR A 162 101.23 -22.89 -10.51
N HIS A 163 101.05 -21.98 -9.57
CA HIS A 163 102.06 -20.97 -9.27
C HIS A 163 103.32 -21.64 -8.74
N PRO A 164 104.50 -21.11 -9.09
CA PRO A 164 105.75 -21.73 -8.63
C PRO A 164 106.18 -21.23 -7.27
N GLU A 165 106.89 -22.05 -6.51
CA GLU A 165 107.29 -21.71 -5.15
C GLU A 165 108.68 -22.25 -4.87
N ARG A 166 109.03 -22.25 -3.59
CA ARG A 166 110.33 -22.72 -3.14
C ARG A 166 110.37 -24.25 -3.09
N ILE A 167 111.36 -24.77 -2.37
CA ILE A 167 111.51 -26.21 -2.20
C ILE A 167 110.25 -26.79 -1.58
N ALA A 168 109.80 -26.21 -0.47
CA ALA A 168 108.59 -26.68 0.20
C ALA A 168 107.39 -25.92 -0.38
N GLY A 169 106.99 -26.34 -1.57
CA GLY A 169 105.83 -25.73 -2.20
C GLY A 169 105.25 -26.54 -3.34
N ARG A 170 103.96 -26.82 -3.25
CA ARG A 170 103.19 -27.51 -4.28
C ARG A 170 101.73 -27.38 -3.89
N GLY A 171 100.85 -27.98 -4.70
CA GLY A 171 99.43 -27.84 -4.44
C GLY A 171 99.00 -28.49 -3.15
N ILE A 172 99.36 -29.75 -2.96
CA ILE A 172 98.84 -30.56 -1.86
C ILE A 172 99.92 -30.90 -0.85
N ARG A 173 100.95 -31.63 -1.27
CA ARG A 173 101.95 -32.16 -0.33
C ARG A 173 103.33 -32.03 -0.95
N ILE A 174 104.16 -31.18 -0.36
CA ILE A 174 105.55 -31.01 -0.78
C ILE A 174 106.41 -30.83 0.47
N ARG A 175 107.59 -31.45 0.46
CA ARG A 175 108.53 -31.36 1.56
C ARG A 175 109.58 -30.29 1.27
N ASP A 176 110.43 -30.04 2.27
CA ASP A 176 111.44 -29.00 2.16
C ASP A 176 112.84 -29.58 1.99
N ILE A 177 113.04 -30.81 2.44
CA ILE A 177 114.36 -31.44 2.51
C ILE A 177 115.08 -31.35 1.18
N LEU A 178 116.27 -30.73 1.17
CA LEU A 178 117.10 -30.63 -0.01
C LEU A 178 118.48 -30.11 0.40
N LYS A 179 119.38 -30.04 -0.58
CA LYS A 179 120.70 -29.42 -0.43
C LYS A 179 121.48 -30.02 0.74
N ASP A 180 121.82 -31.30 0.57
CA ASP A 180 122.63 -32.02 1.55
C ASP A 180 123.76 -32.75 0.84
N GLU A 181 124.94 -32.71 1.44
CA GLU A 181 126.11 -33.43 0.92
C GLU A 181 126.60 -34.50 1.89
N GLU A 182 126.08 -34.53 3.11
CA GLU A 182 126.44 -35.52 4.10
C GLU A 182 125.36 -36.59 4.19
N THR A 183 125.79 -37.84 4.26
CA THR A 183 124.88 -38.97 4.20
C THR A 183 124.02 -39.04 5.46
N LEU A 184 122.93 -39.80 5.37
CA LEU A 184 122.02 -39.97 6.48
C LEU A 184 121.93 -41.43 6.89
N LEU A 230 117.08 -42.79 17.20
CA LEU A 230 116.70 -41.52 17.83
C LEU A 230 115.97 -40.63 16.83
N LEU A 231 115.97 -41.04 15.56
CA LEU A 231 115.31 -40.24 14.52
C LEU A 231 113.81 -40.15 14.75
N GLU A 232 113.18 -41.28 15.11
CA GLU A 232 111.75 -41.26 15.40
C GLU A 232 111.45 -40.38 16.60
N ARG A 233 112.32 -40.40 17.62
CA ARG A 233 112.15 -39.51 18.75
C ARG A 233 112.21 -38.05 18.33
N PHE A 234 113.15 -37.71 17.44
CA PHE A 234 113.25 -36.34 16.95
C PHE A 234 112.02 -35.94 16.16
N ILE A 235 111.52 -36.84 15.30
CA ILE A 235 110.34 -36.53 14.49
C ILE A 235 109.12 -36.32 15.40
N ILE A 236 108.98 -37.16 16.41
CA ILE A 236 107.86 -37.01 17.36
C ILE A 236 108.01 -35.73 18.17
N PHE A 237 109.24 -35.37 18.53
CA PHE A 237 109.45 -34.12 19.26
C PHE A 237 109.13 -32.91 18.40
N SER A 238 109.36 -33.02 17.09
CA SER A 238 109.07 -31.90 16.19
C SER A 238 107.58 -31.60 16.13
N GLN A 239 106.77 -32.63 15.91
CA GLN A 239 105.34 -32.45 15.71
C GLN A 239 104.55 -33.43 16.58
N ARG A 240 103.40 -32.96 17.06
CA ARG A 240 102.49 -33.76 17.89
C ARG A 240 101.24 -34.05 17.07
N ARG A 241 101.26 -35.14 16.30
CA ARG A 241 100.14 -35.57 15.47
C ARG A 241 99.72 -34.46 14.49
N GLY A 242 100.70 -33.70 14.01
CA GLY A 242 100.41 -32.55 13.18
C GLY A 242 100.62 -32.77 11.71
N ALA A 243 99.76 -32.16 10.89
CA ALA A 243 99.84 -32.24 9.45
C ALA A 243 100.70 -31.09 8.91
N LYS A 244 100.74 -30.94 7.60
CA LYS A 244 101.42 -29.82 6.96
C LYS A 244 100.48 -28.66 6.65
N THR A 245 99.19 -28.81 6.96
CA THR A 245 98.21 -27.77 6.67
C THR A 245 98.40 -26.58 7.59
N SER A 252 109.21 -28.72 20.36
CA SER A 252 109.06 -28.24 18.99
C SER A 252 109.56 -26.81 18.86
N LEU A 253 109.15 -25.96 19.81
CA LEU A 253 109.57 -24.56 19.83
C LEU A 253 111.02 -24.39 20.26
N SER A 254 111.48 -25.18 21.24
CA SER A 254 112.86 -25.13 21.68
C SER A 254 113.45 -26.49 22.02
N GLN A 255 112.68 -27.58 21.93
CA GLN A 255 113.15 -28.87 22.41
C GLN A 255 114.36 -29.37 21.63
N GLY A 256 114.34 -29.22 20.31
CA GLY A 256 115.45 -29.64 19.47
C GLY A 256 116.60 -28.65 19.37
N THR A 257 116.48 -27.49 20.01
CA THR A 257 117.53 -26.49 19.96
C THR A 257 118.57 -26.71 21.06
N LEU A 258 118.13 -27.14 22.24
CA LEU A 258 119.05 -27.43 23.33
C LEU A 258 119.68 -28.82 23.22
N GLN A 259 119.15 -29.68 22.35
CA GLN A 259 119.73 -31.01 22.16
C GLN A 259 120.89 -31.01 21.17
N TRP A 260 121.15 -29.90 20.49
CA TRP A 260 122.23 -29.83 19.53
C TRP A 260 123.59 -29.69 20.23
N LEU A 265 127.60 -32.14 12.63
CA LEU A 265 127.49 -30.69 12.45
C LEU A 265 126.20 -30.34 11.73
N TYR A 266 125.10 -30.25 12.48
CA TYR A 266 123.79 -29.98 11.91
C TYR A 266 123.26 -28.60 12.21
N ALA A 267 123.75 -27.94 13.25
CA ALA A 267 123.29 -26.58 13.59
C ALA A 267 124.16 -25.53 12.93
N ASN A 268 124.39 -25.67 11.62
CA ASN A 268 125.12 -24.69 10.84
C ASN A 268 124.28 -24.07 9.74
N VAL A 269 123.66 -24.88 8.88
CA VAL A 269 122.79 -24.37 7.84
C VAL A 269 121.46 -25.13 7.86
N ASP A 270 121.49 -26.37 8.38
CA ASP A 270 120.29 -27.19 8.39
C ASP A 270 119.20 -26.59 9.27
N PHE A 271 119.55 -25.71 10.20
CA PHE A 271 118.58 -24.87 10.89
C PHE A 271 118.58 -23.47 10.27
N PHE A 272 118.36 -23.43 8.96
CA PHE A 272 118.44 -22.17 8.21
C PHE A 272 117.40 -21.17 8.71
N LYS A 273 116.19 -21.64 8.99
CA LYS A 273 115.16 -20.82 9.58
C LYS A 273 114.86 -21.35 10.98
N LEU A 274 114.91 -20.46 11.97
CA LEU A 274 114.50 -20.79 13.33
C LEU A 274 112.99 -20.83 13.49
N PHE A 275 112.26 -21.01 12.39
CA PHE A 275 110.80 -20.94 12.41
C PHE A 275 110.23 -22.12 13.18
N ARG A 276 110.25 -22.00 14.51
CA ARG A 276 109.83 -23.07 15.39
C ARG A 276 108.31 -23.09 15.46
N VAL A 277 107.78 -23.83 16.44
CA VAL A 277 106.36 -24.16 16.55
C VAL A 277 105.46 -22.92 16.54
N LEU A 278 106.06 -21.72 16.57
CA LEU A 278 105.31 -20.48 16.41
C LEU A 278 104.44 -20.55 15.17
N PRO A 279 103.19 -20.08 15.27
CA PRO A 279 102.17 -20.53 14.31
C PRO A 279 102.00 -19.66 13.08
N THR A 280 102.57 -18.45 13.04
CA THR A 280 102.33 -17.57 11.89
C THR A 280 103.64 -17.01 11.35
N LEU A 281 104.34 -17.83 10.56
CA LEU A 281 105.23 -17.31 9.53
C LEU A 281 105.37 -18.42 8.49
N LEU A 282 104.49 -18.41 7.50
CA LEU A 282 104.65 -19.30 6.35
C LEU A 282 104.45 -18.56 5.04
N ASP A 283 103.46 -17.67 5.01
CA ASP A 283 103.05 -17.03 3.77
C ASP A 283 103.67 -15.66 3.62
N SER A 284 105.01 -15.63 3.65
CA SER A 284 105.76 -14.41 3.40
C SER A 284 106.09 -14.24 1.93
N ARG A 285 105.07 -14.34 1.07
CA ARG A 285 105.27 -14.12 -0.34
C ARG A 285 105.54 -12.65 -0.63
N SER A 286 104.57 -11.78 -0.31
CA SER A 286 104.74 -10.34 -0.46
C SER A 286 104.74 -9.63 0.89
N GLN A 287 103.68 -9.78 1.67
CA GLN A 287 103.59 -9.14 2.99
C GLN A 287 102.37 -9.61 3.76
N GLY A 288 102.54 -9.96 5.03
CA GLY A 288 101.41 -10.22 5.92
C GLY A 288 101.67 -11.23 7.02
N ILE A 289 101.22 -10.93 8.24
CA ILE A 289 101.31 -11.84 9.37
C ILE A 289 100.28 -11.47 10.43
N ASN A 290 99.56 -12.47 10.94
CA ASN A 290 98.58 -12.28 12.01
C ASN A 290 98.21 -13.62 12.62
N LEU A 291 98.39 -13.76 13.93
CA LEU A 291 98.19 -15.05 14.60
C LEU A 291 97.05 -15.04 15.61
N ARG A 292 97.15 -14.24 16.65
CA ARG A 292 96.12 -14.23 17.69
C ARG A 292 95.18 -13.05 17.51
N SER A 293 95.15 -12.53 16.28
CA SER A 293 94.21 -11.49 15.89
C SER A 293 92.90 -12.11 15.43
N TRP A 294 92.66 -13.36 15.81
CA TRP A 294 91.40 -14.06 15.54
C TRP A 294 90.63 -14.32 16.82
N GLY A 295 91.24 -15.02 17.79
CA GLY A 295 90.57 -15.32 19.03
C GLY A 295 90.15 -14.11 19.83
N GLY A 296 90.93 -13.03 19.78
CA GLY A 296 90.60 -11.83 20.51
C GLY A 296 89.28 -11.21 20.12
N ILE A 297 88.79 -11.50 18.91
CA ILE A 297 87.48 -11.07 18.47
C ILE A 297 86.48 -12.23 18.48
N LEU A 298 86.96 -13.45 18.25
CA LEU A 298 86.07 -14.60 18.24
C LEU A 298 85.50 -14.88 19.62
N SER A 299 86.21 -14.52 20.68
CA SER A 299 85.65 -14.58 22.02
C SER A 299 85.00 -13.28 22.43
N ASP A 300 85.19 -12.21 21.66
CA ASP A 300 84.41 -10.99 21.85
C ASP A 300 82.96 -11.21 21.40
N MET A 301 82.78 -11.82 20.25
CA MET A 301 81.46 -11.94 19.64
C MET A 301 80.55 -12.97 20.29
N SER A 302 81.01 -13.73 21.27
CA SER A 302 80.11 -14.74 21.82
C SER A 302 78.99 -14.14 22.67
N PRO A 303 79.30 -13.46 23.78
CA PRO A 303 78.22 -13.10 24.72
C PRO A 303 77.15 -12.24 24.10
N ARG A 304 77.51 -11.34 23.18
CA ARG A 304 76.50 -10.53 22.52
C ARG A 304 75.56 -11.39 21.69
N ILE A 305 76.10 -12.39 21.00
CA ILE A 305 75.24 -13.29 20.22
C ILE A 305 74.30 -14.04 21.16
N GLN A 306 74.82 -14.55 22.27
CA GLN A 306 73.93 -15.25 23.20
C GLN A 306 72.83 -14.33 23.71
N GLU A 307 73.18 -13.09 24.07
CA GLU A 307 72.17 -12.15 24.54
C GLU A 307 71.14 -11.85 23.47
N PHE A 308 71.59 -11.65 22.23
CA PHE A 308 70.64 -11.45 21.13
C PHE A 308 69.66 -12.58 21.05
N ILE A 309 70.13 -13.82 21.24
CA ILE A 309 69.19 -14.94 21.29
C ILE A 309 68.32 -14.87 22.53
N HIS A 310 68.73 -14.14 23.56
CA HIS A 310 67.90 -14.00 24.76
C HIS A 310 67.01 -12.76 24.74
N ARG A 311 66.96 -12.03 23.64
CA ARG A 311 66.07 -10.88 23.55
C ARG A 311 64.62 -11.35 23.37
N PRO A 312 63.65 -10.54 23.80
CA PRO A 312 62.25 -10.93 23.63
C PRO A 312 61.82 -11.10 22.19
N SER A 313 62.45 -10.37 21.27
CA SER A 313 62.05 -10.44 19.85
C SER A 313 62.29 -11.83 19.28
N MET A 314 63.49 -12.37 19.48
CA MET A 314 63.79 -13.73 19.05
C MET A 314 63.00 -14.75 19.84
N GLN A 315 62.73 -14.46 21.11
CA GLN A 315 61.81 -15.30 21.87
C GLN A 315 60.49 -15.45 21.16
N ASP A 316 59.91 -14.32 20.73
CA ASP A 316 58.62 -14.31 20.06
C ASP A 316 58.70 -14.99 18.71
N LEU A 317 59.76 -14.75 17.95
CA LEU A 317 59.91 -15.42 16.67
C LEU A 317 59.90 -16.94 16.83
N LEU A 318 60.76 -17.44 17.72
CA LEU A 318 60.83 -18.89 17.93
C LEU A 318 59.52 -19.43 18.46
N TRP A 319 58.85 -18.67 19.34
CA TRP A 319 57.56 -19.11 19.84
C TRP A 319 56.54 -19.25 18.72
N VAL A 320 56.41 -18.23 17.89
CA VAL A 320 55.39 -18.24 16.86
C VAL A 320 55.66 -19.35 15.86
N THR A 321 56.92 -19.57 15.52
CA THR A 321 57.24 -20.55 14.49
C THR A 321 57.24 -21.99 15.03
N ARG A 322 56.87 -22.22 16.30
CA ARG A 322 56.78 -23.59 16.79
C ARG A 322 55.77 -24.42 16.02
N PRO A 323 54.52 -23.96 15.77
CA PRO A 323 53.69 -24.66 14.78
C PRO A 323 54.23 -24.39 13.39
N LEU A 324 53.49 -24.74 12.35
CA LEU A 324 53.84 -24.42 10.97
C LEU A 324 54.99 -25.27 10.46
N MET A 325 55.57 -26.13 11.30
CA MET A 325 56.55 -27.10 10.82
C MET A 325 56.40 -28.48 11.44
N GLN A 326 55.62 -28.65 12.51
CA GLN A 326 55.74 -29.85 13.34
C GLN A 326 55.02 -31.06 12.73
N ASN A 327 53.70 -31.00 12.63
CA ASN A 327 52.91 -32.11 12.10
C ASN A 327 51.58 -31.55 11.62
N GLY A 328 51.45 -31.34 10.32
CA GLY A 328 50.21 -30.85 9.73
C GLY A 328 49.73 -29.56 10.36
N GLY A 329 50.68 -28.76 10.86
CA GLY A 329 50.38 -27.55 11.57
C GLY A 329 49.41 -26.64 10.85
N PRO A 330 49.81 -26.15 9.68
CA PRO A 330 48.88 -25.33 8.90
C PRO A 330 47.80 -26.18 8.24
N GLU A 331 46.62 -26.23 8.86
CA GLU A 331 45.48 -26.93 8.28
C GLU A 331 44.24 -26.07 8.39
N THR A 332 44.21 -25.20 9.41
CA THR A 332 43.01 -24.45 9.73
C THR A 332 42.88 -23.14 8.97
N PHE A 333 43.93 -22.69 8.28
CA PHE A 333 43.89 -21.47 7.49
C PHE A 333 43.33 -20.29 8.27
N THR A 334 43.35 -20.40 9.58
CA THR A 334 43.29 -19.25 10.47
C THR A 334 44.45 -19.25 11.45
N LYS A 335 45.04 -20.41 11.73
CA LYS A 335 46.35 -20.42 12.36
C LYS A 335 47.42 -19.96 11.39
N LEU A 336 47.36 -20.38 10.13
CA LEU A 336 48.40 -19.99 9.19
C LEU A 336 48.37 -18.49 8.94
N MET A 337 47.19 -17.95 8.66
CA MET A 337 47.08 -16.52 8.44
C MET A 337 47.41 -15.74 9.70
N GLY A 338 47.05 -16.27 10.86
CA GLY A 338 47.45 -15.60 12.10
C GLY A 338 48.95 -15.52 12.26
N ILE A 339 49.64 -16.63 12.00
CA ILE A 339 51.10 -16.64 12.11
C ILE A 339 51.69 -15.62 11.15
N LEU A 340 51.26 -15.67 9.89
CA LEU A 340 51.82 -14.76 8.90
C LEU A 340 51.52 -13.32 9.26
N SER A 341 50.34 -13.05 9.80
CA SER A 341 49.98 -11.69 10.17
C SER A 341 50.86 -11.17 11.29
N ASP A 342 51.00 -11.93 12.38
CA ASP A 342 51.89 -11.46 13.45
C ASP A 342 53.33 -11.40 13.01
N LEU A 343 53.71 -12.10 11.95
CA LEU A 343 55.11 -12.10 11.54
C LEU A 343 55.43 -10.97 10.58
N LEU A 344 54.51 -10.61 9.68
CA LEU A 344 54.75 -9.62 8.63
C LEU A 344 54.05 -8.30 8.89
N CYS A 345 52.75 -8.34 9.12
CA CYS A 345 51.99 -7.19 9.61
C CYS A 345 52.44 -6.92 11.04
N GLY A 346 51.84 -5.93 11.68
CA GLY A 346 52.13 -5.80 13.09
C GLY A 346 50.94 -5.32 13.89
N TYR A 347 49.76 -5.46 13.32
CA TYR A 347 48.64 -4.63 13.72
C TYR A 347 48.21 -4.95 15.15
N PRO A 348 47.87 -3.94 15.94
CA PRO A 348 47.57 -4.14 17.35
C PRO A 348 46.12 -4.50 17.62
N GLU A 349 45.79 -4.63 18.91
CA GLU A 349 44.43 -4.80 19.40
C GLU A 349 43.64 -5.85 18.62
N GLY A 350 44.29 -6.96 18.31
CA GLY A 350 43.62 -8.08 17.71
C GLY A 350 43.63 -8.09 16.21
N GLY A 351 43.75 -6.92 15.59
CA GLY A 351 43.81 -6.85 14.14
C GLY A 351 42.90 -5.82 13.52
N GLY A 352 41.71 -5.62 14.06
CA GLY A 352 40.74 -4.72 13.50
C GLY A 352 39.38 -5.35 13.38
N SER A 353 38.42 -4.55 12.91
CA SER A 353 37.02 -4.84 13.18
C SER A 353 36.17 -5.20 11.96
N ARG A 354 36.47 -4.68 10.77
CA ARG A 354 35.69 -4.97 9.57
C ARG A 354 34.23 -4.51 9.69
N VAL A 355 34.07 -3.18 9.60
CA VAL A 355 32.75 -2.57 9.40
C VAL A 355 32.05 -3.23 8.20
N LEU A 356 30.73 -3.38 8.27
CA LEU A 356 29.93 -4.04 7.23
C LEU A 356 29.03 -3.03 6.52
N SER A 357 28.18 -3.52 5.61
CA SER A 357 27.49 -2.65 4.66
C SER A 357 25.98 -2.59 4.85
N PHE A 358 25.27 -3.70 4.68
CA PHE A 358 23.84 -3.80 5.00
C PHE A 358 22.93 -2.99 4.09
N ASN A 359 23.21 -2.82 2.80
CA ASN A 359 22.32 -2.03 1.95
C ASN A 359 21.56 -2.88 0.95
N TRP A 360 22.24 -3.51 0.01
CA TRP A 360 21.71 -4.37 -1.06
C TRP A 360 20.74 -3.67 -2.00
N TYR A 361 20.29 -2.44 -1.72
CA TYR A 361 19.32 -1.83 -2.62
C TYR A 361 19.87 -0.69 -3.42
N GLU A 362 21.02 -0.15 -3.04
CA GLU A 362 21.76 0.70 -3.94
C GLU A 362 22.45 -0.11 -5.02
N ASP A 363 22.49 -1.43 -4.88
CA ASP A 363 23.13 -2.31 -5.84
C ASP A 363 22.14 -3.14 -6.64
N ASN A 364 20.83 -2.97 -6.39
CA ASN A 364 19.79 -3.63 -7.18
C ASN A 364 19.90 -5.15 -7.13
N ASN A 365 20.33 -5.68 -6.00
CA ASN A 365 20.57 -7.12 -5.90
C ASN A 365 19.27 -7.91 -5.99
N TYR A 366 18.28 -7.54 -5.19
CA TYR A 366 16.95 -8.13 -5.06
C TYR A 366 17.03 -9.61 -4.76
N LYS A 367 18.24 -10.15 -4.62
CA LYS A 367 18.43 -11.52 -4.19
C LYS A 367 19.48 -11.60 -3.09
N ALA A 368 19.94 -10.45 -2.60
CA ALA A 368 20.76 -10.41 -1.40
C ALA A 368 19.92 -10.55 -0.15
N PHE A 369 18.68 -10.06 -0.15
CA PHE A 369 17.84 -10.23 1.02
C PHE A 369 16.89 -11.38 0.82
N LEU A 370 16.60 -11.73 -0.42
CA LEU A 370 15.60 -12.71 -0.76
C LEU A 370 16.10 -14.13 -0.54
N GLY A 371 17.39 -14.29 -0.25
CA GLY A 371 17.94 -15.58 0.08
C GLY A 371 18.51 -16.36 -1.08
N ILE A 372 18.30 -15.91 -2.31
CA ILE A 372 18.82 -16.63 -3.47
C ILE A 372 20.34 -16.57 -3.45
N ASP A 373 20.98 -17.58 -4.04
CA ASP A 373 22.41 -17.54 -4.24
C ASP A 373 22.72 -16.87 -5.57
N SER A 374 23.79 -16.08 -5.59
CA SER A 374 24.11 -15.20 -6.71
C SER A 374 25.55 -15.41 -7.13
N THR A 375 25.79 -16.41 -7.98
CA THR A 375 27.11 -16.65 -8.53
C THR A 375 26.99 -16.90 -10.02
N ARG A 376 28.00 -16.48 -10.76
CA ARG A 376 28.10 -16.81 -12.16
C ARG A 376 28.52 -18.26 -12.31
N LYS A 377 28.11 -18.89 -13.41
CA LYS A 377 28.52 -20.26 -13.66
C LYS A 377 30.03 -20.32 -13.85
N ASP A 378 30.64 -21.32 -13.24
CA ASP A 378 32.08 -21.47 -13.33
C ASP A 378 32.51 -21.82 -14.75
N PRO A 379 33.64 -21.29 -15.21
CA PRO A 379 33.95 -21.28 -16.63
C PRO A 379 34.44 -22.64 -17.13
N ILE A 380 34.80 -22.65 -18.42
CA ILE A 380 35.11 -23.88 -19.13
C ILE A 380 36.45 -24.42 -18.67
N TYR A 381 36.59 -25.74 -18.66
CA TYR A 381 37.82 -26.40 -18.25
C TYR A 381 38.45 -27.07 -19.46
N SER A 382 39.54 -26.52 -19.95
CA SER A 382 40.22 -27.07 -21.11
C SER A 382 41.72 -27.12 -20.82
N TYR A 383 42.32 -28.27 -21.14
CA TYR A 383 43.78 -28.38 -21.09
C TYR A 383 44.41 -27.35 -22.01
N ASP A 384 45.42 -26.65 -21.50
CA ASP A 384 46.01 -25.52 -22.20
C ASP A 384 47.27 -25.93 -22.95
N ARG A 385 47.66 -25.08 -23.88
CA ARG A 385 48.82 -25.30 -24.74
C ARG A 385 50.00 -24.51 -24.16
N ARG A 386 51.07 -25.23 -23.82
CA ARG A 386 52.30 -24.63 -23.30
C ARG A 386 52.04 -23.88 -21.99
N THR A 387 51.59 -24.60 -20.97
CA THR A 387 51.71 -24.09 -19.61
C THR A 387 52.56 -25.00 -18.72
N THR A 388 52.05 -26.17 -18.34
CA THR A 388 52.74 -27.16 -17.51
C THR A 388 51.75 -28.27 -17.20
N SER A 389 52.21 -29.40 -16.69
CA SER A 389 51.33 -30.40 -16.13
C SER A 389 50.95 -30.10 -14.68
N PHE A 390 51.62 -29.16 -14.05
CA PHE A 390 51.25 -28.69 -12.72
C PHE A 390 50.32 -27.50 -12.79
N CYS A 391 50.58 -26.59 -13.73
CA CYS A 391 49.77 -25.41 -13.98
C CYS A 391 48.52 -25.72 -14.80
N ASN A 392 48.17 -26.99 -14.95
CA ASN A 392 46.83 -27.40 -15.37
C ASN A 392 46.11 -28.22 -14.32
N ALA A 393 46.84 -28.91 -13.45
CA ALA A 393 46.18 -29.61 -12.36
C ALA A 393 45.73 -28.65 -11.28
N LEU A 394 46.52 -27.60 -11.02
CA LEU A 394 46.15 -26.67 -9.97
C LEU A 394 44.93 -25.86 -10.36
N ILE A 395 44.87 -25.38 -11.60
CA ILE A 395 43.78 -24.53 -12.06
C ILE A 395 42.45 -25.23 -11.92
N GLN A 396 42.45 -26.56 -11.87
CA GLN A 396 41.25 -27.37 -11.74
C GLN A 396 40.97 -27.78 -10.30
N SER A 397 41.96 -28.36 -9.63
CA SER A 397 41.77 -28.75 -8.24
C SER A 397 41.44 -27.57 -7.36
N LEU A 398 41.78 -26.36 -7.78
CA LEU A 398 41.52 -25.19 -6.98
C LEU A 398 40.27 -24.44 -7.40
N GLU A 399 39.76 -24.75 -8.59
CA GLU A 399 38.56 -24.12 -9.10
C GLU A 399 37.30 -24.93 -8.85
N SER A 400 37.34 -26.25 -9.09
CA SER A 400 36.19 -27.10 -8.83
C SER A 400 36.34 -27.73 -7.45
N ASN A 401 36.11 -26.91 -6.45
CA ASN A 401 36.22 -27.28 -5.05
C ASN A 401 35.35 -26.34 -4.25
N PRO A 402 34.10 -26.68 -3.98
CA PRO A 402 33.14 -25.67 -3.54
C PRO A 402 33.40 -25.19 -2.13
N LEU A 403 34.66 -24.95 -1.83
CA LEU A 403 35.07 -24.31 -0.59
C LEU A 403 35.90 -23.07 -0.85
N THR A 404 36.77 -23.09 -1.87
CA THR A 404 37.47 -21.88 -2.23
C THR A 404 36.75 -21.15 -3.34
N LYS A 405 36.92 -21.61 -4.57
CA LYS A 405 36.00 -21.43 -5.70
C LYS A 405 35.55 -19.99 -5.95
N ILE A 406 35.87 -19.07 -5.04
CA ILE A 406 35.35 -17.70 -5.10
C ILE A 406 36.53 -16.74 -4.96
N ALA A 407 37.34 -16.96 -3.93
CA ALA A 407 38.61 -16.27 -3.85
C ALA A 407 39.40 -16.50 -5.12
N TRP A 408 39.43 -17.73 -5.61
CA TRP A 408 40.12 -18.01 -6.86
C TRP A 408 39.47 -17.26 -8.01
N ARG A 409 38.15 -17.21 -8.02
CA ARG A 409 37.42 -16.49 -9.06
C ARG A 409 37.84 -15.03 -9.12
N ALA A 410 38.09 -14.43 -7.96
CA ALA A 410 38.49 -13.04 -7.88
C ALA A 410 39.96 -12.81 -8.17
N ALA A 411 40.83 -13.75 -7.82
CA ALA A 411 42.27 -13.55 -7.94
C ALA A 411 42.83 -14.00 -9.28
N LYS A 412 42.14 -14.88 -10.00
CA LYS A 412 42.69 -15.42 -11.23
C LYS A 412 42.99 -14.40 -12.31
N PRO A 413 42.12 -13.43 -12.62
CA PRO A 413 42.42 -12.53 -13.74
C PRO A 413 43.57 -11.58 -13.49
N LEU A 414 44.04 -11.48 -12.25
CA LEU A 414 45.19 -10.63 -11.97
C LEU A 414 46.48 -11.36 -12.27
N LEU A 415 46.61 -12.59 -11.78
CA LEU A 415 47.86 -13.31 -11.90
C LEU A 415 47.90 -14.30 -13.06
N MET A 416 46.84 -14.43 -13.85
CA MET A 416 46.96 -15.03 -15.17
C MET A 416 46.19 -14.29 -16.24
N GLY A 417 45.73 -13.09 -15.98
CA GLY A 417 44.94 -12.36 -16.95
C GLY A 417 45.74 -11.88 -18.13
N LYS A 418 45.33 -10.77 -18.71
CA LYS A 418 45.81 -10.44 -20.04
C LYS A 418 45.32 -9.02 -20.34
N ILE A 419 46.13 -8.23 -21.02
CA ILE A 419 45.83 -6.82 -21.23
C ILE A 419 45.99 -6.51 -22.70
N LEU A 420 45.08 -5.72 -23.26
CA LEU A 420 44.93 -5.54 -24.69
C LEU A 420 44.96 -4.05 -25.01
N TYR A 421 45.75 -3.63 -25.99
CA TYR A 421 46.09 -2.21 -26.08
C TYR A 421 45.86 -1.65 -27.49
N THR A 422 44.62 -1.63 -27.92
CA THR A 422 44.21 -1.43 -29.29
C THR A 422 45.11 -0.63 -30.23
N PRO A 423 45.40 0.64 -30.03
CA PRO A 423 45.95 1.39 -31.17
C PRO A 423 47.41 1.09 -31.44
N ASP A 424 47.73 -0.08 -32.00
CA ASP A 424 49.11 -0.53 -32.13
C ASP A 424 49.91 0.44 -32.98
N SER A 425 50.80 1.18 -32.33
CA SER A 425 51.58 2.23 -32.96
C SER A 425 52.91 2.34 -32.22
N PRO A 426 53.91 3.04 -32.74
CA PRO A 426 55.16 3.20 -31.98
C PRO A 426 54.98 3.86 -30.63
N ALA A 427 54.11 4.87 -30.53
CA ALA A 427 53.99 5.62 -29.29
C ALA A 427 53.32 4.78 -28.20
N ALA A 428 52.23 4.10 -28.52
CA ALA A 428 51.60 3.23 -27.53
C ALA A 428 52.53 2.12 -27.11
N ARG A 429 53.37 1.64 -28.04
CA ARG A 429 54.36 0.65 -27.67
C ARG A 429 55.38 1.22 -26.71
N ARG A 430 55.77 2.48 -26.88
CA ARG A 430 56.68 3.09 -25.92
C ARG A 430 56.03 3.24 -24.55
N ILE A 431 54.78 3.68 -24.50
CA ILE A 431 54.07 3.83 -23.24
C ILE A 431 53.97 2.50 -22.52
N LEU A 432 53.56 1.46 -23.24
CA LEU A 432 53.42 0.14 -22.66
C LEU A 432 54.76 -0.51 -22.38
N LYS A 433 55.83 -0.01 -22.99
CA LYS A 433 57.16 -0.44 -22.62
C LYS A 433 57.53 0.09 -21.25
N ASN A 434 57.28 1.38 -21.02
CA ASN A 434 57.63 1.99 -19.75
C ASN A 434 56.66 1.66 -18.63
N ALA A 435 55.46 1.20 -18.96
CA ALA A 435 54.45 0.82 -17.98
C ALA A 435 54.57 -0.60 -17.51
N ASN A 436 55.75 -1.20 -17.67
CA ASN A 436 55.95 -2.63 -17.53
C ASN A 436 56.93 -2.97 -16.42
N SER A 437 57.26 -2.02 -15.57
CA SER A 437 58.35 -2.22 -14.61
C SER A 437 57.98 -3.27 -13.57
N THR A 438 56.71 -3.34 -13.19
CA THR A 438 56.31 -4.22 -12.10
C THR A 438 56.51 -5.68 -12.48
N PHE A 439 56.09 -6.07 -13.67
CA PHE A 439 56.22 -7.46 -14.07
C PHE A 439 57.67 -7.84 -14.35
N GLU A 440 58.47 -6.88 -14.82
CA GLU A 440 59.90 -7.14 -14.94
C GLU A 440 60.54 -7.43 -13.59
N GLU A 441 60.26 -6.56 -12.61
CA GLU A 441 60.80 -6.78 -11.28
C GLU A 441 60.27 -8.04 -10.66
N LEU A 442 59.12 -8.51 -11.11
CA LEU A 442 58.55 -9.69 -10.52
C LEU A 442 59.02 -10.96 -11.21
N GLU A 443 59.62 -10.87 -12.40
CA GLU A 443 60.29 -12.05 -12.96
C GLU A 443 61.77 -12.09 -12.59
N HIS A 444 62.35 -10.94 -12.25
CA HIS A 444 63.70 -10.98 -11.68
C HIS A 444 63.77 -11.90 -10.49
N VAL A 445 62.64 -12.20 -9.85
CA VAL A 445 62.62 -13.12 -8.73
C VAL A 445 62.57 -14.56 -9.20
N ARG A 446 61.82 -14.84 -10.28
CA ARG A 446 61.79 -16.19 -10.79
C ARG A 446 63.16 -16.63 -11.29
N LYS A 447 63.91 -15.72 -11.92
CA LYS A 447 65.27 -16.08 -12.30
C LYS A 447 66.11 -16.43 -11.07
N LEU A 448 66.08 -15.58 -10.04
CA LEU A 448 66.85 -15.82 -8.84
C LEU A 448 66.48 -17.12 -8.16
N VAL A 449 65.24 -17.57 -8.29
CA VAL A 449 64.86 -18.84 -7.70
C VAL A 449 65.23 -20.02 -8.60
N LYS A 450 65.14 -19.85 -9.93
CA LYS A 450 65.61 -20.91 -10.81
C LYS A 450 67.10 -21.16 -10.65
N ALA A 451 67.86 -20.17 -10.22
CA ALA A 451 69.29 -20.40 -10.11
C ALA A 451 69.64 -21.47 -9.07
N TRP A 452 68.71 -21.83 -8.20
CA TRP A 452 69.01 -22.86 -7.22
C TRP A 452 69.14 -24.23 -7.86
N GLU A 453 68.41 -24.49 -8.93
CA GLU A 453 68.54 -25.77 -9.61
C GLU A 453 69.96 -26.03 -10.05
N GLU A 454 70.75 -24.98 -10.23
CA GLU A 454 72.13 -25.12 -10.61
C GLU A 454 73.07 -25.04 -9.42
N VAL A 455 72.86 -24.09 -8.52
CA VAL A 455 73.81 -23.98 -7.40
C VAL A 455 73.58 -25.04 -6.33
N GLY A 456 72.52 -25.83 -6.42
CA GLY A 456 72.26 -26.85 -5.43
C GLY A 456 73.24 -28.00 -5.46
N PRO A 457 73.37 -28.66 -6.62
CA PRO A 457 74.35 -29.75 -6.72
C PRO A 457 75.76 -29.32 -6.39
N GLN A 458 76.14 -28.09 -6.70
CA GLN A 458 77.50 -27.65 -6.40
C GLN A 458 77.72 -27.53 -4.90
N ILE A 459 76.74 -27.00 -4.16
CA ILE A 459 76.86 -27.00 -2.70
C ILE A 459 76.87 -28.42 -2.17
N TRP A 460 76.07 -29.29 -2.78
CA TRP A 460 76.09 -30.71 -2.39
C TRP A 460 77.49 -31.28 -2.50
N TYR A 461 78.11 -31.11 -3.66
CA TYR A 461 79.45 -31.59 -3.94
C TYR A 461 80.48 -31.01 -2.98
N PHE A 462 80.39 -29.70 -2.75
CA PHE A 462 81.32 -29.02 -1.85
C PHE A 462 81.16 -29.44 -0.41
N PHE A 463 79.97 -29.84 -0.01
CA PHE A 463 79.77 -30.27 1.37
C PHE A 463 79.82 -31.78 1.54
N ASP A 464 80.03 -32.53 0.46
CA ASP A 464 80.12 -33.98 0.53
C ASP A 464 81.51 -34.49 0.20
N ASN A 465 82.10 -34.04 -0.91
CA ASN A 465 83.43 -34.44 -1.35
C ASN A 465 84.16 -33.18 -1.80
N SER A 466 84.89 -32.56 -0.88
CA SER A 466 85.60 -31.33 -1.16
C SER A 466 87.01 -31.37 -0.60
N THR A 467 87.89 -30.61 -1.25
CA THR A 467 89.26 -30.42 -0.79
C THR A 467 89.38 -29.40 0.33
N GLN A 468 88.30 -28.70 0.65
CA GLN A 468 88.35 -27.67 1.67
C GLN A 468 87.41 -27.93 2.83
N MET A 469 86.52 -28.92 2.74
CA MET A 469 85.59 -29.20 3.83
C MET A 469 85.94 -30.49 4.54
N ASN A 470 85.87 -31.64 3.87
CA ASN A 470 86.25 -32.90 4.48
C ASN A 470 87.75 -33.11 4.48
N MET A 471 88.49 -32.20 3.85
CA MET A 471 89.95 -32.23 3.85
C MET A 471 90.55 -31.16 4.74
N ILE A 472 89.75 -30.40 5.48
CA ILE A 472 90.26 -29.38 6.37
C ILE A 472 89.52 -29.41 7.71
N ARG A 473 88.38 -30.09 7.75
CA ARG A 473 87.61 -30.17 8.99
C ARG A 473 87.13 -31.57 9.33
N ASP A 474 87.10 -32.49 8.36
CA ASP A 474 86.84 -33.89 8.65
C ASP A 474 88.11 -34.74 8.60
N THR A 475 88.97 -34.52 7.60
CA THR A 475 90.29 -35.13 7.62
C THR A 475 91.20 -34.49 8.65
N LEU A 476 90.88 -33.29 9.09
CA LEU A 476 91.58 -32.59 10.16
C LEU A 476 90.56 -32.23 11.23
N GLY A 477 91.02 -31.50 12.25
CA GLY A 477 90.15 -31.10 13.34
C GLY A 477 89.55 -32.29 14.08
N VAL A 481 96.02 -32.02 12.74
CA VAL A 481 96.45 -31.84 14.11
C VAL A 481 95.70 -32.75 15.05
N LYS A 482 94.53 -32.30 15.50
CA LYS A 482 93.66 -33.01 16.44
C LYS A 482 94.31 -33.19 17.81
N ASP A 483 95.53 -32.67 17.99
CA ASP A 483 96.19 -32.68 19.29
C ASP A 483 96.34 -31.27 19.84
N PHE A 484 96.97 -30.37 19.09
CA PHE A 484 96.87 -28.95 19.40
C PHE A 484 95.43 -28.48 19.21
N LEU A 485 94.74 -29.02 18.21
CA LEU A 485 93.31 -28.75 18.06
C LEU A 485 92.52 -29.26 19.26
N ASN A 486 92.88 -30.45 19.76
CA ASN A 486 92.22 -30.96 20.96
C ASN A 486 92.50 -30.07 22.17
N ARG A 487 93.73 -29.58 22.31
CA ARG A 487 94.07 -28.68 23.40
C ARG A 487 93.29 -27.37 23.30
N GLN A 488 93.17 -26.85 22.08
CA GLN A 488 92.37 -25.63 21.87
C GLN A 488 90.89 -25.88 22.15
N LEU A 489 90.40 -27.08 21.84
CA LEU A 489 89.01 -27.42 22.12
C LEU A 489 88.78 -27.58 23.62
N GLY A 490 89.81 -27.99 24.36
CA GLY A 490 89.69 -28.10 25.80
C GLY A 490 89.33 -26.79 26.48
N GLU A 491 89.71 -25.67 25.88
CA GLU A 491 89.36 -24.35 26.38
C GLU A 491 88.16 -23.75 25.68
N GLU A 492 87.39 -24.56 24.95
CA GLU A 492 86.29 -24.05 24.14
C GLU A 492 85.07 -23.79 25.01
N GLY A 493 83.93 -23.53 24.38
CA GLY A 493 82.71 -23.25 25.09
C GLY A 493 82.12 -24.49 25.74
N ILE A 494 80.90 -24.34 26.25
CA ILE A 494 80.23 -25.44 26.92
C ILE A 494 79.79 -26.49 25.91
N THR A 495 78.95 -26.09 24.96
CA THR A 495 78.33 -27.03 24.02
C THR A 495 78.89 -26.77 22.64
N ALA A 496 79.97 -27.48 22.30
CA ALA A 496 80.56 -27.41 20.97
C ALA A 496 80.65 -28.77 20.29
N GLU A 497 81.10 -29.80 21.00
CA GLU A 497 81.06 -31.19 20.53
C GLU A 497 81.84 -31.36 19.21
N ALA A 498 83.15 -31.18 19.33
CA ALA A 498 84.03 -31.42 18.18
C ALA A 498 83.84 -32.81 17.60
N ILE A 499 83.52 -33.80 18.44
CA ILE A 499 83.14 -35.11 17.92
C ILE A 499 81.89 -35.01 17.07
N LEU A 500 80.87 -34.34 17.59
CA LEU A 500 79.67 -34.10 16.78
C LEU A 500 79.94 -33.07 15.69
N ASN A 501 80.90 -32.17 15.91
CA ASN A 501 81.33 -31.24 14.88
C ASN A 501 82.23 -31.91 13.85
N PHE A 502 82.44 -33.22 13.95
CA PHE A 502 83.10 -33.99 12.90
C PHE A 502 82.09 -34.96 12.29
N LEU A 503 81.21 -35.51 13.13
CA LEU A 503 80.18 -36.41 12.63
C LEU A 503 79.17 -35.67 11.76
N TYR A 504 78.81 -34.44 12.16
CA TYR A 504 77.91 -33.59 11.39
C TYR A 504 78.66 -32.72 10.39
N LYS A 505 79.86 -33.14 9.98
CA LYS A 505 80.69 -32.39 9.06
C LYS A 505 81.38 -33.33 8.07
N GLY A 506 80.64 -34.30 7.53
CA GLY A 506 81.15 -35.05 6.41
C GLY A 506 80.81 -36.53 6.39
N PRO A 507 80.07 -36.99 7.40
CA PRO A 507 79.65 -38.40 7.39
C PRO A 507 78.76 -38.67 6.19
N ARG A 508 79.23 -39.54 5.30
CA ARG A 508 78.52 -39.82 4.06
C ARG A 508 77.92 -41.21 4.03
N GLU A 509 78.74 -42.25 4.19
CA GLU A 509 78.24 -43.63 4.13
C GLU A 509 77.93 -44.11 5.55
N SER A 510 77.05 -43.37 6.20
CA SER A 510 76.66 -43.68 7.57
C SER A 510 75.19 -44.03 7.71
N GLN A 511 74.29 -43.22 7.14
CA GLN A 511 72.86 -43.35 7.37
C GLN A 511 72.56 -43.32 8.86
N ALA A 512 73.29 -42.47 9.58
CA ALA A 512 73.22 -42.39 11.03
C ALA A 512 72.30 -41.25 11.44
N ASP A 513 71.36 -41.54 12.32
CA ASP A 513 70.40 -40.56 12.80
C ASP A 513 69.78 -40.98 14.13
N ASN A 517 69.12 -36.74 15.89
CA ASN A 517 69.03 -36.21 14.54
C ASN A 517 70.32 -36.41 13.77
N PHE A 518 70.39 -35.80 12.58
CA PHE A 518 71.63 -35.74 11.81
C PHE A 518 72.16 -34.33 11.64
N ASP A 519 71.31 -33.31 11.63
CA ASP A 519 71.70 -31.90 11.64
C ASP A 519 72.66 -31.57 10.52
N TRP A 520 72.85 -32.49 9.58
CA TRP A 520 73.72 -32.24 8.44
C TRP A 520 72.98 -32.30 7.11
N ARG A 521 72.34 -33.42 6.80
CA ARG A 521 71.67 -33.56 5.52
C ARG A 521 70.18 -33.29 5.61
N ASP A 522 69.60 -33.43 6.79
CA ASP A 522 68.25 -32.95 7.06
C ASP A 522 68.18 -31.42 7.12
N ILE A 523 69.25 -30.72 6.76
CA ILE A 523 69.18 -29.27 6.54
C ILE A 523 69.35 -28.91 5.07
N PHE A 524 69.77 -29.84 4.24
CA PHE A 524 69.94 -29.60 2.81
C PHE A 524 68.86 -30.24 1.97
N ASN A 525 68.51 -31.49 2.24
CA ASN A 525 67.44 -32.07 1.45
C ASN A 525 66.12 -31.37 1.76
N ILE A 526 65.98 -30.82 2.98
CA ILE A 526 64.81 -30.00 3.28
C ILE A 526 64.80 -28.73 2.42
N THR A 527 65.95 -28.08 2.24
CA THR A 527 65.91 -26.84 1.48
C THR A 527 65.65 -27.11 0.01
N ASP A 528 66.14 -28.22 -0.53
CA ASP A 528 65.72 -28.58 -1.89
C ASP A 528 64.22 -28.85 -1.95
N ARG A 529 63.71 -29.67 -1.03
CA ARG A 529 62.30 -30.03 -1.08
C ARG A 529 61.41 -28.81 -0.97
N THR A 530 61.84 -27.79 -0.22
CA THR A 530 61.03 -26.60 -0.02
C THR A 530 61.36 -25.47 -0.98
N LEU A 531 62.40 -25.58 -1.80
CA LEU A 531 62.72 -24.53 -2.74
C LEU A 531 62.38 -24.88 -4.16
N ARG A 532 62.57 -26.14 -4.56
CA ARG A 532 62.10 -26.53 -5.89
C ARG A 532 60.58 -26.50 -5.96
N LEU A 533 59.90 -26.69 -4.82
CA LEU A 533 58.45 -26.57 -4.81
C LEU A 533 58.01 -25.14 -5.11
N VAL A 534 58.66 -24.16 -4.48
CA VAL A 534 58.38 -22.77 -4.81
C VAL A 534 58.71 -22.51 -6.26
N ASN A 535 59.79 -23.11 -6.75
CA ASN A 535 60.17 -22.90 -8.14
C ASN A 535 59.06 -23.37 -9.06
N GLN A 536 58.49 -24.54 -8.79
CA GLN A 536 57.43 -25.04 -9.66
C GLN A 536 56.05 -24.48 -9.31
N TYR A 537 55.96 -23.64 -8.29
CA TYR A 537 54.75 -22.83 -8.10
C TYR A 537 54.79 -21.51 -8.85
N LEU A 538 55.97 -20.89 -8.92
CA LEU A 538 56.06 -19.54 -9.45
C LEU A 538 55.91 -19.46 -10.96
N GLU A 539 55.93 -20.56 -11.69
CA GLU A 539 55.85 -20.46 -13.13
C GLU A 539 54.43 -20.58 -13.66
N CYS A 540 53.43 -20.65 -12.78
CA CYS A 540 52.05 -20.52 -13.23
C CYS A 540 51.73 -19.07 -13.59
N LEU A 541 52.30 -18.10 -12.89
CA LEU A 541 52.01 -16.70 -13.14
C LEU A 541 52.34 -16.36 -14.58
N VAL A 542 51.46 -15.62 -15.23
CA VAL A 542 51.73 -15.06 -16.55
C VAL A 542 52.29 -13.67 -16.35
N LEU A 543 53.50 -13.43 -16.87
CA LEU A 543 54.15 -12.15 -16.68
C LEU A 543 54.47 -11.46 -17.99
N ASP A 544 53.93 -11.93 -19.10
CA ASP A 544 53.97 -11.22 -20.38
C ASP A 544 52.54 -11.10 -20.86
N LYS A 545 51.95 -9.91 -20.69
CA LYS A 545 50.51 -9.82 -20.85
C LYS A 545 50.03 -8.58 -21.55
N PHE A 546 50.81 -8.00 -22.46
CA PHE A 546 50.34 -6.91 -23.31
C PHE A 546 50.22 -7.40 -24.75
N GLU A 547 48.99 -7.58 -25.22
CA GLU A 547 48.69 -7.99 -26.58
C GLU A 547 48.11 -6.81 -27.36
N SER A 548 48.55 -6.61 -28.58
CA SER A 548 48.13 -5.46 -29.36
C SER A 548 47.00 -5.83 -30.32
N TYR A 549 46.37 -4.81 -30.87
CA TYR A 549 45.30 -4.97 -31.85
C TYR A 549 45.32 -3.76 -32.77
N ASN A 550 44.24 -3.53 -33.50
CA ASN A 550 44.19 -2.36 -34.37
C ASN A 550 42.88 -1.59 -34.33
N ASP A 551 41.80 -2.17 -33.82
CA ASP A 551 40.54 -1.48 -33.71
C ASP A 551 39.76 -2.06 -32.54
N GLU A 552 38.80 -1.29 -32.03
CA GLU A 552 38.17 -1.64 -30.78
C GLU A 552 37.30 -2.89 -30.92
N THR A 553 36.82 -3.19 -32.13
CA THR A 553 35.91 -4.31 -32.31
C THR A 553 36.62 -5.65 -32.13
N GLN A 554 37.81 -5.79 -32.71
CA GLN A 554 38.58 -7.01 -32.51
C GLN A 554 38.97 -7.18 -31.05
N LEU A 555 39.30 -6.08 -30.39
CA LEU A 555 39.59 -6.15 -28.96
C LEU A 555 38.39 -6.68 -28.20
N THR A 556 37.21 -6.16 -28.48
CA THR A 556 36.03 -6.61 -27.75
C THR A 556 35.72 -8.08 -28.02
N GLN A 557 35.92 -8.52 -29.26
CA GLN A 557 35.70 -9.93 -29.59
C GLN A 557 36.63 -10.84 -28.80
N ARG A 558 37.93 -10.56 -28.84
CA ARG A 558 38.85 -11.36 -28.04
C ARG A 558 38.56 -11.20 -26.56
N ALA A 559 38.02 -10.05 -26.17
CA ALA A 559 37.70 -9.81 -24.77
C ALA A 559 36.65 -10.77 -24.28
N LEU A 560 35.56 -10.94 -25.01
CA LEU A 560 34.56 -11.89 -24.51
C LEU A 560 35.04 -13.33 -24.66
N SER A 561 35.84 -13.62 -25.68
CA SER A 561 36.37 -14.98 -25.80
C SER A 561 37.23 -15.35 -24.59
N LEU A 562 38.10 -14.44 -24.15
CA LEU A 562 38.90 -14.67 -22.96
C LEU A 562 38.06 -14.62 -21.69
N LEU A 563 37.15 -13.66 -21.61
CA LEU A 563 36.41 -13.43 -20.39
C LEU A 563 35.54 -14.61 -20.03
N GLU A 564 35.06 -15.35 -21.03
CA GLU A 564 34.32 -16.56 -20.67
C GLU A 564 35.21 -17.65 -20.11
N GLU A 565 36.53 -17.48 -20.20
CA GLU A 565 37.51 -18.39 -19.63
C GLU A 565 38.03 -17.93 -18.29
N ASN A 566 37.75 -16.68 -17.91
CA ASN A 566 38.24 -16.03 -16.68
C ASN A 566 39.73 -15.76 -16.76
N MET A 567 40.15 -15.08 -17.81
CA MET A 567 41.55 -14.75 -18.04
C MET A 567 41.67 -13.37 -18.64
N PHE A 568 40.90 -12.42 -18.12
CA PHE A 568 40.88 -11.07 -18.66
C PHE A 568 41.13 -10.09 -17.54
N TRP A 569 42.18 -9.30 -17.65
CA TRP A 569 42.33 -8.04 -16.94
C TRP A 569 41.71 -6.96 -17.82
N ALA A 570 42.05 -5.70 -17.63
CA ALA A 570 41.41 -4.66 -18.42
C ALA A 570 41.85 -4.71 -19.87
N GLY A 571 41.43 -3.71 -20.63
CA GLY A 571 41.92 -3.46 -21.97
C GLY A 571 42.05 -1.97 -22.17
N VAL A 572 43.19 -1.51 -22.64
CA VAL A 572 43.51 -0.09 -22.70
C VAL A 572 43.30 0.42 -24.11
N VAL A 573 42.73 1.61 -24.25
CA VAL A 573 42.44 2.21 -25.54
C VAL A 573 42.97 3.63 -25.54
N PHE A 574 43.71 4.00 -26.58
CA PHE A 574 44.22 5.36 -26.71
C PHE A 574 43.45 6.04 -27.83
N PRO A 575 42.29 6.63 -27.55
CA PRO A 575 41.36 6.98 -28.64
C PRO A 575 41.89 8.02 -29.62
N ASP A 576 42.71 8.97 -29.21
CA ASP A 576 43.02 10.10 -30.08
C ASP A 576 44.32 9.90 -30.84
N MET A 577 44.77 8.67 -31.03
CA MET A 577 45.98 8.43 -31.80
C MET A 577 45.71 7.38 -32.86
N TYR A 578 46.60 7.35 -33.85
CA TYR A 578 46.48 6.57 -35.06
C TYR A 578 47.56 5.52 -35.17
N PRO A 579 47.37 4.48 -35.98
CA PRO A 579 48.36 3.40 -36.07
C PRO A 579 49.70 3.81 -36.65
N TRP A 580 49.91 5.08 -36.96
CA TRP A 580 51.20 5.55 -37.44
C TRP A 580 51.78 6.65 -36.57
N THR A 581 51.14 6.95 -35.43
CA THR A 581 51.58 8.02 -34.55
C THR A 581 52.96 7.73 -33.97
N SER A 582 53.77 8.77 -33.81
CA SER A 582 55.14 8.58 -33.36
C SER A 582 55.48 9.41 -32.13
N SER A 583 54.92 10.61 -32.05
CA SER A 583 55.21 11.54 -30.96
C SER A 583 53.95 11.77 -30.14
N LEU A 584 54.13 11.87 -28.85
CA LEU A 584 52.98 12.01 -27.95
C LEU A 584 52.51 13.45 -27.91
N PRO A 585 51.20 13.70 -28.00
CA PRO A 585 50.70 15.04 -27.76
C PRO A 585 50.88 15.40 -26.31
N PRO A 586 50.96 16.68 -25.99
CA PRO A 586 51.04 17.04 -24.58
C PRO A 586 49.67 17.11 -23.94
N HIS A 587 48.81 16.17 -24.27
CA HIS A 587 47.64 15.85 -23.45
C HIS A 587 47.16 14.48 -23.87
N VAL A 588 47.44 13.48 -23.05
CA VAL A 588 47.19 12.08 -23.40
C VAL A 588 45.99 11.61 -22.60
N LYS A 589 45.08 10.91 -23.25
CA LYS A 589 43.91 10.35 -22.59
C LYS A 589 43.72 8.91 -23.01
N TYR A 590 43.12 8.12 -22.12
CA TYR A 590 42.99 6.70 -22.39
C TYR A 590 41.76 6.18 -21.65
N LYS A 591 41.36 4.96 -21.98
CA LYS A 591 40.19 4.32 -21.42
C LYS A 591 40.56 2.98 -20.83
N ILE A 592 39.94 2.62 -19.73
CA ILE A 592 40.09 1.29 -19.14
C ILE A 592 38.74 0.62 -19.29
N ARG A 593 38.69 -0.47 -20.06
CA ARG A 593 37.43 -1.15 -20.34
C ARG A 593 37.42 -2.51 -19.67
N MET A 594 36.60 -2.67 -18.65
CA MET A 594 36.53 -3.87 -17.85
C MET A 594 35.09 -4.31 -17.76
N ASP A 595 34.83 -5.53 -17.32
CA ASP A 595 33.42 -5.85 -17.23
C ASP A 595 32.84 -5.23 -15.97
N ILE A 596 31.52 -5.32 -15.84
CA ILE A 596 30.86 -4.56 -14.78
C ILE A 596 30.89 -5.26 -13.43
N ASP A 597 31.29 -6.51 -13.36
CA ASP A 597 31.30 -7.14 -12.05
C ASP A 597 32.49 -6.72 -11.20
N VAL A 598 33.46 -6.01 -11.75
CA VAL A 598 34.68 -5.65 -11.03
C VAL A 598 34.94 -4.16 -11.18
N VAL A 599 33.91 -3.40 -11.54
CA VAL A 599 34.00 -1.96 -11.70
C VAL A 599 32.75 -1.37 -11.06
N GLU A 600 32.86 -0.11 -10.66
CA GLU A 600 31.70 0.62 -10.17
C GLU A 600 30.84 1.09 -11.35
N LYS A 601 29.53 1.06 -11.16
CA LYS A 601 28.59 1.45 -12.20
C LYS A 601 28.73 2.92 -12.54
N THR A 602 28.63 3.24 -13.81
CA THR A 602 28.85 4.61 -14.26
C THR A 602 27.57 5.43 -14.40
N ASN A 603 26.42 4.90 -14.00
CA ASN A 603 25.22 5.72 -13.91
C ASN A 603 25.24 6.56 -12.64
N LYS A 604 25.26 5.89 -11.50
CA LYS A 604 25.23 6.55 -10.21
C LYS A 604 26.63 6.97 -9.80
N ILE A 605 26.69 8.07 -9.04
CA ILE A 605 27.92 8.52 -8.42
C ILE A 605 27.78 8.68 -6.92
N LYS A 606 26.65 8.26 -6.36
CA LYS A 606 26.36 8.38 -4.94
C LYS A 606 25.35 7.31 -4.59
N ASP A 607 25.22 7.04 -3.30
CA ASP A 607 24.05 6.32 -2.83
C ASP A 607 22.88 7.29 -2.82
N ARG A 608 21.72 6.83 -3.28
CA ARG A 608 20.57 7.71 -3.34
C ARG A 608 20.10 8.10 -1.95
N TYR A 609 20.01 7.14 -1.04
CA TYR A 609 19.59 7.40 0.32
C TYR A 609 20.80 7.36 1.25
N TRP A 610 21.09 8.47 1.90
CA TRP A 610 22.28 8.59 2.74
C TRP A 610 22.30 7.53 3.83
N ASP A 611 23.43 6.88 3.99
CA ASP A 611 23.68 5.96 5.09
C ASP A 611 24.72 6.58 6.01
N SER A 612 24.58 6.32 7.31
CA SER A 612 25.49 6.88 8.31
C SER A 612 26.58 5.87 8.65
N GLY A 613 27.43 5.61 7.66
CA GLY A 613 28.45 4.61 7.80
C GLY A 613 29.62 4.90 6.90
N PRO A 614 30.80 4.42 7.26
CA PRO A 614 32.01 4.86 6.56
C PRO A 614 32.08 4.43 5.11
N ARG A 615 31.33 3.40 4.72
CA ARG A 615 31.43 2.73 3.43
C ARG A 615 32.81 2.12 3.23
N ALA A 616 33.14 1.18 4.11
CA ALA A 616 34.47 0.61 4.19
C ALA A 616 34.41 -0.89 4.30
N ASP A 617 33.67 -1.52 3.40
CA ASP A 617 33.55 -2.97 3.37
C ASP A 617 34.46 -3.52 2.30
N PRO A 618 35.38 -4.44 2.62
CA PRO A 618 36.38 -4.85 1.64
C PRO A 618 35.82 -5.52 0.40
N VAL A 619 34.59 -6.00 0.40
CA VAL A 619 34.12 -6.79 -0.73
C VAL A 619 33.23 -5.98 -1.67
N GLU A 620 32.18 -5.35 -1.14
CA GLU A 620 31.26 -4.61 -1.98
C GLU A 620 31.64 -3.16 -2.18
N ASP A 621 32.41 -2.58 -1.29
CA ASP A 621 32.66 -1.15 -1.31
C ASP A 621 34.03 -0.80 -1.85
N PHE A 622 34.81 -1.77 -2.31
CA PHE A 622 36.17 -1.52 -2.77
C PHE A 622 36.43 -2.26 -4.07
N ARG A 623 35.54 -2.11 -5.04
CA ARG A 623 35.71 -2.86 -6.26
C ARG A 623 36.77 -2.28 -7.18
N TYR A 624 37.13 -1.02 -7.02
CA TYR A 624 38.30 -0.45 -7.66
C TYR A 624 39.60 -0.88 -7.05
N ILE A 625 39.62 -1.82 -6.11
CA ILE A 625 40.90 -2.26 -5.58
C ILE A 625 41.08 -3.75 -5.79
N TRP A 626 40.17 -4.57 -5.30
CA TRP A 626 40.37 -5.97 -5.58
C TRP A 626 39.99 -6.33 -7.01
N GLY A 627 39.36 -5.43 -7.74
CA GLY A 627 39.16 -5.63 -9.15
C GLY A 627 40.31 -5.24 -10.02
N GLY A 628 41.29 -4.53 -9.48
CA GLY A 628 42.47 -4.19 -10.23
C GLY A 628 42.38 -3.01 -11.16
N PHE A 629 41.40 -2.12 -10.98
CA PHE A 629 41.32 -0.92 -11.81
C PHE A 629 42.35 0.11 -11.41
N ALA A 630 42.59 0.25 -10.12
CA ALA A 630 43.49 1.28 -9.64
C ALA A 630 44.94 0.91 -9.92
N TYR A 631 45.29 -0.37 -9.82
CA TYR A 631 46.66 -0.78 -10.13
C TYR A 631 46.99 -0.50 -11.58
N LEU A 632 46.09 -0.85 -12.49
CA LEU A 632 46.34 -0.57 -13.90
C LEU A 632 46.35 0.92 -14.17
N GLN A 633 45.46 1.68 -13.54
CA GLN A 633 45.50 3.13 -13.75
C GLN A 633 46.84 3.69 -13.34
N ASP A 634 47.35 3.25 -12.19
CA ASP A 634 48.64 3.74 -11.73
C ASP A 634 49.77 3.36 -12.68
N MET A 635 49.79 2.11 -13.16
CA MET A 635 50.84 1.68 -14.07
C MET A 635 50.83 2.47 -15.36
N VAL A 636 49.66 2.70 -15.94
CA VAL A 636 49.63 3.41 -17.22
C VAL A 636 49.95 4.90 -17.04
N GLU A 637 49.51 5.52 -15.93
CA GLU A 637 49.89 6.91 -15.71
C GLU A 637 51.38 7.05 -15.49
N GLN A 638 51.99 6.10 -14.79
CA GLN A 638 53.44 6.13 -14.64
C GLN A 638 54.14 6.00 -15.98
N GLY A 639 53.65 5.12 -16.84
CA GLY A 639 54.24 5.00 -18.16
C GLY A 639 54.11 6.27 -18.97
N ILE A 640 52.93 6.89 -18.96
CA ILE A 640 52.72 8.11 -19.72
C ILE A 640 53.63 9.22 -19.24
N THR A 641 53.77 9.35 -17.91
CA THR A 641 54.73 10.33 -17.40
C THR A 641 56.13 10.02 -17.88
N ARG A 642 56.56 8.78 -17.71
CA ARG A 642 57.95 8.41 -17.95
C ARG A 642 58.32 8.49 -19.41
N SER A 643 57.36 8.50 -20.32
CA SER A 643 57.63 8.63 -21.74
C SER A 643 57.91 10.06 -22.16
N GLN A 644 57.67 11.06 -21.31
CA GLN A 644 57.90 12.42 -21.75
C GLN A 644 58.45 13.32 -20.66
N VAL A 645 59.22 12.80 -19.72
CA VAL A 645 59.77 13.70 -18.71
C VAL A 645 61.25 13.49 -18.52
N GLN A 646 61.69 12.22 -18.42
CA GLN A 646 63.08 11.88 -18.20
C GLN A 646 63.63 12.60 -16.95
N ALA A 647 63.08 12.21 -15.80
CA ALA A 647 63.44 12.83 -14.54
C ALA A 647 64.42 12.01 -13.71
N GLU A 648 64.24 10.69 -13.66
CA GLU A 648 65.12 9.81 -12.89
C GLU A 648 65.22 10.22 -11.42
N ALA A 649 64.07 10.50 -10.82
CA ALA A 649 63.90 10.62 -9.37
C ALA A 649 62.43 10.42 -9.05
N PRO A 650 62.04 9.25 -8.56
CA PRO A 650 60.63 8.89 -8.51
C PRO A 650 59.96 9.25 -7.19
N VAL A 651 58.63 9.37 -7.26
CA VAL A 651 57.79 9.49 -6.07
C VAL A 651 56.66 8.49 -6.18
N GLY A 652 56.40 7.78 -5.10
CA GLY A 652 55.33 6.81 -5.05
C GLY A 652 54.06 7.40 -4.53
N ILE A 653 52.99 6.62 -4.61
CA ILE A 653 51.65 7.08 -4.22
C ILE A 653 51.13 6.12 -3.17
N TYR A 654 50.60 6.67 -2.09
CA TYR A 654 49.92 5.92 -1.05
C TYR A 654 48.52 6.47 -0.93
N LEU A 655 47.52 5.62 -0.81
CA LEU A 655 46.15 6.07 -0.64
C LEU A 655 45.74 5.92 0.81
N GLN A 656 45.19 6.98 1.40
CA GLN A 656 44.76 6.95 2.79
C GLN A 656 43.28 7.31 2.86
N GLN A 657 42.50 6.58 3.64
CA GLN A 657 41.07 6.83 3.76
C GLN A 657 40.80 7.69 4.97
N MET A 658 39.96 8.69 4.80
CA MET A 658 39.71 9.67 5.86
C MET A 658 39.06 9.00 7.06
N PRO A 659 39.41 9.38 8.28
CA PRO A 659 38.83 8.78 9.47
C PRO A 659 37.38 9.22 9.66
N TYR A 660 36.62 8.36 10.34
CA TYR A 660 35.21 8.57 10.58
C TYR A 660 34.91 8.53 12.07
N PRO A 661 33.91 9.32 12.52
CA PRO A 661 33.52 9.38 13.94
C PRO A 661 32.60 8.24 14.34
N CYS A 662 32.21 8.19 15.61
CA CYS A 662 31.32 7.14 16.09
C CYS A 662 29.93 7.32 15.45
N PHE A 663 29.17 6.25 15.32
CA PHE A 663 27.86 6.37 14.72
C PHE A 663 26.94 5.20 15.02
N VAL A 664 25.64 5.43 14.84
CA VAL A 664 24.64 4.38 14.98
C VAL A 664 23.82 4.39 13.71
N ASP A 665 23.45 3.21 13.24
CA ASP A 665 22.69 3.10 12.00
C ASP A 665 21.39 2.39 12.30
N ASP A 666 20.28 3.08 12.13
CA ASP A 666 18.95 2.59 12.47
C ASP A 666 18.17 2.44 11.19
N SER A 667 17.76 1.21 10.88
CA SER A 667 17.01 0.96 9.66
C SER A 667 15.52 1.06 9.86
N PHE A 668 15.07 1.16 11.10
CA PHE A 668 13.66 1.44 11.35
C PHE A 668 13.29 2.81 10.86
N MET A 669 14.10 3.82 11.15
CA MET A 669 13.77 5.20 10.81
C MET A 669 13.54 5.40 9.32
N ILE A 670 13.79 4.39 8.49
CA ILE A 670 13.40 4.46 7.09
C ILE A 670 11.94 4.10 6.92
N ILE A 671 11.49 3.05 7.60
CA ILE A 671 10.12 2.59 7.43
C ILE A 671 9.16 3.29 8.36
N LEU A 672 9.62 3.79 9.50
CA LEU A 672 8.76 4.63 10.32
C LEU A 672 8.35 5.87 9.55
N ASN A 673 9.31 6.51 8.90
CA ASN A 673 9.08 7.75 8.20
C ASN A 673 8.10 7.60 7.04
N ARG A 674 7.85 6.38 6.59
CA ARG A 674 6.93 6.14 5.51
C ARG A 674 5.65 5.43 5.93
N CYS A 675 5.66 4.73 7.05
CA CYS A 675 4.50 3.97 7.49
C CYS A 675 3.70 4.65 8.58
N PHE A 676 4.24 5.62 9.30
CA PHE A 676 3.42 6.28 10.30
C PHE A 676 2.23 7.00 9.68
N PRO A 677 2.40 7.89 8.70
CA PRO A 677 1.21 8.56 8.16
C PRO A 677 0.22 7.62 7.50
N ILE A 678 0.70 6.58 6.81
CA ILE A 678 -0.21 5.63 6.19
C ILE A 678 -1.06 4.93 7.24
N PHE A 679 -0.44 4.45 8.30
CA PHE A 679 -1.20 3.76 9.34
C PHE A 679 -2.18 4.70 10.02
N MET A 680 -1.76 5.93 10.30
CA MET A 680 -2.66 6.85 10.98
C MET A 680 -3.85 7.23 10.10
N VAL A 681 -3.62 7.49 8.82
CA VAL A 681 -4.73 7.79 7.91
C VAL A 681 -5.63 6.58 7.75
N LEU A 682 -5.06 5.39 7.76
CA LEU A 682 -5.83 4.19 7.49
C LEU A 682 -6.58 3.69 8.72
N ALA A 683 -6.24 4.18 9.91
CA ALA A 683 -6.92 3.71 11.11
C ALA A 683 -8.26 4.40 11.35
N TRP A 684 -8.51 5.56 10.75
CA TRP A 684 -9.79 6.25 10.87
C TRP A 684 -10.68 6.03 9.66
N ILE A 685 -10.26 5.17 8.73
CA ILE A 685 -10.93 5.06 7.45
C ILE A 685 -12.35 4.55 7.59
N TYR A 686 -12.66 3.91 8.70
CA TYR A 686 -13.98 3.37 8.97
C TYR A 686 -14.79 4.27 9.88
N SER A 687 -14.15 4.86 10.89
CA SER A 687 -14.80 5.83 11.77
C SER A 687 -15.18 7.11 11.07
N VAL A 688 -14.62 7.41 9.91
CA VAL A 688 -15.06 8.57 9.15
C VAL A 688 -16.35 8.27 8.39
N SER A 689 -16.40 7.12 7.73
CA SER A 689 -17.59 6.74 6.99
C SER A 689 -18.76 6.52 7.92
N MET A 690 -18.53 5.88 9.07
CA MET A 690 -19.64 5.68 10.01
C MET A 690 -19.99 6.89 10.74
N THR A 691 -19.51 8.04 10.36
CA THR A 691 -19.95 9.31 10.90
C THR A 691 -20.67 10.15 9.88
N VAL A 692 -20.14 10.21 8.66
CA VAL A 692 -20.95 10.76 7.57
C VAL A 692 -22.24 9.98 7.41
N LYS A 693 -22.20 8.67 7.67
CA LYS A 693 -23.40 7.86 7.61
C LYS A 693 -24.48 8.39 8.53
N SER A 694 -24.15 8.61 9.80
CA SER A 694 -25.15 9.05 10.76
C SER A 694 -25.64 10.45 10.42
N ILE A 695 -24.72 11.35 10.09
CA ILE A 695 -25.12 12.73 9.81
C ILE A 695 -26.09 12.77 8.64
N VAL A 696 -25.83 11.99 7.59
CA VAL A 696 -26.71 12.05 6.41
C VAL A 696 -27.98 11.28 6.63
N LEU A 697 -27.93 10.16 7.36
CA LEU A 697 -29.15 9.38 7.56
C LEU A 697 -30.18 10.15 8.36
N GLU A 698 -29.75 10.79 9.45
CA GLU A 698 -30.75 11.52 10.23
C GLU A 698 -31.27 12.75 9.49
N LYS A 699 -30.63 13.14 8.41
CA LYS A 699 -31.14 14.18 7.53
C LYS A 699 -32.04 13.60 6.45
N GLU A 700 -31.86 12.34 6.12
CA GLU A 700 -32.66 11.66 5.11
C GLU A 700 -34.03 11.25 5.66
N LEU A 701 -34.09 10.89 6.94
CA LEU A 701 -35.37 10.59 7.56
C LEU A 701 -36.12 11.83 8.02
N ARG A 702 -35.76 13.01 7.51
CA ARG A 702 -36.41 14.26 7.88
C ARG A 702 -36.45 14.46 9.39
N LEU A 703 -35.51 13.85 10.10
CA LEU A 703 -35.44 13.99 11.55
C LEU A 703 -34.79 15.28 11.99
N LYS A 704 -34.22 16.05 11.08
CA LYS A 704 -33.58 17.31 11.42
C LYS A 704 -34.53 18.48 11.29
N GLU A 705 -35.42 18.46 10.30
CA GLU A 705 -36.40 19.54 10.21
C GLU A 705 -37.44 19.43 11.32
N THR A 706 -37.68 18.23 11.85
CA THR A 706 -38.53 18.11 13.03
C THR A 706 -37.92 18.83 14.22
N LEU A 707 -36.64 18.55 14.49
CA LEU A 707 -35.96 19.20 15.60
C LEU A 707 -35.81 20.69 15.37
N LYS A 708 -35.74 21.13 14.13
CA LYS A 708 -35.68 22.57 13.87
C LYS A 708 -37.03 23.23 14.08
N ASN A 709 -38.11 22.56 13.70
CA ASN A 709 -39.44 23.10 13.98
C ASN A 709 -39.68 23.19 15.48
N GLN A 710 -39.22 22.18 16.21
CA GLN A 710 -39.46 22.15 17.65
C GLN A 710 -38.73 23.26 18.40
N GLY A 711 -37.83 23.99 17.74
CA GLY A 711 -37.16 25.10 18.38
C GLY A 711 -35.73 24.84 18.78
N VAL A 712 -34.97 24.19 17.91
CA VAL A 712 -33.55 23.94 18.12
C VAL A 712 -32.78 24.59 16.98
N SER A 713 -31.78 25.39 17.32
CA SER A 713 -31.00 26.09 16.31
C SER A 713 -30.03 25.14 15.63
N ASN A 714 -29.61 25.52 14.43
CA ASN A 714 -28.71 24.66 13.67
C ASN A 714 -27.36 24.52 14.38
N ALA A 715 -26.87 25.60 14.97
CA ALA A 715 -25.56 25.56 15.62
C ALA A 715 -25.52 24.54 16.74
N VAL A 716 -26.59 24.45 17.53
CA VAL A 716 -26.63 23.45 18.59
C VAL A 716 -26.56 22.05 18.01
N ILE A 717 -27.23 21.83 16.88
CA ILE A 717 -27.16 20.52 16.23
C ILE A 717 -25.72 20.18 15.90
N TRP A 718 -25.00 21.11 15.27
CA TRP A 718 -23.62 20.79 14.91
C TRP A 718 -22.76 20.58 16.16
N CYS A 719 -22.90 21.46 17.15
CA CYS A 719 -22.05 21.38 18.32
C CYS A 719 -22.27 20.12 19.11
N THR A 720 -23.46 19.52 19.04
CA THR A 720 -23.63 18.22 19.65
C THR A 720 -23.08 17.10 18.80
N TRP A 721 -23.16 17.21 17.48
CA TRP A 721 -22.53 16.19 16.64
C TRP A 721 -21.03 16.15 16.89
N PHE A 722 -20.42 17.32 17.04
CA PHE A 722 -18.98 17.40 17.23
C PHE A 722 -18.55 16.70 18.51
N LEU A 723 -19.21 17.00 19.63
CA LEU A 723 -18.85 16.34 20.87
C LEU A 723 -19.26 14.88 20.91
N ASP A 724 -20.24 14.47 20.10
CA ASP A 724 -20.52 13.05 19.98
C ASP A 724 -19.34 12.34 19.35
N SER A 725 -18.86 12.85 18.22
CA SER A 725 -17.79 12.18 17.50
C SER A 725 -16.45 12.35 18.19
N PHE A 726 -16.29 13.42 18.96
CA PHE A 726 -15.01 13.77 19.56
C PHE A 726 -14.61 12.83 20.69
N SER A 727 -15.58 12.33 21.45
CA SER A 727 -15.31 11.58 22.66
C SER A 727 -14.93 10.13 22.40
N ILE A 728 -14.89 9.71 21.15
CA ILE A 728 -14.39 8.40 20.80
C ILE A 728 -13.02 8.47 20.13
N MET A 729 -12.80 9.45 19.25
CA MET A 729 -11.44 9.76 18.86
C MET A 729 -10.58 10.04 20.09
N SER A 730 -11.08 10.83 21.03
CA SER A 730 -10.27 11.17 22.20
C SER A 730 -10.07 10.01 23.14
N MET A 731 -10.76 8.90 22.95
CA MET A 731 -10.52 7.72 23.78
C MET A 731 -9.68 6.67 23.08
N SER A 732 -9.67 6.66 21.76
CA SER A 732 -8.70 5.83 21.04
C SER A 732 -7.32 6.45 21.01
N ILE A 733 -7.22 7.79 20.94
CA ILE A 733 -5.93 8.45 20.98
C ILE A 733 -5.21 8.16 22.29
N PHE A 734 -5.96 8.08 23.38
CA PHE A 734 -5.34 7.84 24.68
C PHE A 734 -4.67 6.48 24.75
N LEU A 735 -5.12 5.52 23.95
CA LEU A 735 -4.47 4.23 23.91
C LEU A 735 -3.39 4.15 22.85
N LEU A 736 -3.56 4.87 21.73
CA LEU A 736 -2.46 4.97 20.78
C LEU A 736 -1.22 5.55 21.44
N THR A 737 -1.40 6.60 22.24
CA THR A 737 -0.24 7.20 22.89
C THR A 737 0.47 6.18 23.77
N ILE A 738 -0.29 5.41 24.54
CA ILE A 738 0.32 4.45 25.45
C ILE A 738 1.09 3.40 24.67
N PHE A 739 0.49 2.84 23.62
CA PHE A 739 1.20 1.80 22.87
C PHE A 739 2.42 2.36 22.13
N ILE A 740 2.30 3.53 21.52
CA ILE A 740 3.45 4.09 20.82
C ILE A 740 4.60 4.34 21.79
N MET A 741 4.33 4.87 22.97
CA MET A 741 5.41 5.14 23.91
C MET A 741 5.96 3.85 24.51
N HIS A 742 5.12 3.08 25.19
CA HIS A 742 5.61 1.92 25.93
C HIS A 742 5.89 0.73 25.05
N GLY A 743 5.58 0.79 23.77
CA GLY A 743 5.98 -0.24 22.84
C GLY A 743 7.33 0.01 22.22
N ARG A 744 8.04 1.01 22.73
CA ARG A 744 9.38 1.35 22.28
C ARG A 744 9.44 1.72 20.82
N ILE A 745 8.32 2.10 20.21
CA ILE A 745 8.37 2.65 18.87
C ILE A 745 9.09 3.99 18.88
N LEU A 746 8.78 4.83 19.87
CA LEU A 746 9.50 6.07 20.13
C LEU A 746 10.05 5.95 21.54
N HIS A 747 11.34 6.23 21.70
CA HIS A 747 11.98 5.92 22.97
C HIS A 747 11.94 7.09 23.94
N TYR A 748 12.25 8.28 23.45
CA TYR A 748 12.38 9.46 24.30
C TYR A 748 11.92 10.73 23.58
N SER A 749 10.64 11.08 23.78
CA SER A 749 10.05 12.15 22.99
C SER A 749 8.95 12.97 23.69
N ASP A 750 8.86 12.95 25.02
CA ASP A 750 7.84 13.70 25.77
C ASP A 750 6.40 13.28 25.46
N PRO A 751 5.92 12.18 26.04
CA PRO A 751 4.65 11.59 25.63
C PRO A 751 3.41 12.46 25.72
N PHE A 752 3.53 13.71 26.13
CA PHE A 752 2.38 14.62 26.13
C PHE A 752 2.24 15.36 24.80
N ILE A 753 3.36 15.74 24.18
CA ILE A 753 3.27 16.44 22.90
C ILE A 753 2.73 15.50 21.82
N LEU A 754 3.04 14.21 21.89
CA LEU A 754 2.52 13.32 20.85
C LEU A 754 1.01 13.15 20.98
N PHE A 755 0.50 13.06 22.20
CA PHE A 755 -0.95 13.08 22.40
C PHE A 755 -1.55 14.34 21.80
N LEU A 756 -1.01 15.49 22.19
CA LEU A 756 -1.55 16.75 21.71
C LEU A 756 -1.33 16.95 20.22
N PHE A 757 -0.51 16.11 19.59
CA PHE A 757 -0.29 16.11 18.15
C PHE A 757 -1.30 15.26 17.39
N LEU A 758 -1.62 14.08 17.91
CA LEU A 758 -2.68 13.29 17.29
C LEU A 758 -4.04 13.96 17.47
N LEU A 759 -4.21 14.72 18.55
CA LEU A 759 -5.48 15.39 18.81
C LEU A 759 -5.85 16.35 17.69
N ALA A 760 -4.89 17.11 17.18
CA ALA A 760 -5.18 18.06 16.12
C ALA A 760 -5.62 17.35 14.85
N PHE A 761 -5.02 16.19 14.57
CA PHE A 761 -5.45 15.41 13.42
C PHE A 761 -6.90 14.97 13.57
N SER A 762 -7.28 14.52 14.77
CA SER A 762 -8.67 14.14 14.98
C SER A 762 -9.61 15.32 14.79
N THR A 763 -9.22 16.49 15.31
CA THR A 763 -10.07 17.67 15.18
C THR A 763 -10.22 18.13 13.74
N ALA A 764 -9.19 17.97 12.92
CA ALA A 764 -9.37 18.29 11.50
C ALA A 764 -10.21 17.24 10.79
N THR A 765 -10.05 15.98 11.15
CA THR A 765 -10.81 14.90 10.52
C THR A 765 -12.31 15.07 10.73
N ILE A 766 -12.73 15.42 11.95
CA ILE A 766 -14.16 15.54 12.23
C ILE A 766 -14.77 16.64 11.39
N MET A 767 -14.12 17.79 11.31
CA MET A 767 -14.67 18.86 10.51
C MET A 767 -14.60 18.56 9.03
N LEU A 768 -13.75 17.62 8.61
CA LEU A 768 -13.87 17.12 7.24
C LEU A 768 -15.12 16.27 7.04
N CYS A 769 -15.47 15.47 8.05
CA CYS A 769 -16.73 14.72 7.96
C CYS A 769 -17.92 15.66 7.84
N PHE A 770 -17.91 16.75 8.61
CA PHE A 770 -18.99 17.74 8.51
C PHE A 770 -19.13 18.24 7.08
N LEU A 771 -18.02 18.50 6.40
CA LEU A 771 -18.09 18.97 5.03
C LEU A 771 -18.61 17.88 4.12
N LEU A 772 -18.05 16.67 4.21
CA LEU A 772 -18.44 15.60 3.30
C LEU A 772 -19.91 15.25 3.41
N SER A 773 -20.53 15.47 4.57
CA SER A 773 -21.94 15.15 4.68
C SER A 773 -22.79 16.06 3.80
N THR A 774 -22.40 17.30 3.62
CA THR A 774 -23.25 18.22 2.87
C THR A 774 -23.26 17.94 1.42
N PHE A 775 -22.69 16.85 0.92
CA PHE A 775 -22.75 16.53 -0.50
C PHE A 775 -23.79 15.48 -0.82
N PHE A 776 -23.91 14.48 0.03
CA PHE A 776 -24.69 13.29 -0.27
C PHE A 776 -26.11 13.43 0.26
N SER A 777 -27.00 12.61 -0.30
CA SER A 777 -28.39 12.60 0.09
C SER A 777 -28.90 11.24 0.52
N LYS A 778 -28.22 10.16 0.17
CA LYS A 778 -28.56 8.81 0.62
C LYS A 778 -27.46 8.30 1.53
N ALA A 779 -27.84 7.72 2.67
CA ALA A 779 -26.84 7.33 3.66
C ALA A 779 -25.92 6.23 3.15
N SER A 780 -26.48 5.24 2.45
CA SER A 780 -25.68 4.10 2.02
C SER A 780 -24.60 4.51 1.04
N LEU A 781 -24.93 5.42 0.12
CA LEU A 781 -23.94 5.90 -0.83
C LEU A 781 -22.82 6.66 -0.12
N ALA A 782 -23.16 7.47 0.88
CA ALA A 782 -22.17 8.24 1.61
C ALA A 782 -21.21 7.33 2.36
N ALA A 783 -21.75 6.31 3.03
CA ALA A 783 -20.88 5.41 3.79
C ALA A 783 -19.80 4.79 2.94
N ALA A 784 -20.05 4.63 1.64
CA ALA A 784 -19.08 4.02 0.75
C ALA A 784 -18.16 5.05 0.11
N CYS A 785 -18.71 6.17 -0.35
CA CYS A 785 -17.90 7.16 -1.03
C CYS A 785 -17.07 8.03 -0.09
N SER A 786 -17.24 7.91 1.23
CA SER A 786 -16.55 8.85 2.11
C SER A 786 -15.17 8.40 2.55
N GLY A 787 -15.01 7.14 2.94
CA GLY A 787 -13.67 6.66 3.25
C GLY A 787 -12.74 6.75 2.06
N VAL A 788 -13.28 6.56 0.86
CA VAL A 788 -12.47 6.65 -0.35
C VAL A 788 -11.96 8.07 -0.56
N ILE A 789 -12.81 9.07 -0.36
CA ILE A 789 -12.34 10.45 -0.49
C ILE A 789 -11.31 10.76 0.57
N TYR A 790 -11.54 10.31 1.79
CA TYR A 790 -10.59 10.56 2.87
C TYR A 790 -9.22 9.98 2.54
N PHE A 791 -9.20 8.78 1.97
CA PHE A 791 -7.92 8.16 1.60
C PHE A 791 -7.28 8.88 0.43
N THR A 792 -8.06 9.16 -0.62
CA THR A 792 -7.54 9.84 -1.80
C THR A 792 -6.92 11.18 -1.46
N LEU A 793 -7.44 11.88 -0.46
CA LEU A 793 -6.89 13.18 -0.11
C LEU A 793 -5.47 13.11 0.43
N TYR A 794 -4.97 11.94 0.79
CA TYR A 794 -3.63 11.83 1.36
C TYR A 794 -2.56 11.59 0.31
N LEU A 795 -2.91 11.03 -0.83
CA LEU A 795 -1.99 10.63 -1.89
C LEU A 795 -1.05 11.74 -2.39
N PRO A 796 -1.39 13.02 -2.28
CA PRO A 796 -0.39 14.04 -2.58
C PRO A 796 0.88 13.95 -1.77
N HIS A 797 0.86 13.31 -0.62
CA HIS A 797 2.09 13.22 0.16
C HIS A 797 3.09 12.28 -0.49
N ILE A 798 2.62 11.30 -1.27
CA ILE A 798 3.55 10.46 -2.00
C ILE A 798 4.35 11.30 -2.99
N LEU A 799 3.68 12.19 -3.71
CA LEU A 799 4.37 13.04 -4.67
C LEU A 799 5.15 14.16 -3.98
N CYS A 800 4.81 14.51 -2.74
CA CYS A 800 5.58 15.48 -1.99
C CYS A 800 6.68 14.85 -1.16
N PHE A 801 6.82 13.53 -1.19
CA PHE A 801 7.95 12.86 -0.59
C PHE A 801 9.07 12.58 -1.58
N ALA A 802 8.87 12.90 -2.85
CA ALA A 802 9.93 12.80 -3.86
C ALA A 802 10.55 14.16 -4.13
N TRP A 803 9.71 15.16 -4.41
CA TRP A 803 10.19 16.51 -4.70
C TRP A 803 10.44 17.27 -3.41
N GLN A 804 11.24 16.65 -2.54
CA GLN A 804 11.62 17.31 -1.29
C GLN A 804 12.55 18.48 -1.52
N ASP A 805 13.07 18.64 -2.74
CA ASP A 805 14.09 19.63 -3.07
C ASP A 805 13.51 20.97 -3.49
N ARG A 806 12.69 20.98 -4.55
CA ARG A 806 12.09 22.20 -5.07
C ARG A 806 10.80 22.56 -4.35
N MET A 807 10.60 22.05 -3.14
CA MET A 807 9.46 22.42 -2.31
C MET A 807 9.91 23.53 -1.37
N THR A 808 9.57 24.76 -1.72
CA THR A 808 9.98 25.90 -0.92
C THR A 808 9.23 25.91 0.41
N ALA A 809 9.34 27.01 1.14
CA ALA A 809 8.56 27.16 2.36
C ALA A 809 7.10 27.40 2.05
N GLU A 810 6.81 28.18 1.01
CA GLU A 810 5.43 28.53 0.73
C GLU A 810 4.64 27.35 0.19
N LEU A 811 5.24 26.54 -0.67
CA LEU A 811 4.53 25.36 -1.15
C LEU A 811 4.29 24.35 -0.04
N LYS A 812 5.05 24.43 1.05
CA LYS A 812 4.67 23.70 2.25
C LYS A 812 3.54 24.37 3.00
N LYS A 813 3.53 25.71 3.04
CA LYS A 813 2.45 26.44 3.69
C LYS A 813 1.14 26.39 2.92
N ALA A 814 1.16 25.92 1.68
CA ALA A 814 -0.01 25.97 0.82
C ALA A 814 -0.59 24.62 0.47
N VAL A 815 0.23 23.61 0.17
CA VAL A 815 -0.30 22.27 -0.03
C VAL A 815 -0.85 21.71 1.26
N SER A 816 -0.39 22.21 2.40
CA SER A 816 -0.79 21.69 3.70
C SER A 816 -2.17 22.13 4.13
N LEU A 817 -2.99 22.65 3.22
CA LEU A 817 -4.40 22.86 3.54
C LEU A 817 -5.15 21.54 3.56
N LEU A 818 -4.73 20.60 2.72
CA LEU A 818 -5.24 19.23 2.86
C LEU A 818 -4.64 18.67 4.13
N SER A 819 -5.45 18.47 5.16
CA SER A 819 -4.89 18.14 6.48
C SER A 819 -4.03 16.87 6.49
N PRO A 820 -4.38 15.78 5.83
CA PRO A 820 -3.54 14.58 5.93
C PRO A 820 -2.13 14.74 5.38
N VAL A 821 -1.85 15.75 4.56
CA VAL A 821 -0.46 15.98 4.19
C VAL A 821 0.24 16.84 5.22
N ALA A 822 -0.50 17.74 5.88
CA ALA A 822 0.06 18.46 7.02
C ALA A 822 0.40 17.51 8.16
N PHE A 823 -0.21 16.34 8.22
CA PHE A 823 0.22 15.35 9.19
C PHE A 823 1.62 14.82 8.86
N GLY A 824 1.84 14.40 7.61
CA GLY A 824 3.12 13.82 7.25
C GLY A 824 4.24 14.83 7.31
N PHE A 825 3.95 16.08 6.98
CA PHE A 825 4.98 17.11 7.06
C PHE A 825 5.46 17.34 8.47
N GLY A 826 4.75 16.85 9.48
CA GLY A 826 5.22 16.96 10.84
C GLY A 826 5.80 15.66 11.33
N THR A 827 5.31 14.57 10.77
CA THR A 827 5.91 13.27 11.07
C THR A 827 7.38 13.25 10.67
N GLU A 828 7.74 13.88 9.55
CA GLU A 828 9.13 13.83 9.16
C GLU A 828 10.03 14.54 10.17
N TYR A 829 9.58 15.69 10.70
CA TYR A 829 10.36 16.35 11.75
C TYR A 829 10.41 15.52 13.01
N LEU A 830 9.34 14.79 13.31
CA LEU A 830 9.36 13.92 14.48
C LEU A 830 10.47 12.90 14.38
N VAL A 831 10.58 12.23 13.23
CA VAL A 831 11.61 11.21 13.07
C VAL A 831 13.00 11.83 13.03
N ARG A 832 13.14 12.98 12.38
CA ARG A 832 14.43 13.65 12.32
C ARG A 832 14.91 14.05 13.69
N PHE A 833 14.00 14.48 14.57
CA PHE A 833 14.38 14.78 15.95
C PHE A 833 14.73 13.52 16.72
N GLU A 834 13.97 12.45 16.52
CA GLU A 834 14.25 11.21 17.23
C GLU A 834 15.59 10.61 16.83
N GLU A 835 16.06 10.86 15.60
CA GLU A 835 17.39 10.36 15.20
C GLU A 835 18.49 10.97 16.04
N GLN A 836 18.45 12.27 16.27
CA GLN A 836 19.46 13.03 16.97
C GLN A 836 19.56 12.74 18.38
N GLY A 837 18.91 11.77 19.00
CA GLY A 837 19.06 11.66 20.43
C GLY A 837 18.21 12.61 21.24
N LEU A 838 17.27 13.30 20.61
CA LEU A 838 16.43 14.28 21.27
C LEU A 838 14.97 14.01 20.94
N GLY A 839 14.09 14.27 21.89
CA GLY A 839 12.68 14.13 21.56
C GLY A 839 12.15 15.39 20.91
N LEU A 840 11.07 15.96 21.44
CA LEU A 840 10.68 17.32 21.12
C LEU A 840 10.78 18.25 22.32
N GLN A 841 10.26 17.83 23.47
CA GLN A 841 10.61 18.44 24.74
C GLN A 841 10.26 19.92 24.84
N TRP A 842 9.19 20.36 24.18
CA TRP A 842 8.61 21.68 24.39
C TRP A 842 9.56 22.82 24.08
N SER A 843 10.77 22.52 23.68
CA SER A 843 11.79 23.54 23.47
C SER A 843 12.23 23.70 22.02
N ASN A 844 12.31 22.60 21.27
CA ASN A 844 12.78 22.66 19.91
C ASN A 844 11.68 22.53 18.88
N ILE A 845 10.41 22.45 19.30
CA ILE A 845 9.33 22.29 18.34
C ILE A 845 9.20 23.55 17.49
N GLY A 846 9.45 24.72 18.07
CA GLY A 846 9.37 25.94 17.30
C GLY A 846 10.53 26.14 16.36
N ASN A 847 11.66 25.49 16.61
CA ASN A 847 12.85 25.59 15.79
C ASN A 847 12.93 24.42 14.82
N SER A 848 13.92 24.46 13.95
CA SER A 848 14.10 23.39 12.98
C SER A 848 15.54 22.93 12.96
N PRO A 849 15.79 21.62 12.92
CA PRO A 849 17.15 21.12 12.71
C PRO A 849 17.60 21.19 11.26
N THR A 850 16.67 21.45 10.34
CA THR A 850 16.89 21.41 8.91
C THR A 850 17.60 22.69 8.42
N GLU A 851 18.16 23.47 9.34
CA GLU A 851 19.02 24.61 9.00
C GLU A 851 18.25 25.67 8.19
N GLY A 852 17.35 26.32 8.90
CA GLY A 852 16.67 27.51 8.39
C GLY A 852 15.72 27.27 7.25
N ASP A 853 14.86 26.27 7.39
CA ASP A 853 13.82 25.99 6.42
C ASP A 853 12.48 26.60 6.79
N GLU A 854 12.43 27.36 7.89
CA GLU A 854 11.30 28.18 8.32
C GLU A 854 9.95 27.48 8.28
N PHE A 855 9.95 26.15 8.38
CA PHE A 855 8.72 25.38 8.53
C PHE A 855 8.93 24.39 9.66
N SER A 856 8.65 24.82 10.87
CA SER A 856 8.96 24.03 12.05
C SER A 856 7.99 22.86 12.18
N PHE A 857 8.03 22.20 13.33
CA PHE A 857 7.00 21.24 13.70
C PHE A 857 5.70 21.95 14.06
N LEU A 858 5.80 23.17 14.61
CA LEU A 858 4.62 23.91 15.02
C LEU A 858 3.73 24.28 13.85
N LEU A 859 4.31 24.52 12.67
CA LEU A 859 3.45 24.85 11.54
C LEU A 859 2.49 23.72 11.22
N SER A 860 2.88 22.47 11.45
CA SER A 860 1.96 21.37 11.19
C SER A 860 0.74 21.46 12.09
N MET A 861 0.95 21.59 13.40
CA MET A 861 -0.17 21.71 14.33
C MET A 861 -1.01 22.94 14.01
N GLN A 862 -0.34 24.07 13.76
CA GLN A 862 -1.02 25.33 13.55
C GLN A 862 -1.70 25.41 12.20
N MET A 863 -1.41 24.50 11.29
CA MET A 863 -2.18 24.45 10.05
C MET A 863 -3.28 23.40 10.09
N MET A 864 -3.15 22.33 10.86
CA MET A 864 -4.32 21.48 11.07
C MET A 864 -5.40 22.23 11.84
N LEU A 865 -5.02 22.99 12.87
CA LEU A 865 -6.04 23.75 13.58
C LEU A 865 -6.52 24.95 12.80
N LEU A 866 -6.08 25.15 11.57
CA LEU A 866 -6.66 26.14 10.68
C LEU A 866 -7.50 25.48 9.61
N ASP A 867 -7.08 24.31 9.15
CA ASP A 867 -7.90 23.52 8.25
C ASP A 867 -9.23 23.17 8.90
N ALA A 868 -9.21 22.90 10.21
CA ALA A 868 -10.46 22.64 10.91
C ALA A 868 -11.41 23.82 10.76
N ALA A 869 -10.92 25.03 11.02
CA ALA A 869 -11.78 26.20 10.95
C ALA A 869 -12.30 26.43 9.55
N VAL A 870 -11.44 26.27 8.55
CA VAL A 870 -11.88 26.48 7.17
C VAL A 870 -12.96 25.48 6.78
N TYR A 871 -12.76 24.20 7.14
CA TYR A 871 -13.74 23.19 6.78
C TYR A 871 -15.08 23.43 7.48
N GLY A 872 -15.05 23.78 8.76
CA GLY A 872 -16.29 24.02 9.47
C GLY A 872 -17.04 25.21 8.92
N LEU A 873 -16.35 26.33 8.71
CA LEU A 873 -17.02 27.53 8.26
C LEU A 873 -17.31 27.51 6.76
N LEU A 874 -16.84 26.51 6.04
CA LEU A 874 -17.32 26.31 4.69
C LEU A 874 -18.51 25.36 4.65
N ALA A 875 -18.50 24.34 5.51
CA ALA A 875 -19.62 23.41 5.60
C ALA A 875 -20.88 24.10 6.06
N TRP A 876 -20.76 25.02 7.02
CA TRP A 876 -21.94 25.71 7.52
C TRP A 876 -22.63 26.49 6.41
N TYR A 877 -21.88 27.30 5.68
CA TYR A 877 -22.46 28.06 4.59
C TYR A 877 -23.02 27.14 3.52
N LEU A 878 -22.23 26.18 3.08
CA LEU A 878 -22.69 25.29 2.01
C LEU A 878 -23.88 24.46 2.43
N ASP A 879 -24.12 24.32 3.73
CA ASP A 879 -25.36 23.72 4.19
C ASP A 879 -26.51 24.71 4.06
N GLN A 880 -26.27 25.97 4.41
CA GLN A 880 -27.33 26.98 4.29
C GLN A 880 -27.81 27.09 2.85
N VAL A 881 -26.88 27.15 1.90
CA VAL A 881 -27.26 27.35 0.51
C VAL A 881 -28.05 26.17 -0.02
N PHE A 882 -27.99 25.02 0.65
CA PHE A 882 -28.71 23.82 0.20
C PHE A 882 -29.68 23.28 1.27
N ASP A 936 -80.08 28.76 0.16
CA ASP A 936 -79.99 29.23 1.53
C ASP A 936 -78.54 29.33 1.97
N SER A 937 -78.32 29.56 3.26
CA SER A 937 -76.99 29.78 3.78
C SER A 937 -76.16 28.50 3.71
N PHE A 938 -74.85 28.68 3.86
CA PHE A 938 -73.91 27.57 3.93
C PHE A 938 -73.10 27.57 5.21
N PHE A 939 -72.79 28.74 5.74
CA PHE A 939 -72.20 28.82 7.07
C PHE A 939 -73.25 28.41 8.09
N GLU A 940 -72.89 28.45 9.36
CA GLU A 940 -73.81 27.97 10.38
C GLU A 940 -73.68 28.82 11.64
N ARG A 941 -74.73 28.80 12.45
CA ARG A 941 -74.81 29.61 13.66
C ARG A 941 -74.01 28.97 14.78
N GLU A 942 -73.31 29.81 15.55
CA GLU A 942 -72.29 29.35 16.47
C GLU A 942 -72.71 29.69 17.89
N HIS A 943 -72.86 28.67 18.72
CA HIS A 943 -73.40 28.85 20.06
C HIS A 943 -72.45 29.70 20.90
N PRO A 944 -72.95 30.71 21.60
CA PRO A 944 -72.09 31.51 22.48
C PRO A 944 -71.49 30.75 23.65
N GLY A 945 -72.04 29.59 23.99
CA GLY A 945 -71.46 28.77 25.05
C GLY A 945 -70.20 28.04 24.65
N TRP A 946 -69.53 28.49 23.60
CA TRP A 946 -68.27 27.92 23.15
C TRP A 946 -67.17 28.97 23.26
N VAL A 947 -66.05 28.61 23.90
CA VAL A 947 -64.92 29.53 23.98
C VAL A 947 -64.03 29.35 22.75
N PRO A 948 -63.85 30.40 21.96
CA PRO A 948 -63.07 30.28 20.73
C PRO A 948 -61.57 30.41 20.95
N GLY A 949 -60.92 29.30 21.28
CA GLY A 949 -59.49 29.29 21.47
C GLY A 949 -58.74 29.94 20.32
N VAL A 950 -58.72 29.29 19.17
CA VAL A 950 -58.04 29.81 18.00
C VAL A 950 -59.06 30.47 17.10
N CYS A 951 -58.75 31.68 16.64
CA CYS A 951 -59.65 32.42 15.76
C CYS A 951 -58.83 33.12 14.69
N VAL A 952 -59.32 33.04 13.46
CA VAL A 952 -58.63 33.55 12.30
C VAL A 952 -59.38 34.79 11.81
N LYS A 953 -58.64 35.87 11.57
CA LYS A 953 -59.22 37.15 11.17
C LYS A 953 -58.62 37.58 9.84
N ASN A 954 -59.16 37.06 8.75
CA ASN A 954 -58.86 37.53 7.40
C ASN A 954 -57.35 37.49 7.11
N LEU A 955 -56.82 36.28 7.03
CA LEU A 955 -55.43 36.10 6.62
C LEU A 955 -55.39 35.80 5.12
N VAL A 956 -54.55 36.54 4.40
CA VAL A 956 -54.32 36.34 2.98
C VAL A 956 -52.81 36.28 2.77
N LYS A 957 -52.38 35.58 1.72
CA LYS A 957 -50.96 35.45 1.44
C LYS A 957 -50.76 35.23 -0.05
N ILE A 958 -49.69 35.79 -0.58
CA ILE A 958 -49.30 35.56 -1.97
C ILE A 958 -47.82 35.90 -2.16
N ALA A 966 -53.89 33.22 -2.18
CA ALA A 966 -53.92 31.80 -1.87
C ALA A 966 -55.05 31.49 -0.89
N VAL A 967 -55.27 32.41 0.03
CA VAL A 967 -56.30 32.29 1.06
C VAL A 967 -57.05 33.62 1.15
N ASP A 968 -58.09 33.77 0.34
CA ASP A 968 -58.70 35.07 0.08
C ASP A 968 -59.88 35.27 1.04
N ARG A 969 -59.69 36.17 2.01
CA ARG A 969 -60.70 36.50 3.00
C ARG A 969 -61.13 35.25 3.80
N LEU A 970 -60.15 34.50 4.29
CA LEU A 970 -60.45 33.36 5.13
C LEU A 970 -60.77 33.82 6.54
N ASN A 971 -61.82 33.26 7.13
CA ASN A 971 -62.22 33.65 8.48
C ASN A 971 -62.94 32.47 9.13
N ILE A 972 -62.28 31.82 10.08
CA ILE A 972 -62.83 30.65 10.77
C ILE A 972 -62.33 30.67 12.20
N THR A 973 -63.12 30.09 13.09
CA THR A 973 -62.76 29.97 14.49
C THR A 973 -62.83 28.51 14.89
N PHE A 974 -61.75 28.00 15.46
CA PHE A 974 -61.72 26.66 16.02
C PHE A 974 -61.97 26.80 17.51
N TYR A 975 -62.87 25.98 18.04
CA TYR A 975 -63.32 26.18 19.41
C TYR A 975 -62.60 25.25 20.38
N GLU A 976 -63.02 25.30 21.64
CA GLU A 976 -62.49 24.40 22.65
C GLU A 976 -63.10 23.04 22.41
N ASN A 977 -63.07 22.16 23.42
CA ASN A 977 -63.04 20.73 23.16
C ASN A 977 -63.95 20.25 22.03
N GLN A 978 -63.30 19.90 20.93
CA GLN A 978 -63.98 19.68 19.66
C GLN A 978 -62.95 19.26 18.62
N ILE A 979 -63.25 18.26 17.81
CA ILE A 979 -62.37 17.92 16.69
C ILE A 979 -62.92 18.57 15.43
N THR A 980 -62.07 19.25 14.69
CA THR A 980 -62.47 19.92 13.46
C THR A 980 -61.80 19.24 12.28
N ALA A 981 -62.61 18.79 11.33
CA ALA A 981 -62.10 18.10 10.14
C ALA A 981 -61.95 19.14 9.05
N PHE A 982 -60.72 19.50 8.75
CA PHE A 982 -60.40 20.60 7.85
C PHE A 982 -60.16 20.03 6.47
N LEU A 983 -61.06 20.30 5.54
CA LEU A 983 -61.00 19.72 4.21
C LEU A 983 -60.33 20.70 3.24
N GLY A 984 -60.46 20.44 1.94
CA GLY A 984 -59.74 21.19 0.92
C GLY A 984 -58.92 20.24 0.07
N HIS A 985 -58.83 20.46 -1.23
CA HIS A 985 -58.38 19.38 -2.10
C HIS A 985 -56.96 18.90 -1.85
N ASN A 986 -55.94 19.71 -2.19
CA ASN A 986 -54.59 19.30 -1.86
C ASN A 986 -53.85 20.31 -1.00
N GLY A 987 -53.65 21.50 -1.54
CA GLY A 987 -52.96 22.57 -0.84
C GLY A 987 -53.49 23.93 -1.25
N ALA A 988 -54.59 23.93 -2.00
CA ALA A 988 -55.14 25.19 -2.50
C ALA A 988 -55.50 26.12 -1.36
N GLY A 989 -55.93 25.58 -0.22
CA GLY A 989 -56.09 26.40 0.96
C GLY A 989 -55.72 25.67 2.24
N LYS A 990 -55.34 24.39 2.13
CA LYS A 990 -55.11 23.56 3.29
C LYS A 990 -53.67 23.59 3.76
N THR A 991 -52.72 23.23 2.89
CA THR A 991 -51.31 23.20 3.28
C THR A 991 -50.84 24.60 3.68
N THR A 992 -51.18 25.60 2.87
CA THR A 992 -50.76 26.96 3.16
C THR A 992 -51.27 27.40 4.52
N THR A 993 -52.58 27.26 4.76
CA THR A 993 -53.15 27.71 6.01
C THR A 993 -52.57 26.96 7.20
N LEU A 994 -52.43 25.65 7.07
CA LEU A 994 -51.85 24.87 8.16
C LEU A 994 -50.43 25.30 8.45
N SER A 995 -49.68 25.75 7.44
CA SER A 995 -48.34 26.23 7.69
C SER A 995 -48.36 27.40 8.67
N ILE A 996 -49.17 28.42 8.38
CA ILE A 996 -49.24 29.58 9.27
C ILE A 996 -49.72 29.16 10.65
N LEU A 997 -50.76 28.34 10.72
CA LEU A 997 -51.25 27.89 12.02
C LEU A 997 -50.16 27.17 12.80
N THR A 998 -49.26 26.47 12.10
CA THR A 998 -48.15 25.83 12.79
C THR A 998 -47.10 26.85 13.23
N GLY A 999 -46.85 27.86 12.41
CA GLY A 999 -45.92 28.92 12.74
C GLY A 999 -44.70 29.01 11.85
N LEU A 1000 -44.60 28.17 10.82
CA LEU A 1000 -43.42 28.22 9.95
C LEU A 1000 -43.26 29.58 9.31
N LEU A 1001 -44.32 30.08 8.67
CA LEU A 1001 -44.15 31.24 7.81
C LEU A 1001 -45.18 32.31 8.16
N PRO A 1002 -44.85 33.57 7.91
CA PRO A 1002 -45.72 34.66 8.34
C PRO A 1002 -46.80 34.95 7.32
N PRO A 1003 -47.90 35.57 7.74
CA PRO A 1003 -48.96 35.93 6.80
C PRO A 1003 -48.62 37.15 5.97
N THR A 1004 -49.56 37.61 5.16
CA THR A 1004 -49.40 38.82 4.38
C THR A 1004 -50.36 39.93 4.77
N SER A 1005 -51.58 39.58 5.21
CA SER A 1005 -52.51 40.64 5.57
C SER A 1005 -53.05 40.52 6.99
N GLY A 1006 -53.48 39.32 7.40
CA GLY A 1006 -54.26 39.16 8.60
C GLY A 1006 -53.46 38.65 9.78
N THR A 1007 -54.18 38.34 10.86
CA THR A 1007 -53.60 37.91 12.11
C THR A 1007 -54.31 36.67 12.60
N VAL A 1008 -53.65 35.96 13.52
CA VAL A 1008 -54.15 34.73 14.11
C VAL A 1008 -53.96 34.80 15.60
N LEU A 1009 -54.93 34.29 16.35
CA LEU A 1009 -54.87 34.28 17.81
C LEU A 1009 -54.93 32.85 18.30
N VAL A 1010 -54.06 32.51 19.26
CA VAL A 1010 -54.03 31.17 19.81
C VAL A 1010 -54.58 31.10 21.22
N GLY A 1011 -54.29 32.07 22.07
CA GLY A 1011 -54.96 32.20 23.35
C GLY A 1011 -55.29 33.66 23.56
N GLY A 1012 -55.50 34.37 22.46
CA GLY A 1012 -55.59 35.81 22.49
C GLY A 1012 -54.26 36.52 22.28
N ARG A 1013 -53.33 35.91 21.57
CA ARG A 1013 -51.97 36.44 21.46
C ARG A 1013 -51.34 35.96 20.17
N ASP A 1014 -51.05 36.90 19.27
CA ASP A 1014 -50.60 36.54 17.93
C ASP A 1014 -49.27 35.82 17.96
N ILE A 1015 -49.08 34.92 17.00
CA ILE A 1015 -47.82 34.19 16.90
C ILE A 1015 -46.70 35.12 16.43
N GLU A 1016 -47.00 36.01 15.48
CA GLU A 1016 -45.96 36.88 14.94
C GLU A 1016 -45.38 37.80 16.00
N THR A 1017 -46.11 37.99 17.11
CA THR A 1017 -45.64 38.81 18.22
C THR A 1017 -45.00 37.99 19.33
N SER A 1018 -45.39 36.74 19.48
CA SER A 1018 -44.87 35.85 20.52
C SER A 1018 -44.44 34.52 19.92
N LEU A 1019 -43.68 34.60 18.82
CA LEU A 1019 -43.22 33.46 18.04
C LEU A 1019 -42.69 32.31 18.88
N ASP A 1020 -42.18 32.59 20.08
CA ASP A 1020 -41.56 31.58 20.92
C ASP A 1020 -42.52 30.97 21.92
N ALA A 1021 -43.11 31.80 22.79
CA ALA A 1021 -43.94 31.27 23.87
C ALA A 1021 -45.25 30.67 23.37
N VAL A 1022 -45.68 30.97 22.14
CA VAL A 1022 -46.87 30.33 21.60
C VAL A 1022 -46.56 28.92 21.14
N ARG A 1023 -45.32 28.64 20.73
CA ARG A 1023 -44.88 27.29 20.44
C ARG A 1023 -44.82 26.42 21.69
N GLN A 1024 -45.18 26.98 22.86
CA GLN A 1024 -45.29 26.16 24.06
C GLN A 1024 -46.54 25.30 24.03
N SER A 1025 -47.64 25.84 23.53
CA SER A 1025 -48.90 25.12 23.49
C SER A 1025 -49.11 24.35 22.20
N LEU A 1026 -48.63 24.88 21.08
CA LEU A 1026 -48.83 24.24 19.78
C LEU A 1026 -48.13 22.89 19.77
N GLY A 1027 -48.91 21.83 19.68
CA GLY A 1027 -48.37 20.55 19.27
C GLY A 1027 -48.51 20.38 17.77
N MET A 1028 -47.91 19.32 17.25
CA MET A 1028 -47.99 19.08 15.82
C MET A 1028 -47.44 17.70 15.53
N CYS A 1029 -47.92 17.09 14.44
CA CYS A 1029 -47.30 15.88 13.94
C CYS A 1029 -47.47 15.92 12.43
N PRO A 1030 -46.43 15.60 11.69
CA PRO A 1030 -46.52 15.67 10.23
C PRO A 1030 -46.91 14.33 9.63
N GLN A 1031 -47.05 14.29 8.31
CA GLN A 1031 -47.58 13.10 7.65
C GLN A 1031 -46.69 11.88 7.90
N HIS A 1032 -45.38 12.06 7.85
CA HIS A 1032 -44.43 10.98 8.09
C HIS A 1032 -44.28 10.72 9.58
N ASN A 1033 -43.63 9.61 9.92
CA ASN A 1033 -43.33 9.31 11.31
C ASN A 1033 -42.12 10.09 11.79
N ILE A 1034 -42.09 10.38 13.08
CA ILE A 1034 -40.95 11.07 13.70
C ILE A 1034 -40.46 10.16 14.82
N LEU A 1035 -39.56 9.24 14.47
CA LEU A 1035 -39.03 8.29 15.43
C LEU A 1035 -37.56 8.08 15.14
N PHE A 1036 -36.78 7.90 16.20
CA PHE A 1036 -35.36 7.61 16.08
C PHE A 1036 -35.16 6.11 16.15
N HIS A 1037 -34.44 5.56 15.18
CA HIS A 1037 -34.05 4.18 15.28
C HIS A 1037 -33.22 3.99 16.53
N HIS A 1038 -33.36 2.83 17.17
CA HIS A 1038 -32.57 2.48 18.35
C HIS A 1038 -32.87 3.37 19.55
N LEU A 1039 -34.11 3.81 19.72
CA LEU A 1039 -34.50 4.60 20.88
C LEU A 1039 -35.81 4.05 21.40
N THR A 1040 -35.84 3.65 22.67
CA THR A 1040 -37.01 2.99 23.21
C THR A 1040 -38.16 3.97 23.41
N VAL A 1041 -39.35 3.41 23.58
CA VAL A 1041 -40.58 4.22 23.55
C VAL A 1041 -40.57 5.25 24.67
N ALA A 1042 -40.30 4.80 25.91
CA ALA A 1042 -40.25 5.72 27.03
C ALA A 1042 -39.22 6.82 26.80
N GLU A 1043 -38.11 6.48 26.14
CA GLU A 1043 -37.13 7.50 25.81
C GLU A 1043 -37.68 8.52 24.82
N HIS A 1044 -38.53 8.09 23.89
CA HIS A 1044 -39.16 9.04 22.98
C HIS A 1044 -40.04 10.01 23.75
N MET A 1045 -40.86 9.47 24.65
CA MET A 1045 -41.75 10.34 25.41
C MET A 1045 -40.95 11.31 26.26
N LEU A 1046 -39.88 10.84 26.89
CA LEU A 1046 -39.07 11.73 27.73
C LEU A 1046 -38.36 12.79 26.89
N PHE A 1047 -37.77 12.39 25.76
CA PHE A 1047 -37.08 13.35 24.92
C PHE A 1047 -38.01 14.46 24.48
N TYR A 1048 -39.17 14.11 23.93
CA TYR A 1048 -40.03 15.14 23.40
C TYR A 1048 -40.80 15.90 24.47
N ALA A 1049 -40.96 15.31 25.66
CA ALA A 1049 -41.49 16.10 26.78
C ALA A 1049 -40.51 17.16 27.21
N GLN A 1050 -39.25 16.77 27.47
CA GLN A 1050 -38.27 17.70 27.98
C GLN A 1050 -37.88 18.75 26.96
N LEU A 1051 -38.00 18.44 25.67
CA LEU A 1051 -37.58 19.43 24.69
C LEU A 1051 -38.53 20.63 24.70
N LYS A 1052 -39.83 20.38 24.88
CA LYS A 1052 -40.79 21.48 24.96
C LYS A 1052 -40.56 22.34 26.18
N GLY A 1053 -39.82 21.83 27.16
CA GLY A 1053 -39.53 22.56 28.38
C GLY A 1053 -40.19 21.89 29.57
N LYS A 1054 -39.42 21.06 30.27
CA LYS A 1054 -39.89 20.36 31.45
C LYS A 1054 -38.66 19.81 32.18
N SER A 1055 -38.83 19.57 33.47
CA SER A 1055 -37.78 18.89 34.22
C SER A 1055 -38.03 17.40 34.20
N GLN A 1056 -36.98 16.65 34.54
CA GLN A 1056 -37.06 15.20 34.44
C GLN A 1056 -38.16 14.63 35.33
N GLU A 1057 -38.50 15.31 36.42
CA GLU A 1057 -39.52 14.81 37.34
C GLU A 1057 -40.90 14.81 36.68
N GLU A 1058 -41.35 15.99 36.27
CA GLU A 1058 -42.66 16.13 35.62
C GLU A 1058 -42.69 15.38 34.30
N ALA A 1059 -41.57 15.37 33.58
CA ALA A 1059 -41.51 14.61 32.34
C ALA A 1059 -41.74 13.13 32.60
N GLN A 1060 -41.13 12.58 33.64
CA GLN A 1060 -41.34 11.18 33.99
C GLN A 1060 -42.78 10.93 34.42
N LEU A 1061 -43.36 11.84 35.19
CA LEU A 1061 -44.75 11.68 35.62
C LEU A 1061 -45.68 11.65 34.42
N GLU A 1062 -45.51 12.60 33.50
CA GLU A 1062 -46.35 12.68 32.32
C GLU A 1062 -46.16 11.46 31.43
N MET A 1063 -44.91 11.00 31.27
CA MET A 1063 -44.68 9.79 30.51
C MET A 1063 -45.42 8.62 31.12
N GLU A 1064 -45.45 8.53 32.44
CA GLU A 1064 -46.13 7.39 33.05
C GLU A 1064 -47.64 7.49 32.83
N ALA A 1065 -48.20 8.71 32.88
CA ALA A 1065 -49.61 8.86 32.56
C ALA A 1065 -49.89 8.45 31.11
N MET A 1066 -49.02 8.88 30.19
CA MET A 1066 -49.26 8.65 28.77
C MET A 1066 -49.11 7.18 28.42
N LEU A 1067 -48.15 6.48 29.02
CA LEU A 1067 -47.97 5.06 28.73
C LEU A 1067 -49.16 4.24 29.18
N GLU A 1068 -50.00 4.78 30.06
CA GLU A 1068 -51.21 4.09 30.49
C GLU A 1068 -52.41 4.48 29.65
N ASP A 1069 -52.49 5.75 29.25
CA ASP A 1069 -53.59 6.17 28.39
C ASP A 1069 -53.44 5.67 26.97
N THR A 1070 -52.22 5.34 26.54
CA THR A 1070 -51.99 4.96 25.16
C THR A 1070 -52.10 3.46 24.92
N GLY A 1071 -52.25 2.65 25.96
CA GLY A 1071 -52.29 1.23 25.75
C GLY A 1071 -51.00 0.63 25.22
N LEU A 1072 -49.86 1.17 25.64
CA LEU A 1072 -48.54 0.64 25.31
C LEU A 1072 -47.70 0.45 26.57
N HIS A 1073 -48.35 0.17 27.70
CA HIS A 1073 -47.59 -0.09 28.92
C HIS A 1073 -46.78 -1.36 28.79
N HIS A 1074 -47.37 -2.40 28.21
CA HIS A 1074 -46.54 -3.50 27.75
C HIS A 1074 -45.70 -3.02 26.59
N LYS A 1075 -44.60 -3.71 26.33
CA LYS A 1075 -43.61 -3.32 25.32
C LYS A 1075 -43.27 -1.83 25.42
N ARG A 1076 -43.02 -1.38 26.65
CA ARG A 1076 -42.60 0.00 26.85
C ARG A 1076 -41.12 0.19 26.58
N ASN A 1077 -40.29 -0.82 26.83
CA ASN A 1077 -38.85 -0.73 26.63
C ASN A 1077 -38.40 -1.33 25.31
N GLU A 1078 -39.30 -1.41 24.35
CA GLU A 1078 -38.95 -1.97 23.05
C GLU A 1078 -38.30 -0.93 22.16
N GLU A 1079 -37.63 -1.40 21.12
CA GLU A 1079 -37.01 -0.51 20.15
C GLU A 1079 -38.06 0.16 19.30
N ALA A 1080 -37.78 1.40 18.90
CA ALA A 1080 -38.75 2.15 18.11
C ALA A 1080 -38.97 1.53 16.75
N GLN A 1081 -38.00 0.79 16.22
CA GLN A 1081 -38.24 -0.02 15.05
C GLN A 1081 -39.03 -1.25 15.49
N ASP A 1082 -39.08 -2.29 14.65
CA ASP A 1082 -39.58 -3.61 15.03
C ASP A 1082 -40.94 -3.56 15.73
N LEU A 1083 -41.61 -2.42 15.68
CA LEU A 1083 -43.00 -2.31 16.07
C LEU A 1083 -43.88 -2.66 14.87
N SER A 1084 -45.15 -2.92 15.16
CA SER A 1084 -46.02 -3.50 14.14
C SER A 1084 -46.17 -2.59 12.92
N GLY A 1085 -46.05 -1.28 13.09
CA GLY A 1085 -46.23 -0.35 12.01
C GLY A 1085 -47.51 0.45 12.07
N GLY A 1086 -48.52 -0.03 12.77
CA GLY A 1086 -49.67 0.80 13.04
C GLY A 1086 -49.43 1.53 14.35
N MET A 1087 -48.81 0.83 15.29
CA MET A 1087 -48.45 1.44 16.55
C MET A 1087 -47.23 2.35 16.44
N GLN A 1088 -46.45 2.28 15.36
CA GLN A 1088 -45.52 3.35 15.09
C GLN A 1088 -46.26 4.66 14.84
N ARG A 1089 -47.34 4.60 14.07
CA ARG A 1089 -48.18 5.79 13.85
C ARG A 1089 -48.88 6.20 15.13
N LYS A 1090 -49.30 5.23 15.95
CA LYS A 1090 -49.92 5.55 17.22
C LYS A 1090 -48.96 6.32 18.11
N LEU A 1091 -47.71 5.89 18.18
CA LEU A 1091 -46.71 6.62 18.96
C LEU A 1091 -46.44 7.99 18.36
N SER A 1092 -46.34 8.07 17.03
CA SER A 1092 -46.06 9.35 16.40
C SER A 1092 -47.18 10.36 16.57
N VAL A 1093 -48.42 9.92 16.79
CA VAL A 1093 -49.47 10.88 17.10
C VAL A 1093 -49.68 11.06 18.60
N ALA A 1094 -49.23 10.11 19.41
CA ALA A 1094 -49.25 10.33 20.86
C ALA A 1094 -48.21 11.36 21.26
N ILE A 1095 -47.14 11.49 20.48
CA ILE A 1095 -46.11 12.47 20.83
C ILE A 1095 -46.60 13.90 20.65
N ALA A 1096 -47.54 14.15 19.74
CA ALA A 1096 -47.94 15.54 19.54
C ALA A 1096 -48.70 16.11 20.73
N PHE A 1097 -49.14 15.28 21.67
CA PHE A 1097 -49.92 15.72 22.81
C PHE A 1097 -49.08 15.98 24.05
N VAL A 1098 -47.77 15.84 23.95
CA VAL A 1098 -46.91 15.73 25.12
C VAL A 1098 -46.65 17.11 25.70
N GLY A 1099 -46.42 17.17 27.01
CA GLY A 1099 -46.39 18.44 27.71
C GLY A 1099 -47.80 18.86 28.08
N ASP A 1100 -48.11 20.13 27.88
CA ASP A 1100 -49.46 20.66 28.05
C ASP A 1100 -49.81 21.38 26.76
N ALA A 1101 -50.46 20.67 25.85
CA ALA A 1101 -50.71 21.16 24.51
C ALA A 1101 -52.17 21.61 24.41
N LYS A 1102 -52.39 22.92 24.48
CA LYS A 1102 -53.74 23.46 24.37
C LYS A 1102 -54.25 23.43 22.94
N VAL A 1103 -53.38 23.41 21.96
CA VAL A 1103 -53.77 23.33 20.56
C VAL A 1103 -52.96 22.22 19.91
N VAL A 1104 -53.64 21.34 19.18
CA VAL A 1104 -52.97 20.26 18.47
C VAL A 1104 -53.38 20.30 17.02
N ILE A 1105 -52.41 20.36 16.13
CA ILE A 1105 -52.63 20.26 14.69
C ILE A 1105 -51.97 18.98 14.22
N LEU A 1106 -52.70 18.17 13.47
CA LEU A 1106 -52.16 16.92 12.98
C LEU A 1106 -52.88 16.54 11.70
N ASP A 1107 -52.11 16.26 10.65
CA ASP A 1107 -52.66 16.05 9.32
C ASP A 1107 -52.48 14.61 8.90
N GLU A 1108 -53.59 13.99 8.49
CA GLU A 1108 -53.67 12.58 8.12
C GLU A 1108 -52.98 11.74 9.17
N PRO A 1109 -53.55 11.64 10.36
CA PRO A 1109 -52.91 10.85 11.41
C PRO A 1109 -53.02 9.35 11.21
N THR A 1110 -53.99 8.88 10.45
CA THR A 1110 -54.27 7.46 10.35
C THR A 1110 -54.07 6.92 8.94
N SER A 1111 -53.25 7.57 8.14
CA SER A 1111 -53.08 7.15 6.75
C SER A 1111 -52.26 5.88 6.69
N GLY A 1112 -52.82 4.83 6.09
CA GLY A 1112 -52.06 3.64 5.78
C GLY A 1112 -52.00 2.58 6.85
N VAL A 1113 -52.96 2.53 7.76
CA VAL A 1113 -53.01 1.49 8.76
C VAL A 1113 -54.28 0.68 8.57
N ASP A 1114 -54.24 -0.57 9.01
CA ASP A 1114 -55.38 -1.46 8.82
C ASP A 1114 -56.58 -1.00 9.64
N PRO A 1115 -57.78 -1.36 9.20
CA PRO A 1115 -58.99 -0.81 9.85
C PRO A 1115 -59.07 -1.07 11.34
N TYR A 1116 -58.30 -2.00 11.88
CA TYR A 1116 -58.39 -2.21 13.33
C TYR A 1116 -57.51 -1.23 14.10
N SER A 1117 -56.49 -0.67 13.46
CA SER A 1117 -55.63 0.29 14.14
C SER A 1117 -56.15 1.71 14.05
N ARG A 1118 -56.96 2.01 13.04
CA ARG A 1118 -57.61 3.32 12.98
C ARG A 1118 -58.48 3.54 14.20
N ARG A 1119 -59.21 2.51 14.63
CA ARG A 1119 -60.05 2.66 15.82
C ARG A 1119 -59.19 2.85 17.06
N SER A 1120 -58.08 2.12 17.14
CA SER A 1120 -57.19 2.27 18.28
C SER A 1120 -56.63 3.67 18.35
N ILE A 1121 -56.39 4.30 17.20
CA ILE A 1121 -55.94 5.68 17.19
C ILE A 1121 -57.08 6.62 17.55
N TRP A 1122 -58.25 6.40 16.97
CA TRP A 1122 -59.39 7.26 17.24
C TRP A 1122 -59.72 7.31 18.72
N ASP A 1123 -59.47 6.21 19.43
CA ASP A 1123 -59.70 6.22 20.88
C ASP A 1123 -58.88 7.31 21.54
N LEU A 1124 -57.60 7.43 21.17
CA LEU A 1124 -56.74 8.47 21.73
C LEU A 1124 -57.35 9.84 21.54
N LEU A 1125 -57.73 10.16 20.30
CA LEU A 1125 -58.24 11.50 20.02
C LEU A 1125 -59.53 11.75 20.76
N LEU A 1126 -60.38 10.75 20.89
CA LEU A 1126 -61.62 10.93 21.63
C LEU A 1126 -61.39 11.00 23.12
N LYS A 1127 -60.20 10.64 23.58
CA LYS A 1127 -59.88 10.70 25.00
C LYS A 1127 -59.23 12.00 25.40
N TYR A 1128 -58.26 12.49 24.62
CA TYR A 1128 -57.60 13.75 24.91
C TYR A 1128 -58.38 14.94 24.40
N ARG A 1129 -59.62 14.74 24.00
CA ARG A 1129 -60.44 15.80 23.43
C ARG A 1129 -60.97 16.74 24.48
N SER A 1130 -60.75 16.42 25.76
CA SER A 1130 -61.46 17.01 26.89
C SER A 1130 -61.26 18.51 27.04
N GLY A 1131 -60.03 18.99 27.01
CA GLY A 1131 -59.79 20.37 27.36
C GLY A 1131 -58.93 21.15 26.40
N ARG A 1132 -58.69 20.60 25.22
CA ARG A 1132 -57.83 21.22 24.22
C ARG A 1132 -58.48 21.12 22.85
N THR A 1133 -58.21 22.09 22.00
CA THR A 1133 -58.72 22.05 20.65
C THR A 1133 -57.82 21.19 19.77
N ILE A 1134 -58.42 20.52 18.80
CA ILE A 1134 -57.72 19.61 17.90
C ILE A 1134 -58.16 19.89 16.47
N ILE A 1135 -57.20 19.94 15.55
CA ILE A 1135 -57.50 20.16 14.15
C ILE A 1135 -56.98 18.96 13.38
N MET A 1136 -57.76 18.48 12.42
CA MET A 1136 -57.51 17.17 11.82
C MET A 1136 -57.69 17.24 10.31
N SER A 1137 -56.63 17.59 9.60
CA SER A 1137 -56.65 17.50 8.15
C SER A 1137 -56.65 16.03 7.74
N THR A 1138 -57.39 15.73 6.68
CA THR A 1138 -57.57 14.34 6.27
C THR A 1138 -58.07 14.29 4.83
N HIS A 1139 -58.13 13.09 4.28
CA HIS A 1139 -58.79 12.84 3.01
C HIS A 1139 -59.69 11.61 3.01
N HIS A 1140 -59.53 10.68 3.96
CA HIS A 1140 -60.53 9.64 4.13
C HIS A 1140 -61.84 10.30 4.52
N MET A 1141 -62.91 10.01 3.80
CA MET A 1141 -64.13 10.79 3.97
C MET A 1141 -65.02 10.23 5.06
N ASP A 1142 -64.95 8.93 5.34
CA ASP A 1142 -65.75 8.39 6.43
C ASP A 1142 -65.15 8.73 7.79
N GLU A 1143 -63.82 8.89 7.85
CA GLU A 1143 -63.16 9.26 9.10
C GLU A 1143 -63.59 10.64 9.55
N ALA A 1144 -63.88 11.53 8.62
CA ALA A 1144 -64.35 12.85 9.01
C ALA A 1144 -65.73 12.83 9.59
N ASP A 1145 -66.44 11.70 9.54
CA ASP A 1145 -67.82 11.63 10.00
C ASP A 1145 -67.96 10.74 11.23
N LEU A 1146 -67.39 9.54 11.22
CA LEU A 1146 -67.49 8.68 12.40
C LEU A 1146 -66.92 9.39 13.63
N LEU A 1147 -65.91 10.22 13.45
CA LEU A 1147 -65.53 11.22 14.43
C LEU A 1147 -65.37 12.55 13.72
N GLY A 1148 -65.48 13.63 14.47
CA GLY A 1148 -65.48 14.94 13.89
C GLY A 1148 -66.71 15.68 14.35
N ASP A 1149 -66.54 16.87 14.90
CA ASP A 1149 -67.66 17.61 15.46
C ASP A 1149 -68.03 18.82 14.63
N ARG A 1150 -67.13 19.32 13.82
CA ARG A 1150 -67.43 20.37 12.85
C ARG A 1150 -66.67 20.05 11.59
N ILE A 1151 -67.07 20.67 10.49
CA ILE A 1151 -66.42 20.43 9.21
C ILE A 1151 -66.22 21.78 8.54
N ALA A 1152 -65.14 21.90 7.78
CA ALA A 1152 -64.86 23.10 7.01
C ALA A 1152 -64.34 22.70 5.65
N ILE A 1153 -64.84 23.34 4.60
CA ILE A 1153 -64.42 23.04 3.23
C ILE A 1153 -63.82 24.30 2.62
N ILE A 1154 -62.62 24.17 2.08
CA ILE A 1154 -61.89 25.28 1.49
C ILE A 1154 -61.96 25.14 -0.03
N ALA A 1155 -62.82 25.93 -0.66
CA ALA A 1155 -63.14 25.68 -2.07
C ALA A 1155 -62.00 26.11 -2.99
N GLN A 1156 -61.72 27.41 -3.05
CA GLN A 1156 -60.65 27.95 -3.89
C GLN A 1156 -59.88 29.02 -3.13
N GLY A 1157 -59.71 28.81 -1.82
CA GLY A 1157 -59.07 29.77 -0.97
C GLY A 1157 -59.95 30.41 0.08
N ARG A 1158 -61.19 29.95 0.22
CA ARG A 1158 -62.12 30.53 1.16
C ARG A 1158 -63.03 29.43 1.71
N LEU A 1159 -63.54 29.64 2.91
CA LEU A 1159 -64.57 28.75 3.42
C LEU A 1159 -65.81 28.85 2.54
N TYR A 1160 -66.25 27.72 2.01
CA TYR A 1160 -67.47 27.71 1.24
C TYR A 1160 -68.62 27.04 1.98
N CYS A 1161 -68.30 26.23 2.99
CA CYS A 1161 -69.29 25.72 3.93
C CYS A 1161 -68.64 25.50 5.29
N SER A 1162 -69.47 25.22 6.28
CA SER A 1162 -69.01 24.83 7.60
C SER A 1162 -70.22 24.27 8.35
N GLY A 1163 -69.96 23.71 9.52
CA GLY A 1163 -71.01 23.25 10.40
C GLY A 1163 -70.91 21.77 10.67
N THR A 1164 -71.84 21.27 11.46
CA THR A 1164 -71.89 19.87 11.82
C THR A 1164 -72.31 19.03 10.63
N PRO A 1165 -72.01 17.73 10.64
CA PRO A 1165 -72.36 16.89 9.48
C PRO A 1165 -73.85 16.90 9.13
N LEU A 1166 -74.73 16.91 10.13
CA LEU A 1166 -76.16 16.92 9.84
C LEU A 1166 -76.56 18.21 9.14
N PHE A 1167 -76.04 19.34 9.63
CA PHE A 1167 -76.32 20.62 8.98
C PHE A 1167 -75.92 20.58 7.52
N LEU A 1168 -74.76 19.98 7.22
CA LEU A 1168 -74.29 19.90 5.85
C LEU A 1168 -75.13 18.94 5.02
N LYS A 1169 -75.61 17.85 5.60
CA LYS A 1169 -76.49 16.95 4.87
C LYS A 1169 -77.77 17.67 4.49
N ASN A 1170 -78.32 18.46 5.41
CA ASN A 1170 -79.59 19.13 5.13
C ASN A 1170 -79.42 20.31 4.20
N CYS A 1171 -78.27 20.99 4.25
CA CYS A 1171 -78.05 22.12 3.36
C CYS A 1171 -78.02 21.73 1.90
N PHE A 1172 -77.79 20.45 1.59
CA PHE A 1172 -77.78 19.97 0.22
C PHE A 1172 -78.85 18.92 -0.04
N GLY A 1173 -79.08 18.03 0.92
CA GLY A 1173 -80.31 17.25 0.99
C GLY A 1173 -80.79 16.52 -0.24
N THR A 1174 -80.05 15.51 -0.69
CA THR A 1174 -80.58 14.54 -1.62
C THR A 1174 -80.99 13.29 -0.85
N GLY A 1175 -81.79 12.46 -1.50
CA GLY A 1175 -82.59 11.46 -0.80
C GLY A 1175 -81.84 10.29 -0.20
N LEU A 1176 -82.57 9.22 0.03
CA LEU A 1176 -82.11 8.00 0.65
C LEU A 1176 -81.75 6.98 -0.44
N TYR A 1177 -81.02 5.95 -0.05
CA TYR A 1177 -80.50 4.96 -0.98
C TYR A 1177 -80.96 3.57 -0.55
N LEU A 1178 -82.11 3.12 -1.06
CA LEU A 1178 -82.63 1.81 -0.68
C LEU A 1178 -81.96 0.72 -1.52
N THR A 1179 -81.21 -0.15 -0.86
CA THR A 1179 -80.54 -1.26 -1.53
C THR A 1179 -81.36 -2.53 -1.40
N LEU A 1180 -81.45 -3.30 -2.49
CA LEU A 1180 -82.24 -4.54 -2.54
C LEU A 1180 -81.34 -5.60 -3.16
N VAL A 1181 -81.19 -6.74 -2.48
CA VAL A 1181 -80.30 -7.80 -2.93
C VAL A 1181 -81.10 -9.06 -3.21
N ARG A 1182 -80.89 -9.64 -4.39
CA ARG A 1182 -81.60 -10.84 -4.79
C ARG A 1182 -80.75 -12.08 -4.58
N LYS A 1183 -81.41 -13.18 -4.25
CA LYS A 1183 -80.70 -14.45 -4.02
C LYS A 1183 -80.66 -15.26 -5.30
N MET A 1184 -80.26 -16.52 -5.18
CA MET A 1184 -80.16 -17.41 -6.33
C MET A 1184 -80.76 -18.76 -5.97
N LYS A 1185 -81.17 -19.51 -7.01
CA LYS A 1185 -81.78 -20.81 -6.83
C LYS A 1185 -81.32 -21.84 -7.86
N GLN A 1220 -76.69 -21.17 -12.65
CA GLN A 1220 -76.94 -20.12 -11.66
C GLN A 1220 -78.35 -19.58 -11.79
N VAL A 1221 -78.49 -18.49 -12.55
CA VAL A 1221 -79.79 -17.84 -12.78
C VAL A 1221 -80.53 -17.56 -11.47
N LEU A 1222 -79.97 -16.65 -10.67
CA LEU A 1222 -80.54 -16.28 -9.38
C LEU A 1222 -81.91 -15.63 -9.50
N ASP A 1223 -81.93 -14.34 -9.85
CA ASP A 1223 -83.18 -13.60 -9.99
C ASP A 1223 -82.98 -12.35 -10.84
N GLY A 1224 -84.00 -11.51 -10.90
CA GLY A 1224 -83.93 -10.28 -11.67
C GLY A 1224 -85.23 -9.90 -12.35
N ASP A 1225 -86.28 -9.72 -11.56
CA ASP A 1225 -87.57 -9.34 -12.09
C ASP A 1225 -88.00 -7.96 -11.58
N VAL A 1226 -87.58 -6.92 -12.28
CA VAL A 1226 -87.91 -5.56 -11.90
C VAL A 1226 -89.40 -5.31 -12.07
N ASN A 1227 -90.03 -6.16 -12.89
CA ASN A 1227 -91.46 -6.04 -13.14
C ASN A 1227 -92.24 -6.07 -11.83
N GLU A 1228 -91.92 -7.04 -10.98
CA GLU A 1228 -92.58 -7.17 -9.70
C GLU A 1228 -91.82 -6.43 -8.61
N LEU A 1229 -90.67 -5.87 -8.98
CA LEU A 1229 -89.85 -5.13 -8.03
C LEU A 1229 -90.18 -3.64 -8.09
N MET A 1230 -90.36 -3.12 -9.30
CA MET A 1230 -90.69 -1.71 -9.49
C MET A 1230 -92.17 -1.49 -9.21
N ASP A 1231 -92.94 -2.56 -9.38
CA ASP A 1231 -94.38 -2.52 -9.14
C ASP A 1231 -94.70 -2.27 -7.67
N VAL A 1232 -93.87 -2.82 -6.79
CA VAL A 1232 -94.07 -2.65 -5.35
C VAL A 1232 -93.82 -1.20 -4.94
N VAL A 1233 -92.86 -0.56 -5.60
CA VAL A 1233 -92.53 0.83 -5.30
C VAL A 1233 -93.24 1.79 -6.26
N LEU A 1234 -94.16 1.25 -7.06
CA LEU A 1234 -94.93 2.04 -8.01
C LEU A 1234 -96.14 2.64 -7.32
N HIS A 1235 -96.52 2.05 -6.18
CA HIS A 1235 -97.67 2.52 -5.42
C HIS A 1235 -97.34 3.80 -4.65
N HIS A 1236 -96.06 4.00 -4.39
CA HIS A 1236 -95.58 5.17 -3.67
C HIS A 1236 -94.39 5.78 -4.40
N VAL A 1237 -94.34 5.57 -5.71
CA VAL A 1237 -93.26 6.09 -6.54
C VAL A 1237 -93.07 7.59 -6.33
N PRO A 1238 -91.84 7.99 -5.98
CA PRO A 1238 -91.47 9.39 -5.76
C PRO A 1238 -90.93 10.02 -7.03
N GLU A 1239 -89.60 10.11 -7.14
CA GLU A 1239 -88.97 10.69 -8.32
C GLU A 1239 -88.03 9.69 -8.97
N ALA A 1240 -86.75 10.05 -9.09
CA ALA A 1240 -85.76 9.18 -9.69
C ALA A 1240 -85.74 7.84 -8.97
N LYS A 1241 -85.72 6.75 -9.73
CA LYS A 1241 -85.72 5.42 -9.15
C LYS A 1241 -84.41 4.67 -9.35
N LEU A 1242 -84.48 3.55 -10.05
CA LEU A 1242 -83.33 2.70 -10.30
C LEU A 1242 -82.13 3.47 -10.85
N VAL A 1243 -81.04 3.47 -10.09
CA VAL A 1243 -79.82 4.15 -10.49
C VAL A 1243 -78.72 3.13 -10.80
N GLU A 1244 -78.98 1.88 -10.46
CA GLU A 1244 -78.03 0.79 -10.71
C GLU A 1244 -78.75 -0.54 -10.66
N CYS A 1245 -78.03 -1.62 -10.97
CA CYS A 1245 -78.60 -2.96 -10.95
C CYS A 1245 -77.51 -4.02 -11.01
N ILE A 1246 -76.27 -3.58 -10.91
CA ILE A 1246 -75.13 -4.50 -10.94
C ILE A 1246 -75.58 -5.91 -10.58
N GLY A 1247 -74.71 -6.89 -10.82
CA GLY A 1247 -75.00 -8.28 -10.53
C GLY A 1247 -75.60 -8.55 -9.17
N GLN A 1248 -76.75 -9.21 -9.17
CA GLN A 1248 -77.45 -9.56 -7.94
C GLN A 1248 -77.61 -8.40 -6.96
N GLU A 1249 -78.01 -7.24 -7.47
CA GLU A 1249 -78.21 -6.07 -6.63
C GLU A 1249 -79.30 -5.21 -7.24
N LEU A 1250 -79.80 -4.23 -6.48
CA LEU A 1250 -80.84 -3.34 -6.98
C LEU A 1250 -80.91 -2.04 -6.20
N ILE A 1251 -79.85 -1.24 -6.29
CA ILE A 1251 -79.82 0.04 -5.59
C ILE A 1251 -80.90 0.98 -6.12
N PHE A 1252 -81.45 1.80 -5.22
CA PHE A 1252 -82.50 2.74 -5.61
C PHE A 1252 -82.17 4.13 -5.10
N LEU A 1253 -83.11 5.06 -5.27
CA LEU A 1253 -82.93 6.43 -4.82
C LEU A 1253 -84.28 7.13 -4.66
N LEU A 1254 -84.58 7.54 -3.44
CA LEU A 1254 -85.84 8.21 -3.15
C LEU A 1254 -85.62 9.42 -2.25
N PRO A 1255 -86.49 10.44 -2.38
CA PRO A 1255 -86.42 11.66 -1.57
C PRO A 1255 -87.06 11.49 -0.20
N ASN A 1256 -87.08 12.56 0.59
CA ASN A 1256 -87.66 12.50 1.92
C ASN A 1256 -87.98 13.89 1.40
N LYS A 1257 -88.87 14.60 2.07
CA LYS A 1257 -89.26 15.94 1.63
C LYS A 1257 -90.70 15.62 2.04
N ASN A 1258 -91.39 16.64 2.55
CA ASN A 1258 -92.77 16.53 2.98
C ASN A 1258 -93.05 15.37 3.94
N PHE A 1259 -92.15 15.18 4.92
CA PHE A 1259 -92.27 14.12 5.92
C PHE A 1259 -92.68 12.74 5.38
N LYS A 1260 -93.99 12.55 5.25
CA LYS A 1260 -94.57 11.30 4.75
C LYS A 1260 -94.02 10.09 5.49
N HIS A 1261 -94.02 10.17 6.82
CA HIS A 1261 -93.54 9.07 7.66
C HIS A 1261 -94.31 7.79 7.35
N ARG A 1262 -95.63 7.90 7.29
CA ARG A 1262 -96.48 6.75 6.99
C ARG A 1262 -96.10 6.14 5.65
N ALA A 1263 -95.93 7.01 4.64
CA ALA A 1263 -95.54 6.57 3.30
C ALA A 1263 -94.30 5.69 3.37
N TYR A 1264 -93.21 6.27 3.85
CA TYR A 1264 -91.96 5.53 3.97
C TYR A 1264 -92.11 4.45 5.03
N ALA A 1265 -92.50 4.87 6.22
CA ALA A 1265 -92.69 3.94 7.34
C ALA A 1265 -93.44 2.68 6.93
N SER A 1266 -94.52 2.86 6.17
CA SER A 1266 -95.32 1.74 5.71
C SER A 1266 -94.56 0.84 4.74
N LEU A 1267 -93.74 1.45 3.90
CA LEU A 1267 -92.96 0.71 2.91
C LEU A 1267 -92.09 -0.36 3.56
N PHE A 1268 -91.11 0.06 4.35
CA PHE A 1268 -90.20 -0.86 5.01
C PHE A 1268 -90.98 -1.89 5.84
N ARG A 1269 -91.94 -1.42 6.62
CA ARG A 1269 -92.76 -2.29 7.46
C ARG A 1269 -93.39 -3.40 6.63
N GLU A 1270 -94.11 -3.03 5.58
CA GLU A 1270 -94.76 -4.00 4.70
C GLU A 1270 -93.73 -4.88 4.01
N LEU A 1271 -92.62 -4.28 3.59
CA LEU A 1271 -91.56 -5.01 2.92
C LEU A 1271 -90.98 -6.13 3.78
N GLU A 1272 -90.82 -5.86 5.06
CA GLU A 1272 -90.28 -6.83 6.01
C GLU A 1272 -90.94 -8.20 5.93
N GLU A 1273 -92.27 -8.21 5.91
CA GLU A 1273 -93.02 -9.47 5.84
C GLU A 1273 -93.23 -9.99 4.42
N THR A 1274 -93.19 -9.09 3.44
CA THR A 1274 -93.37 -9.48 2.05
C THR A 1274 -92.03 -9.63 1.32
N LEU A 1275 -90.98 -9.83 2.09
CA LEU A 1275 -89.63 -9.98 1.55
C LEU A 1275 -89.41 -11.35 0.93
N ALA A 1276 -89.31 -12.37 1.79
CA ALA A 1276 -89.06 -13.73 1.36
C ALA A 1276 -89.99 -14.21 0.25
N ASP A 1277 -91.04 -13.44 -0.04
CA ASP A 1277 -91.98 -13.84 -1.08
C ASP A 1277 -91.46 -13.46 -2.46
N LEU A 1278 -90.88 -12.26 -2.57
CA LEU A 1278 -90.35 -11.76 -3.83
C LEU A 1278 -89.11 -12.52 -4.25
N GLY A 1279 -88.16 -12.68 -3.34
CA GLY A 1279 -86.93 -13.40 -3.63
C GLY A 1279 -85.69 -12.76 -3.05
N LEU A 1280 -85.84 -11.54 -2.53
CA LEU A 1280 -84.72 -10.82 -1.94
C LEU A 1280 -84.30 -11.44 -0.61
N SER A 1281 -83.06 -11.21 -0.22
CA SER A 1281 -82.54 -11.74 1.03
C SER A 1281 -82.68 -10.72 2.16
N SER A 1282 -82.35 -9.47 1.86
CA SER A 1282 -82.45 -8.40 2.83
C SER A 1282 -82.48 -7.04 2.16
N PHE A 1283 -82.52 -5.98 2.95
CA PHE A 1283 -82.55 -4.63 2.41
C PHE A 1283 -82.03 -3.62 3.42
N GLY A 1284 -81.44 -2.55 2.91
CA GLY A 1284 -80.89 -1.51 3.76
C GLY A 1284 -81.47 -0.16 3.38
N ILE A 1285 -80.96 0.90 3.98
CA ILE A 1285 -81.44 2.24 3.70
C ILE A 1285 -80.42 3.27 4.16
N SER A 1286 -79.31 3.35 3.45
CA SER A 1286 -78.25 4.29 3.80
C SER A 1286 -78.60 5.73 3.44
N ASP A 1287 -77.84 6.67 3.98
CA ASP A 1287 -78.05 8.09 3.73
C ASP A 1287 -77.23 8.54 2.52
N THR A 1288 -76.52 9.64 2.67
CA THR A 1288 -75.69 10.16 1.60
C THR A 1288 -74.21 10.15 2.00
N PRO A 1289 -73.38 9.49 1.19
CA PRO A 1289 -71.95 9.43 1.49
C PRO A 1289 -71.43 10.85 1.68
N LEU A 1290 -70.44 11.03 2.56
CA LEU A 1290 -69.88 12.34 2.81
C LEU A 1290 -69.02 12.80 1.65
N GLU A 1291 -68.43 11.85 0.93
CA GLU A 1291 -67.56 12.14 -0.22
C GLU A 1291 -68.32 12.69 -1.42
N GLU A 1292 -69.61 12.38 -1.52
CA GLU A 1292 -70.42 12.86 -2.63
C GLU A 1292 -70.89 14.29 -2.36
N ILE A 1293 -70.87 14.69 -1.09
CA ILE A 1293 -71.26 16.04 -0.70
C ILE A 1293 -70.09 16.98 -0.89
N PHE A 1294 -68.89 16.44 -0.82
CA PHE A 1294 -67.68 17.24 -0.99
C PHE A 1294 -67.21 17.22 -2.42
N LEU A 1295 -67.65 16.22 -3.17
CA LEU A 1295 -67.28 16.07 -4.57
C LEU A 1295 -67.89 17.16 -5.45
N LYS A 1296 -69.15 17.48 -5.19
CA LYS A 1296 -69.87 18.48 -5.97
C LYS A 1296 -69.77 19.91 -5.41
N VAL A 1297 -68.76 20.15 -4.59
CA VAL A 1297 -68.58 21.48 -3.99
C VAL A 1297 -67.22 22.06 -4.38
N THR A 1298 -66.21 21.20 -4.41
CA THR A 1298 -64.85 21.61 -4.75
C THR A 1298 -64.80 22.39 -6.05
N GLU A 1299 -65.15 21.74 -7.16
CA GLU A 1299 -65.13 22.38 -8.46
C GLU A 1299 -66.02 21.66 -9.47
N ASP A 1300 -66.93 20.84 -8.97
CA ASP A 1300 -67.84 20.10 -9.83
C ASP A 1300 -69.05 20.95 -10.22
N GLY A 1362 -60.74 -7.54 -29.45
CA GLY A 1362 -59.74 -8.57 -29.23
C GLY A 1362 -58.85 -8.86 -30.42
N PRO A 1363 -57.77 -8.10 -30.56
CA PRO A 1363 -56.81 -8.38 -31.63
C PRO A 1363 -56.10 -9.71 -31.41
N GLN A 1364 -55.75 -10.37 -32.51
CA GLN A 1364 -54.98 -11.61 -32.43
C GLN A 1364 -53.56 -11.32 -31.97
N LEU A 1365 -53.00 -12.26 -31.21
CA LEU A 1365 -51.73 -12.10 -30.54
C LEU A 1365 -50.66 -12.95 -31.22
N ASN A 1366 -49.45 -12.42 -31.31
CA ASN A 1366 -48.32 -13.19 -31.82
C ASN A 1366 -47.97 -14.28 -30.84
N THR A 1367 -47.33 -15.33 -31.34
CA THR A 1367 -46.89 -16.44 -30.51
C THR A 1367 -45.85 -17.25 -31.26
N GLY A 1368 -44.89 -17.80 -30.52
CA GLY A 1368 -43.91 -18.69 -31.09
C GLY A 1368 -42.56 -18.03 -31.33
N THR A 1369 -41.88 -18.43 -32.40
CA THR A 1369 -40.61 -17.80 -32.74
C THR A 1369 -40.75 -16.31 -33.00
N GLN A 1370 -41.86 -15.87 -33.58
CA GLN A 1370 -42.08 -14.44 -33.71
C GLN A 1370 -42.21 -13.77 -32.35
N LEU A 1371 -42.90 -14.41 -31.40
CA LEU A 1371 -43.01 -13.85 -30.07
C LEU A 1371 -41.65 -13.72 -29.40
N VAL A 1372 -40.81 -14.75 -29.52
CA VAL A 1372 -39.50 -14.70 -28.89
C VAL A 1372 -38.63 -13.64 -29.56
N LEU A 1373 -38.69 -13.57 -30.89
CA LEU A 1373 -37.96 -12.53 -31.58
C LEU A 1373 -38.53 -11.14 -31.30
N GLN A 1374 -39.73 -11.07 -30.73
CA GLN A 1374 -40.27 -9.80 -30.25
C GLN A 1374 -39.77 -9.45 -28.85
N HIS A 1375 -39.67 -10.45 -27.98
CA HIS A 1375 -39.13 -10.21 -26.65
C HIS A 1375 -37.68 -9.74 -26.73
N VAL A 1376 -36.88 -10.42 -27.56
CA VAL A 1376 -35.46 -10.10 -27.59
C VAL A 1376 -35.22 -8.73 -28.19
N GLN A 1377 -36.21 -8.14 -28.83
CA GLN A 1377 -36.07 -6.77 -29.31
C GLN A 1377 -36.77 -5.76 -28.41
N ALA A 1378 -37.72 -6.21 -27.59
CA ALA A 1378 -38.28 -5.32 -26.58
C ALA A 1378 -37.27 -5.01 -25.49
N LEU A 1379 -36.59 -6.04 -24.99
CA LEU A 1379 -35.67 -5.84 -23.87
C LEU A 1379 -34.47 -4.98 -24.27
N LEU A 1380 -33.97 -5.16 -25.50
CA LEU A 1380 -32.83 -4.39 -25.95
C LEU A 1380 -33.15 -2.90 -26.00
N VAL A 1381 -34.32 -2.56 -26.55
CA VAL A 1381 -34.74 -1.17 -26.54
C VAL A 1381 -34.96 -0.66 -25.12
N LYS A 1382 -35.46 -1.53 -24.23
CA LYS A 1382 -35.66 -1.13 -22.85
C LYS A 1382 -34.36 -0.70 -22.21
N ARG A 1383 -33.28 -1.45 -22.45
CA ARG A 1383 -31.99 -1.09 -21.86
C ARG A 1383 -31.31 0.06 -22.57
N PHE A 1384 -31.49 0.16 -23.89
CA PHE A 1384 -30.88 1.23 -24.66
C PHE A 1384 -31.43 2.58 -24.22
N GLN A 1385 -32.77 2.67 -24.13
CA GLN A 1385 -33.39 3.92 -23.71
C GLN A 1385 -33.01 4.31 -22.29
N HIS A 1386 -32.69 3.33 -21.45
CA HIS A 1386 -32.22 3.68 -20.12
C HIS A 1386 -30.79 4.20 -20.15
N THR A 1387 -29.93 3.62 -20.99
CA THR A 1387 -28.53 4.05 -20.97
C THR A 1387 -28.34 5.43 -21.58
N ILE A 1388 -29.10 5.78 -22.63
CA ILE A 1388 -28.92 7.11 -23.23
C ILE A 1388 -29.10 8.20 -22.19
N ARG A 1389 -30.16 8.11 -21.40
CA ARG A 1389 -30.52 9.18 -20.48
C ARG A 1389 -29.70 9.18 -19.21
N SER A 1390 -28.92 8.15 -18.95
CA SER A 1390 -28.15 8.06 -17.72
C SER A 1390 -26.71 8.44 -18.01
N HIS A 1391 -26.13 9.27 -17.14
CA HIS A 1391 -24.75 9.69 -17.24
C HIS A 1391 -23.87 9.11 -16.14
N LYS A 1392 -24.45 8.78 -14.99
CA LYS A 1392 -23.69 8.05 -13.99
C LYS A 1392 -23.32 6.66 -14.48
N ASP A 1393 -23.91 6.22 -15.60
CA ASP A 1393 -23.35 5.11 -16.34
C ASP A 1393 -22.13 5.57 -17.13
N PHE A 1394 -22.31 6.55 -18.01
CA PHE A 1394 -21.22 7.04 -18.85
C PHE A 1394 -19.96 7.36 -18.05
N LEU A 1395 -20.07 7.50 -16.73
CA LEU A 1395 -18.86 7.50 -15.92
C LEU A 1395 -18.26 6.09 -15.85
N ALA A 1396 -18.92 5.19 -15.14
CA ALA A 1396 -18.30 3.91 -14.79
C ALA A 1396 -18.21 2.94 -15.95
N GLN A 1397 -18.84 3.24 -17.08
CA GLN A 1397 -18.76 2.40 -18.26
C GLN A 1397 -17.55 2.76 -19.11
N ILE A 1398 -17.15 4.02 -19.14
CA ILE A 1398 -16.15 4.49 -20.08
C ILE A 1398 -15.04 5.29 -19.41
N VAL A 1399 -15.41 6.32 -18.65
CA VAL A 1399 -14.41 7.27 -18.19
C VAL A 1399 -13.38 6.61 -17.29
N LEU A 1400 -13.83 5.87 -16.28
CA LEU A 1400 -12.88 5.30 -15.32
C LEU A 1400 -11.90 4.32 -15.95
N PRO A 1401 -12.32 3.34 -16.76
CA PRO A 1401 -11.33 2.47 -17.40
C PRO A 1401 -10.22 3.23 -18.09
N ALA A 1402 -10.59 4.17 -18.96
CA ALA A 1402 -9.59 4.90 -19.72
C ALA A 1402 -8.64 5.66 -18.81
N THR A 1403 -9.18 6.38 -17.83
CA THR A 1403 -8.32 7.21 -17.00
C THR A 1403 -7.35 6.38 -16.18
N PHE A 1404 -7.82 5.27 -15.61
CA PHE A 1404 -6.92 4.49 -14.77
C PHE A 1404 -5.85 3.80 -15.61
N VAL A 1405 -6.22 3.22 -16.75
CA VAL A 1405 -5.19 2.58 -17.57
C VAL A 1405 -4.22 3.63 -18.10
N PHE A 1406 -4.72 4.83 -18.41
CA PHE A 1406 -3.85 5.89 -18.90
C PHE A 1406 -2.84 6.29 -17.85
N LEU A 1407 -3.29 6.43 -16.59
CA LEU A 1407 -2.34 6.80 -15.55
C LEU A 1407 -1.30 5.72 -15.36
N ALA A 1408 -1.72 4.44 -15.42
CA ALA A 1408 -0.75 3.36 -15.29
C ALA A 1408 0.30 3.44 -16.40
N LEU A 1409 -0.14 3.60 -17.64
CA LEU A 1409 0.83 3.69 -18.73
C LEU A 1409 1.75 4.88 -18.56
N MET A 1410 1.19 6.03 -18.17
CA MET A 1410 2.02 7.24 -18.09
C MET A 1410 3.07 7.09 -17.01
N LEU A 1411 2.71 6.49 -15.87
CA LEU A 1411 3.71 6.18 -14.85
C LEU A 1411 4.50 4.92 -15.17
N SER A 1412 4.30 4.33 -16.34
CA SER A 1412 5.11 3.20 -16.77
C SER A 1412 6.27 3.56 -17.69
N ILE A 1413 6.29 4.74 -18.30
CA ILE A 1413 7.33 5.10 -19.25
C ILE A 1413 8.24 6.19 -18.72
N VAL A 1414 8.25 6.43 -17.41
CA VAL A 1414 9.21 7.37 -16.85
C VAL A 1414 10.57 6.69 -16.73
N ILE A 1415 10.67 5.47 -17.23
CA ILE A 1415 11.88 4.67 -17.19
C ILE A 1415 12.28 4.32 -18.62
N PRO A 1416 13.41 4.81 -19.12
CA PRO A 1416 13.77 4.61 -20.54
C PRO A 1416 14.37 3.24 -20.79
N PRO A 1417 14.44 2.80 -22.06
CA PRO A 1417 15.01 1.48 -22.37
C PRO A 1417 16.52 1.45 -22.30
N PHE A 1418 17.05 1.13 -21.11
CA PHE A 1418 18.46 1.16 -20.77
C PHE A 1418 19.38 0.81 -21.94
N GLY A 1419 20.40 1.65 -22.15
CA GLY A 1419 21.31 1.51 -23.27
C GLY A 1419 22.42 0.52 -22.95
N GLU A 1420 23.67 0.96 -22.90
CA GLU A 1420 24.72 0.08 -22.40
C GLU A 1420 25.35 0.60 -21.10
N TYR A 1421 26.10 1.71 -21.13
CA TYR A 1421 26.66 2.37 -19.95
C TYR A 1421 27.44 3.58 -20.42
N PRO A 1422 27.41 4.67 -19.71
CA PRO A 1422 28.12 5.86 -20.19
C PRO A 1422 29.63 5.75 -20.05
N ALA A 1423 30.34 6.79 -20.48
CA ALA A 1423 31.79 6.84 -20.37
C ALA A 1423 32.23 7.34 -18.99
N LEU A 1424 31.80 8.54 -18.59
CA LEU A 1424 32.18 9.09 -17.30
C LEU A 1424 33.69 9.30 -17.21
N THR A 1425 34.16 10.32 -17.90
CA THR A 1425 35.46 10.91 -17.56
C THR A 1425 35.55 11.14 -16.07
N LEU A 1426 36.65 10.68 -15.47
CA LEU A 1426 36.82 10.69 -14.02
C LEU A 1426 37.63 11.91 -13.60
N HIS A 1427 36.99 12.84 -12.90
CA HIS A 1427 37.60 14.05 -12.39
C HIS A 1427 36.79 14.51 -11.19
N PRO A 1428 37.40 15.25 -10.26
CA PRO A 1428 36.77 15.44 -8.96
C PRO A 1428 35.64 16.44 -8.93
N TRP A 1429 35.34 17.11 -10.03
CA TRP A 1429 34.28 18.10 -10.05
C TRP A 1429 32.94 17.53 -10.45
N ILE A 1430 32.85 16.20 -10.61
CA ILE A 1430 31.54 15.61 -10.83
C ILE A 1430 30.70 15.66 -9.58
N TYR A 1431 31.32 15.95 -8.45
CA TYR A 1431 30.60 16.30 -7.24
C TYR A 1431 30.44 17.82 -7.20
N GLY A 1432 29.74 18.32 -6.22
CA GLY A 1432 29.35 19.71 -6.30
C GLY A 1432 30.44 20.71 -5.92
N GLN A 1433 30.03 21.72 -5.17
CA GLN A 1433 30.98 22.53 -4.44
C GLN A 1433 31.59 21.69 -3.33
N GLN A 1434 32.85 21.96 -3.02
CA GLN A 1434 33.55 21.07 -2.11
C GLN A 1434 34.81 21.73 -1.55
N TYR A 1435 35.28 21.17 -0.45
CA TYR A 1435 36.46 21.58 0.26
C TYR A 1435 37.59 20.59 -0.01
N THR A 1436 38.73 21.08 -0.41
CA THR A 1436 39.92 20.25 -0.54
C THR A 1436 40.95 20.78 0.44
N PHE A 1437 42.08 20.09 0.57
CA PHE A 1437 43.12 20.58 1.46
C PHE A 1437 44.47 20.12 0.95
N PHE A 1438 45.53 20.51 1.65
CA PHE A 1438 46.85 20.01 1.34
C PHE A 1438 47.73 20.26 2.54
N SER A 1439 48.91 19.66 2.53
CA SER A 1439 49.73 19.62 3.74
C SER A 1439 51.17 19.40 3.34
N MET A 1440 51.95 20.47 3.29
CA MET A 1440 53.36 20.38 2.91
C MET A 1440 54.18 19.86 4.08
N ASP A 1441 54.23 18.55 4.18
CA ASP A 1441 55.17 17.92 5.08
C ASP A 1441 56.54 17.94 4.44
N GLU A 1442 57.57 17.77 5.25
CA GLU A 1442 58.95 17.82 4.76
C GLU A 1442 59.20 19.02 3.86
N PRO A 1443 59.38 20.20 4.44
CA PRO A 1443 59.60 21.41 3.64
C PRO A 1443 61.07 21.66 3.35
N GLY A 1444 61.36 22.68 2.55
CA GLY A 1444 62.73 23.03 2.28
C GLY A 1444 63.38 22.15 1.25
N SER A 1445 62.96 20.88 1.19
CA SER A 1445 63.53 19.94 0.23
C SER A 1445 63.25 20.39 -1.19
N GLU A 1446 64.11 19.95 -2.10
CA GLU A 1446 63.90 20.29 -3.49
C GLU A 1446 63.04 19.25 -4.16
N GLN A 1447 62.46 19.65 -5.30
CA GLN A 1447 61.50 18.86 -6.07
C GLN A 1447 60.16 18.80 -5.35
N PHE A 1448 60.14 19.19 -4.08
CA PHE A 1448 58.90 19.28 -3.35
C PHE A 1448 58.40 20.72 -3.23
N THR A 1449 59.29 21.70 -3.34
CA THR A 1449 58.85 23.08 -3.42
C THR A 1449 58.39 23.48 -4.81
N VAL A 1450 58.64 22.65 -5.83
CA VAL A 1450 57.99 22.83 -7.12
C VAL A 1450 56.80 21.90 -7.28
N LEU A 1451 56.82 20.72 -6.64
CA LEU A 1451 55.65 19.87 -6.63
C LEU A 1451 54.54 20.49 -5.81
N ALA A 1452 54.88 21.26 -4.79
CA ALA A 1452 53.88 21.97 -4.00
C ALA A 1452 53.43 23.26 -4.65
N ASP A 1453 54.03 23.65 -5.78
CA ASP A 1453 53.64 24.86 -6.47
C ASP A 1453 52.88 24.61 -7.76
N VAL A 1454 53.16 23.52 -8.46
CA VAL A 1454 52.37 23.21 -9.65
C VAL A 1454 51.04 22.59 -9.21
N LEU A 1455 50.83 22.51 -7.91
CA LEU A 1455 49.62 21.91 -7.36
C LEU A 1455 48.69 22.91 -6.70
N LEU A 1456 49.21 24.04 -6.21
CA LEU A 1456 48.37 25.08 -5.66
C LEU A 1456 48.07 26.19 -6.66
N ASN A 1457 49.06 26.57 -7.45
CA ASN A 1457 49.10 27.78 -8.24
C ASN A 1457 48.66 27.45 -9.66
N LYS A 1458 48.94 28.38 -10.58
CA LYS A 1458 48.22 28.55 -11.84
C LYS A 1458 47.70 27.24 -12.43
N PRO A 1459 48.52 26.19 -12.65
CA PRO A 1459 47.95 24.96 -13.19
C PRO A 1459 46.91 24.32 -12.29
N GLY A 1460 46.96 24.56 -10.97
CA GLY A 1460 45.89 24.19 -10.05
C GLY A 1460 45.88 22.71 -9.68
N PHE A 1461 44.87 22.32 -8.91
CA PHE A 1461 44.58 20.89 -8.80
C PHE A 1461 44.17 20.36 -10.17
N GLY A 1462 44.50 19.11 -10.42
CA GLY A 1462 43.87 18.40 -11.50
C GLY A 1462 44.10 19.03 -12.86
N ASN A 1463 43.04 19.09 -13.64
CA ASN A 1463 43.21 19.30 -15.06
C ASN A 1463 42.16 20.24 -15.64
N ARG A 1464 41.36 20.89 -14.79
CA ARG A 1464 40.26 21.70 -15.27
C ARG A 1464 40.73 22.95 -15.99
N CYS A 1465 41.84 23.51 -15.52
CA CYS A 1465 42.36 24.79 -16.05
C CYS A 1465 43.38 24.79 -17.18
N LEU A 1466 43.44 23.74 -17.98
CA LEU A 1466 44.38 23.75 -19.09
C LEU A 1466 44.21 25.04 -19.87
N LYS A 1467 45.28 25.47 -20.53
CA LYS A 1467 45.22 26.72 -21.29
C LYS A 1467 44.20 26.69 -22.41
N GLU A 1468 43.85 25.50 -22.90
CA GLU A 1468 43.15 25.39 -24.17
C GLU A 1468 41.72 24.92 -24.02
N GLY A 1469 41.51 23.74 -23.44
CA GLY A 1469 40.24 23.06 -23.56
C GLY A 1469 39.74 22.34 -22.33
N TRP A 1470 39.56 21.03 -22.49
CA TRP A 1470 39.07 20.14 -21.45
C TRP A 1470 37.65 20.47 -21.02
N LEU A 1471 36.68 20.05 -21.82
CA LEU A 1471 35.28 20.07 -21.41
C LEU A 1471 34.75 21.48 -21.22
N PRO A 1472 34.45 22.19 -22.30
CA PRO A 1472 33.83 23.51 -22.16
C PRO A 1472 32.41 23.42 -21.64
N GLU A 1473 32.25 22.74 -20.52
CA GLU A 1473 31.05 22.77 -19.70
C GLU A 1473 31.35 23.21 -18.27
N TYR A 1474 32.43 22.69 -17.69
CA TYR A 1474 33.00 23.18 -16.44
C TYR A 1474 33.94 24.33 -16.75
N PRO A 1475 33.55 25.56 -16.45
CA PRO A 1475 34.38 26.72 -16.78
C PRO A 1475 35.45 26.96 -15.72
N CYS A 1476 36.26 27.97 -15.96
CA CYS A 1476 37.32 28.40 -15.06
C CYS A 1476 36.97 29.82 -14.62
N GLY A 1477 37.25 30.16 -13.37
CA GLY A 1477 36.90 31.48 -12.89
C GLY A 1477 38.03 32.37 -12.44
N ASN A 1478 38.14 32.62 -11.14
CA ASN A 1478 39.07 33.63 -10.65
C ASN A 1478 39.30 33.42 -9.17
N SER A 1479 40.55 33.57 -8.73
CA SER A 1479 40.96 33.18 -7.39
C SER A 1479 41.00 34.37 -6.44
N THR A 1480 41.04 34.07 -5.16
CA THR A 1480 41.07 35.04 -4.08
C THR A 1480 42.21 34.73 -3.12
N PRO A 1481 42.75 35.73 -2.43
CA PRO A 1481 43.93 35.51 -1.60
C PRO A 1481 43.63 34.74 -0.31
N TRP A 1482 44.70 34.25 0.31
CA TRP A 1482 44.57 33.50 1.55
C TRP A 1482 43.92 34.35 2.62
N LYS A 1483 43.03 33.75 3.40
CA LYS A 1483 42.21 34.54 4.30
C LYS A 1483 41.72 33.65 5.43
N THR A 1484 42.37 33.74 6.58
CA THR A 1484 41.92 33.02 7.76
C THR A 1484 40.56 33.55 8.20
N PRO A 1485 39.62 32.68 8.53
CA PRO A 1485 38.31 33.14 8.98
C PRO A 1485 38.36 33.78 10.36
N SER A 1486 37.20 34.21 10.87
CA SER A 1486 37.11 34.87 12.15
C SER A 1486 36.47 33.95 13.18
N VAL A 1487 36.87 34.11 14.43
CA VAL A 1487 36.53 33.15 15.48
C VAL A 1487 35.89 33.87 16.66
N SER A 1488 34.97 33.18 17.32
CA SER A 1488 34.36 33.69 18.54
C SER A 1488 35.42 33.93 19.61
N PRO A 1489 35.32 35.02 20.37
CA PRO A 1489 36.32 35.28 21.43
C PRO A 1489 36.35 34.22 22.50
N ASN A 1490 35.23 33.55 22.77
CA ASN A 1490 35.23 32.47 23.74
C ASN A 1490 36.24 31.40 23.35
N ILE A 1491 36.28 31.05 22.06
CA ILE A 1491 37.23 30.05 21.58
C ILE A 1491 38.67 30.54 21.76
N THR A 1492 38.98 31.74 21.28
CA THR A 1492 40.35 32.23 21.42
C THR A 1492 40.79 32.31 22.87
N GLN A 1493 39.87 32.59 23.79
CA GLN A 1493 40.19 32.44 25.20
C GLN A 1493 40.45 31.00 25.59
N LEU A 1494 39.69 30.06 25.03
CA LEU A 1494 39.81 28.65 25.39
C LEU A 1494 41.19 28.08 25.10
N PHE A 1495 41.83 28.47 24.00
CA PHE A 1495 43.01 27.76 23.54
C PHE A 1495 44.29 28.25 24.20
N GLN A 1496 44.50 29.56 24.24
CA GLN A 1496 45.75 30.08 24.78
C GLN A 1496 45.79 29.96 26.30
N LYS A 1497 44.67 30.22 26.97
CA LYS A 1497 44.65 30.11 28.43
C LYS A 1497 44.86 28.67 28.87
N GLN A 1498 43.96 27.79 28.46
CA GLN A 1498 44.07 26.38 28.83
C GLN A 1498 45.33 25.77 28.25
N LYS A 1499 45.89 24.78 28.95
CA LYS A 1499 47.09 24.10 28.51
C LYS A 1499 46.71 22.77 27.89
N TRP A 1500 47.01 22.61 26.60
CA TRP A 1500 46.79 21.38 25.84
C TRP A 1500 48.10 20.63 25.69
N THR A 1501 48.08 19.57 24.88
CA THR A 1501 49.23 18.67 24.77
C THR A 1501 49.48 18.43 23.28
N GLN A 1502 50.33 17.46 22.96
CA GLN A 1502 50.51 16.98 21.60
C GLN A 1502 49.69 15.73 21.33
N VAL A 1503 49.47 14.92 22.36
CA VAL A 1503 48.62 13.74 22.28
C VAL A 1503 47.19 14.04 22.66
N ASN A 1504 46.91 15.19 23.25
CA ASN A 1504 45.54 15.59 23.60
C ASN A 1504 45.29 17.04 23.21
N PRO A 1505 45.20 17.32 21.93
CA PRO A 1505 44.76 18.65 21.50
C PRO A 1505 43.27 18.80 21.73
N SER A 1506 42.66 19.79 21.10
CA SER A 1506 41.33 20.34 21.36
C SER A 1506 40.26 19.33 21.75
N PRO A 1507 39.27 19.73 22.54
CA PRO A 1507 38.49 18.78 23.34
C PRO A 1507 37.61 17.83 22.54
N SER A 1508 37.22 16.76 23.21
CA SER A 1508 36.62 15.59 22.60
C SER A 1508 35.13 15.79 22.33
N CYS A 1509 34.52 14.79 21.71
CA CYS A 1509 33.11 14.80 21.35
C CYS A 1509 32.38 13.71 22.12
N ARG A 1510 31.22 14.05 22.66
CA ARG A 1510 30.43 13.10 23.42
C ARG A 1510 29.89 12.03 22.49
N CYS A 1511 30.18 10.77 22.79
CA CYS A 1511 29.69 9.68 21.96
C CYS A 1511 28.42 9.11 22.55
N SER A 1512 27.76 8.23 21.83
CA SER A 1512 26.54 7.60 22.31
C SER A 1512 26.84 6.91 23.63
N THR A 1513 26.11 7.29 24.67
CA THR A 1513 26.33 6.71 25.99
C THR A 1513 25.68 5.34 26.15
N ARG A 1514 24.55 5.31 26.84
CA ARG A 1514 23.84 4.06 27.08
C ARG A 1514 22.36 4.13 26.71
N GLU A 1515 21.76 5.31 26.73
CA GLU A 1515 20.35 5.49 26.45
C GLU A 1515 20.10 6.75 25.65
N LYS A 1516 21.13 7.47 25.28
CA LYS A 1516 21.00 8.67 24.46
C LYS A 1516 21.71 8.44 23.15
N LEU A 1517 21.43 7.32 22.50
CA LEU A 1517 22.10 6.99 21.25
C LEU A 1517 21.83 8.05 20.20
N THR A 1518 22.86 8.80 19.85
CA THR A 1518 22.78 9.84 18.83
C THR A 1518 23.18 9.24 17.49
N MET A 1519 22.76 9.86 16.41
CA MET A 1519 23.23 9.40 15.10
C MET A 1519 24.70 9.70 14.90
N LEU A 1520 25.16 10.85 15.37
CA LEU A 1520 26.55 11.27 15.27
C LEU A 1520 26.90 12.03 16.54
N PRO A 1521 28.17 12.06 16.93
CA PRO A 1521 28.54 12.62 18.22
C PRO A 1521 28.23 14.11 18.31
N GLU A 1522 28.32 14.63 19.54
CA GLU A 1522 27.84 15.97 19.87
C GLU A 1522 28.86 17.06 19.56
N CYS A 1523 30.12 16.86 19.91
CA CYS A 1523 31.19 17.71 19.40
C CYS A 1523 31.07 19.18 19.79
N PRO A 1524 31.49 19.56 21.00
CA PRO A 1524 31.38 20.95 21.46
C PRO A 1524 32.21 21.92 20.64
N GLU A 1525 32.33 23.15 21.11
CA GLU A 1525 33.09 24.18 20.40
C GLU A 1525 34.58 23.91 20.53
N GLY A 1526 34.93 22.68 20.18
CA GLY A 1526 36.21 22.05 20.38
C GLY A 1526 36.56 21.20 19.18
N ALA A 1527 36.40 21.77 18.00
CA ALA A 1527 36.75 21.07 16.77
C ALA A 1527 38.27 20.93 16.74
N GLY A 1528 38.82 20.54 15.60
CA GLY A 1528 40.25 20.35 15.52
C GLY A 1528 41.08 21.48 16.07
N GLY A 1529 40.49 22.66 16.22
CA GLY A 1529 41.20 23.83 16.68
C GLY A 1529 40.74 25.05 15.93
N LEU A 1530 41.62 26.01 15.72
CA LEU A 1530 41.24 27.22 15.02
C LEU A 1530 40.98 26.92 13.55
N PRO A 1531 40.14 27.70 12.88
CA PRO A 1531 39.97 27.56 11.43
C PRO A 1531 41.27 27.84 10.70
N PRO A 1532 41.58 27.07 9.66
CA PRO A 1532 42.84 27.25 8.95
C PRO A 1532 42.66 28.17 7.76
N PRO A 1533 43.76 28.69 7.20
CA PRO A 1533 43.64 29.59 6.05
C PRO A 1533 42.83 28.97 4.93
N GLN A 1534 42.28 29.82 4.07
CA GLN A 1534 41.47 29.35 2.97
C GLN A 1534 41.81 30.04 1.68
N ARG A 1535 41.03 29.79 0.64
CA ARG A 1535 41.26 30.34 -0.68
C ARG A 1535 40.13 29.83 -1.54
N THR A 1536 40.00 30.40 -2.74
CA THR A 1536 39.09 29.86 -3.73
C THR A 1536 39.89 29.68 -5.01
N GLN A 1537 40.32 28.46 -5.26
CA GLN A 1537 41.01 28.16 -6.49
C GLN A 1537 40.11 28.55 -7.66
N ARG A 1538 40.73 28.88 -8.78
CA ARG A 1538 39.88 29.26 -9.91
C ARG A 1538 39.13 28.09 -10.48
N SER A 1539 39.24 26.91 -9.87
CA SER A 1539 38.36 25.80 -10.18
C SER A 1539 37.01 25.93 -9.49
N THR A 1540 36.88 26.84 -8.53
CA THR A 1540 35.74 27.12 -7.66
C THR A 1540 35.69 26.21 -6.44
N GLU A 1541 36.65 25.33 -6.23
CA GLU A 1541 36.78 24.65 -4.96
C GLU A 1541 37.38 25.61 -3.94
N ILE A 1542 37.48 25.16 -2.70
CA ILE A 1542 37.94 26.01 -1.60
C ILE A 1542 39.00 25.20 -0.85
N LEU A 1543 40.27 25.43 -1.14
CA LEU A 1543 41.20 24.59 -0.41
C LEU A 1543 41.66 25.30 0.85
N GLN A 1544 41.94 24.52 1.88
CA GLN A 1544 42.42 25.04 3.14
C GLN A 1544 43.74 24.37 3.49
N ASP A 1545 44.68 25.15 3.99
CA ASP A 1545 46.07 24.73 4.12
C ASP A 1545 46.31 24.15 5.51
N LEU A 1546 46.45 22.84 5.59
CA LEU A 1546 46.62 22.14 6.85
C LEU A 1546 48.08 21.83 7.15
N THR A 1547 48.97 22.80 7.00
CA THR A 1547 50.39 22.55 7.25
C THR A 1547 50.67 22.73 8.72
N ASP A 1548 51.57 21.89 9.25
CA ASP A 1548 51.99 21.94 10.65
C ASP A 1548 50.86 21.66 11.62
N ARG A 1549 49.90 20.82 11.23
CA ARG A 1549 48.74 20.54 12.07
C ARG A 1549 48.39 19.07 12.01
N ASN A 1550 47.82 18.58 13.10
CA ASN A 1550 47.25 17.25 13.21
C ASN A 1550 46.07 17.11 12.28
N ILE A 1551 46.12 16.21 11.31
CA ILE A 1551 45.01 16.08 10.36
C ILE A 1551 43.96 15.11 10.86
N SER A 1552 44.34 13.96 11.41
CA SER A 1552 43.37 12.98 11.85
C SER A 1552 42.69 13.37 13.15
N ASP A 1553 42.89 14.61 13.60
CA ASP A 1553 42.14 15.24 14.67
C ASP A 1553 41.24 16.32 14.12
N PHE A 1554 41.73 17.08 13.15
CA PHE A 1554 40.92 18.04 12.47
C PHE A 1554 39.80 17.39 11.68
N LEU A 1555 39.97 16.17 11.21
CA LEU A 1555 38.99 15.61 10.28
C LEU A 1555 37.91 14.80 10.95
N VAL A 1556 38.18 14.19 12.10
CA VAL A 1556 37.16 13.37 12.75
C VAL A 1556 36.20 14.24 13.54
N LYS A 1557 36.63 15.44 13.90
CA LYS A 1557 35.88 16.29 14.81
C LYS A 1557 35.12 17.40 14.13
N THR A 1558 35.43 17.73 12.89
CA THR A 1558 34.66 18.73 12.17
C THR A 1558 33.76 18.12 11.12
N TYR A 1559 33.60 16.80 11.10
CA TYR A 1559 32.74 16.18 10.09
C TYR A 1559 31.26 16.35 10.42
N PRO A 1560 30.80 16.08 11.64
CA PRO A 1560 29.38 16.28 11.92
C PRO A 1560 28.92 17.71 11.68
N ALA A 1561 29.70 18.70 12.01
CA ALA A 1561 29.32 20.08 11.76
C ALA A 1561 29.22 20.41 10.28
N LEU A 1562 29.73 19.55 9.40
CA LEU A 1562 29.58 19.70 7.96
C LEU A 1562 28.33 19.01 7.46
N ILE A 1563 28.14 17.76 7.83
CA ILE A 1563 27.01 17.08 7.24
C ILE A 1563 25.73 17.34 8.03
N ARG A 1564 25.79 18.20 9.05
CA ARG A 1564 24.52 18.68 9.56
C ARG A 1564 23.94 19.76 8.66
N SER A 1565 24.78 20.62 8.10
CA SER A 1565 24.30 21.59 7.13
C SER A 1565 24.13 21.00 5.74
N SER A 1566 24.78 19.88 5.42
CA SER A 1566 24.59 19.23 4.13
C SER A 1566 23.43 18.26 4.09
N LEU A 1567 22.98 17.76 5.25
CA LEU A 1567 21.74 17.01 5.35
C LEU A 1567 20.66 18.06 5.24
N LYS A 1568 19.43 17.76 5.66
CA LYS A 1568 18.14 18.42 5.41
C LYS A 1568 17.32 17.81 4.29
N SER A 1569 17.82 16.85 3.61
CA SER A 1569 16.85 16.14 2.79
C SER A 1569 16.98 14.64 2.94
N LYS A 1570 18.20 14.14 3.12
CA LYS A 1570 18.57 12.75 3.27
C LYS A 1570 18.55 12.03 1.92
N PHE A 1571 18.41 12.76 0.81
CA PHE A 1571 18.51 12.20 -0.54
C PHE A 1571 19.55 13.01 -1.31
N TRP A 1572 20.55 12.33 -1.85
CA TRP A 1572 21.60 12.94 -2.68
C TRP A 1572 22.39 14.02 -1.95
N VAL A 1573 22.70 13.79 -0.67
CA VAL A 1573 23.58 14.70 0.05
C VAL A 1573 24.97 14.66 -0.55
N ASN A 1574 25.76 15.72 -0.32
CA ASN A 1574 27.04 15.76 -0.99
C ASN A 1574 28.29 15.86 -0.10
N GLU A 1575 28.16 16.26 1.16
CA GLU A 1575 29.21 16.08 2.17
C GLU A 1575 30.39 17.02 2.03
N GLN A 1576 30.49 17.71 0.91
CA GLN A 1576 31.34 18.88 0.71
C GLN A 1576 32.82 18.62 0.90
N ARG A 1577 33.26 17.42 1.22
CA ARG A 1577 34.68 17.17 1.37
C ARG A 1577 34.98 15.78 0.86
N TYR A 1578 35.83 15.69 -0.16
CA TYR A 1578 36.08 14.41 -0.80
C TYR A 1578 37.54 14.00 -0.86
N GLY A 1579 38.50 14.91 -0.71
CA GLY A 1579 39.89 14.49 -0.78
C GLY A 1579 40.85 15.64 -0.63
N GLY A 1580 42.12 15.26 -0.50
CA GLY A 1580 43.21 16.22 -0.38
C GLY A 1580 44.53 15.48 -0.40
N ILE A 1581 45.59 16.22 -0.70
CA ILE A 1581 46.93 15.69 -0.87
C ILE A 1581 47.73 16.00 0.38
N SER A 1582 48.90 15.37 0.51
CA SER A 1582 49.77 15.57 1.67
C SER A 1582 51.20 15.27 1.24
N ILE A 1583 51.89 16.27 0.72
CA ILE A 1583 53.16 16.10 0.01
C ILE A 1583 54.31 15.84 0.95
N GLY A 1584 54.58 14.58 1.24
CA GLY A 1584 55.73 14.23 2.05
C GLY A 1584 55.51 12.95 2.80
N GLY A 1585 56.59 12.25 3.11
CA GLY A 1585 56.53 10.96 3.74
C GLY A 1585 57.64 10.12 3.19
N LYS A 1586 58.32 9.35 4.02
CA LYS A 1586 59.43 8.58 3.47
C LYS A 1586 59.65 7.32 4.25
N LEU A 1587 59.91 6.23 3.54
CA LEU A 1587 60.22 5.06 4.30
C LEU A 1587 61.68 4.70 4.11
N PRO A 1588 62.38 4.28 5.16
CA PRO A 1588 63.82 4.07 5.08
C PRO A 1588 64.12 2.82 4.26
N VAL A 1589 64.92 3.00 3.22
CA VAL A 1589 65.20 1.96 2.26
C VAL A 1589 66.34 1.06 2.71
N VAL A 1590 66.53 -0.05 2.00
CA VAL A 1590 67.59 -1.02 2.32
C VAL A 1590 68.94 -0.34 2.19
N PRO A 1591 69.88 -0.56 3.10
CA PRO A 1591 71.12 0.24 3.09
C PRO A 1591 72.17 -0.28 2.12
N ILE A 1592 72.23 -1.59 1.93
CA ILE A 1592 73.27 -2.18 1.09
C ILE A 1592 72.97 -1.90 -0.37
N THR A 1593 74.00 -1.52 -1.10
CA THR A 1593 73.86 -1.19 -2.51
C THR A 1593 73.93 -2.48 -3.33
N GLY A 1594 74.15 -2.35 -4.63
CA GLY A 1594 74.00 -3.42 -5.59
C GLY A 1594 75.31 -4.14 -5.78
N GLU A 1595 76.12 -3.67 -6.72
CA GLU A 1595 77.42 -4.26 -7.02
C GLU A 1595 78.20 -4.65 -5.77
N ALA A 1596 77.99 -3.95 -4.65
CA ALA A 1596 78.63 -4.37 -3.42
C ALA A 1596 78.08 -5.69 -2.88
N LEU A 1597 76.98 -6.20 -3.42
CA LEU A 1597 76.50 -7.51 -3.01
C LEU A 1597 76.99 -8.63 -3.90
N VAL A 1598 77.04 -8.44 -5.23
CA VAL A 1598 77.65 -9.45 -6.06
C VAL A 1598 79.16 -9.50 -5.88
N GLY A 1599 79.80 -8.38 -5.55
CA GLY A 1599 81.20 -8.44 -5.22
C GLY A 1599 81.46 -9.38 -4.05
N PHE A 1600 80.58 -9.35 -3.05
CA PHE A 1600 80.74 -10.24 -1.91
C PHE A 1600 80.33 -11.67 -2.26
N LEU A 1601 79.22 -11.83 -2.98
CA LEU A 1601 78.74 -13.17 -3.29
C LEU A 1601 79.71 -13.92 -4.19
N SER A 1602 80.28 -13.22 -5.18
CA SER A 1602 81.22 -13.86 -6.08
C SER A 1602 82.45 -14.34 -5.32
N ASP A 1603 82.95 -13.53 -4.38
CA ASP A 1603 84.09 -13.97 -3.59
C ASP A 1603 83.74 -15.16 -2.73
N LEU A 1604 82.56 -15.15 -2.11
CA LEU A 1604 82.17 -16.29 -1.30
C LEU A 1604 82.12 -17.54 -2.14
N GLY A 1605 81.63 -17.43 -3.37
CA GLY A 1605 81.63 -18.57 -4.25
C GLY A 1605 83.04 -19.02 -4.62
N ARG A 1606 83.89 -18.08 -5.00
CA ARG A 1606 85.25 -18.40 -5.40
C ARG A 1606 86.03 -19.09 -4.29
N ILE A 1607 85.71 -18.77 -3.04
CA ILE A 1607 86.34 -19.47 -1.93
C ILE A 1607 85.88 -20.91 -1.79
N MET A 1608 84.87 -21.34 -2.56
CA MET A 1608 84.35 -22.69 -2.36
C MET A 1608 84.00 -23.41 -3.65
N ASN A 1609 84.57 -23.04 -4.79
CA ASN A 1609 84.51 -23.87 -6.00
C ASN A 1609 83.06 -24.10 -6.44
N VAL A 1610 82.39 -23.02 -6.85
CA VAL A 1610 81.05 -23.14 -7.40
C VAL A 1610 80.99 -22.62 -8.82
N SER A 1611 81.22 -21.31 -9.01
CA SER A 1611 81.28 -20.65 -10.30
C SER A 1611 79.98 -20.70 -11.10
N GLY A 1612 78.85 -20.97 -10.45
CA GLY A 1612 77.57 -20.75 -11.07
C GLY A 1612 77.31 -21.50 -12.37
N GLY A 1613 77.13 -20.75 -13.47
CA GLY A 1613 76.87 -21.36 -14.75
C GLY A 1613 76.17 -20.45 -15.74
N PRO A 1614 75.34 -21.02 -16.62
CA PRO A 1614 74.66 -20.21 -17.64
C PRO A 1614 73.46 -19.45 -17.11
N ILE A 1615 72.71 -20.03 -16.17
CA ILE A 1615 71.55 -19.34 -15.63
C ILE A 1615 71.96 -18.38 -14.52
N THR A 1616 72.88 -18.80 -13.67
CA THR A 1616 73.30 -17.93 -12.57
C THR A 1616 73.98 -16.68 -13.08
N ARG A 1617 74.79 -16.80 -14.12
CA ARG A 1617 75.53 -15.64 -14.58
C ARG A 1617 74.60 -14.61 -15.23
N GLU A 1618 73.36 -14.99 -15.50
CA GLU A 1618 72.36 -14.01 -15.92
C GLU A 1618 71.45 -13.58 -14.79
N ALA A 1619 71.25 -14.44 -13.79
CA ALA A 1619 70.49 -14.03 -12.62
C ALA A 1619 71.25 -13.00 -11.81
N SER A 1620 72.57 -13.00 -11.90
CA SER A 1620 73.39 -11.99 -11.25
C SER A 1620 73.63 -10.78 -12.13
N LYS A 1621 72.99 -10.69 -13.28
CA LYS A 1621 73.20 -9.54 -14.15
C LYS A 1621 72.32 -8.37 -13.73
N GLU A 1622 71.09 -8.67 -13.33
CA GLU A 1622 70.07 -7.68 -13.02
C GLU A 1622 70.00 -7.28 -11.56
N ILE A 1623 70.86 -7.83 -10.71
CA ILE A 1623 70.79 -7.59 -9.27
C ILE A 1623 71.10 -6.13 -8.88
N PRO A 1624 71.79 -5.30 -9.68
CA PRO A 1624 71.95 -3.91 -9.23
C PRO A 1624 70.73 -3.04 -9.51
N ASP A 1625 69.96 -3.40 -10.54
CA ASP A 1625 68.72 -2.72 -10.81
C ASP A 1625 67.55 -3.37 -10.09
N PHE A 1626 67.77 -4.50 -9.44
CA PHE A 1626 66.69 -5.17 -8.75
C PHE A 1626 66.42 -4.55 -7.38
N LEU A 1627 67.43 -3.97 -6.74
CA LEU A 1627 67.27 -3.44 -5.40
C LEU A 1627 66.79 -2.00 -5.37
N LYS A 1628 66.86 -1.27 -6.47
CA LYS A 1628 66.36 0.09 -6.49
C LYS A 1628 64.87 0.15 -6.81
N HIS A 1629 64.25 -0.98 -7.12
CA HIS A 1629 62.84 -1.03 -7.44
C HIS A 1629 62.02 -1.70 -6.36
N LEU A 1630 62.58 -1.97 -5.19
CA LEU A 1630 61.80 -2.50 -4.10
C LEU A 1630 61.14 -1.44 -3.24
N GLU A 1631 61.73 -0.25 -3.12
CA GLU A 1631 61.13 0.80 -2.33
C GLU A 1631 61.48 2.12 -2.98
N THR A 1632 60.80 3.19 -2.57
CA THR A 1632 60.93 4.45 -3.28
C THR A 1632 61.54 5.58 -2.46
N GLU A 1633 61.30 5.66 -1.16
CA GLU A 1633 61.94 6.55 -0.20
C GLU A 1633 61.40 7.98 -0.21
N ASP A 1634 60.63 8.41 -1.20
CA ASP A 1634 60.19 9.81 -1.20
C ASP A 1634 58.88 9.88 -1.97
N ASN A 1635 57.78 9.97 -1.25
CA ASN A 1635 56.50 9.66 -1.86
C ASN A 1635 55.37 10.35 -1.12
N ILE A 1636 54.25 10.55 -1.82
CA ILE A 1636 53.17 11.39 -1.33
C ILE A 1636 52.00 10.50 -0.96
N LYS A 1637 50.95 11.10 -0.41
CA LYS A 1637 49.75 10.33 -0.09
C LYS A 1637 48.51 11.16 -0.33
N VAL A 1638 47.43 10.48 -0.71
CA VAL A 1638 46.18 11.11 -1.10
C VAL A 1638 45.09 10.59 -0.20
N TRP A 1639 44.23 11.48 0.29
CA TRP A 1639 43.17 11.11 1.22
C TRP A 1639 41.86 11.09 0.46
N PHE A 1640 41.04 10.08 0.70
CA PHE A 1640 39.80 9.94 -0.05
C PHE A 1640 38.66 9.62 0.89
N ASN A 1641 37.46 9.95 0.45
CA ASN A 1641 36.22 9.80 1.21
C ASN A 1641 35.36 8.81 0.46
N ASN A 1642 35.16 7.62 1.03
CA ASN A 1642 34.57 6.56 0.24
C ASN A 1642 33.08 6.73 0.03
N LYS A 1643 32.44 7.70 0.66
CA LYS A 1643 31.02 7.92 0.50
C LYS A 1643 30.64 8.50 -0.85
N GLY A 1644 31.61 8.89 -1.67
CA GLY A 1644 31.39 9.16 -3.08
C GLY A 1644 32.14 8.12 -3.91
N TRP A 1645 31.42 7.50 -4.82
CA TRP A 1645 31.86 6.22 -5.37
C TRP A 1645 33.15 6.34 -6.16
N HIS A 1646 33.27 7.35 -7.02
CA HIS A 1646 34.37 7.46 -7.95
C HIS A 1646 35.44 8.44 -7.46
N ALA A 1647 35.56 8.61 -6.15
CA ALA A 1647 36.44 9.61 -5.55
C ALA A 1647 37.83 9.09 -5.23
N LEU A 1648 38.03 7.77 -5.30
CA LEU A 1648 39.38 7.22 -5.20
C LEU A 1648 40.19 7.56 -6.44
N VAL A 1649 39.71 7.08 -7.59
CA VAL A 1649 40.41 7.21 -8.84
C VAL A 1649 40.30 8.58 -9.45
N SER A 1650 39.63 9.51 -8.79
CA SER A 1650 39.57 10.89 -9.24
C SER A 1650 40.71 11.72 -8.68
N PHE A 1651 41.12 11.43 -7.45
CA PHE A 1651 42.25 12.09 -6.82
C PHE A 1651 43.55 11.35 -7.04
N LEU A 1652 43.49 10.05 -7.31
CA LEU A 1652 44.69 9.37 -7.79
C LEU A 1652 45.17 10.00 -9.09
N ASN A 1653 44.26 10.39 -9.95
CA ASN A 1653 44.62 11.05 -11.19
C ASN A 1653 45.25 12.41 -10.92
N VAL A 1654 44.72 13.15 -9.94
CA VAL A 1654 45.27 14.46 -9.59
C VAL A 1654 46.72 14.33 -9.15
N ALA A 1655 46.98 13.33 -8.30
CA ALA A 1655 48.36 13.10 -7.86
C ALA A 1655 49.27 12.75 -9.04
N HIS A 1656 48.86 11.80 -9.87
CA HIS A 1656 49.71 11.42 -11.00
C HIS A 1656 49.84 12.53 -12.01
N ASN A 1657 48.98 13.53 -11.94
CA ASN A 1657 49.00 14.65 -12.85
C ASN A 1657 49.91 15.77 -12.37
N ALA A 1658 50.04 15.96 -11.07
CA ALA A 1658 51.04 16.88 -10.53
C ALA A 1658 52.44 16.32 -10.53
N ILE A 1659 52.61 15.01 -10.39
CA ILE A 1659 53.96 14.44 -10.47
C ILE A 1659 54.56 14.67 -11.85
N LEU A 1660 53.76 14.66 -12.90
CA LEU A 1660 54.27 15.00 -14.23
C LEU A 1660 54.80 16.42 -14.26
N ARG A 1661 54.00 17.39 -13.87
CA ARG A 1661 54.39 18.78 -13.97
C ARG A 1661 55.51 19.15 -13.02
N ALA A 1662 55.75 18.35 -12.00
CA ALA A 1662 56.81 18.68 -11.06
C ALA A 1662 58.20 18.37 -11.59
N SER A 1663 58.32 17.75 -12.75
CA SER A 1663 59.64 17.29 -13.18
C SER A 1663 59.99 17.56 -14.63
N LEU A 1664 59.13 18.17 -15.41
CA LEU A 1664 59.47 18.35 -16.81
C LEU A 1664 60.46 19.51 -16.95
N PRO A 1665 61.21 19.55 -18.06
CA PRO A 1665 62.29 20.54 -18.18
C PRO A 1665 61.78 21.97 -18.12
N LYS A 1666 62.64 22.85 -17.61
CA LYS A 1666 62.25 24.13 -17.06
C LYS A 1666 61.88 25.19 -18.10
N ASP A 1667 61.51 24.79 -19.30
CA ASP A 1667 61.07 25.75 -20.30
C ASP A 1667 59.96 25.19 -21.16
N ARG A 1668 58.97 24.54 -20.55
CA ARG A 1668 57.84 23.98 -21.29
C ARG A 1668 56.47 24.43 -20.78
N SER A 1669 56.40 25.30 -19.77
CA SER A 1669 55.12 25.85 -19.37
C SER A 1669 54.13 24.76 -18.98
N PRO A 1670 54.27 24.18 -17.79
CA PRO A 1670 53.46 23.02 -17.44
C PRO A 1670 51.97 23.26 -17.41
N GLU A 1671 51.50 24.44 -17.83
CA GLU A 1671 50.07 24.65 -17.91
C GLU A 1671 49.41 23.84 -19.01
N GLU A 1672 50.19 23.19 -19.90
CA GLU A 1672 49.64 22.50 -21.05
C GLU A 1672 49.56 20.99 -20.88
N TYR A 1673 50.28 20.42 -19.92
CA TYR A 1673 50.42 18.98 -19.79
C TYR A 1673 49.34 18.40 -18.90
N GLY A 1674 48.91 17.20 -19.21
CA GLY A 1674 47.87 16.56 -18.42
C GLY A 1674 47.63 15.15 -18.90
N ILE A 1675 46.89 14.42 -18.07
CA ILE A 1675 46.45 13.06 -18.35
C ILE A 1675 45.02 12.93 -17.87
N THR A 1676 44.16 12.29 -18.66
CA THR A 1676 42.79 12.08 -18.25
C THR A 1676 42.40 10.63 -18.43
N VAL A 1677 41.66 10.10 -17.48
CA VAL A 1677 41.22 8.71 -17.54
C VAL A 1677 39.73 8.70 -17.77
N ILE A 1678 39.27 7.75 -18.55
CA ILE A 1678 37.88 7.53 -18.83
C ILE A 1678 37.57 6.11 -18.42
N SER A 1679 36.35 5.85 -18.00
CA SER A 1679 35.89 4.49 -17.84
C SER A 1679 34.92 4.15 -18.94
N GLN A 1680 34.84 2.90 -19.31
CA GLN A 1680 33.75 2.50 -20.18
C GLN A 1680 33.57 1.00 -20.10
N PRO A 1681 32.64 0.49 -19.31
CA PRO A 1681 32.55 -0.95 -19.13
C PRO A 1681 32.33 -1.67 -20.44
N LEU A 1682 32.43 -2.98 -20.38
CA LEU A 1682 32.50 -3.82 -21.56
C LEU A 1682 31.13 -4.45 -21.78
N ASN A 1683 30.64 -4.45 -23.03
CA ASN A 1683 29.26 -4.81 -23.36
C ASN A 1683 28.79 -6.03 -22.57
N LEU A 1684 27.53 -5.99 -22.15
CA LEU A 1684 26.97 -7.02 -21.29
C LEU A 1684 26.86 -8.34 -22.05
N THR A 1685 26.63 -9.42 -21.33
CA THR A 1685 26.87 -10.75 -21.88
C THR A 1685 25.71 -11.70 -21.65
N LYS A 1686 24.49 -11.28 -21.96
CA LYS A 1686 23.38 -12.22 -22.14
C LYS A 1686 23.03 -12.97 -20.87
N GLU A 1687 23.87 -12.86 -19.84
CA GLU A 1687 23.54 -13.40 -18.54
C GLU A 1687 23.52 -12.24 -17.57
N GLN A 1688 24.31 -11.21 -17.87
CA GLN A 1688 24.14 -9.93 -17.20
C GLN A 1688 22.73 -9.42 -17.40
N LEU A 1689 22.23 -9.53 -18.64
CA LEU A 1689 20.90 -9.08 -18.97
C LEU A 1689 19.81 -9.94 -18.35
N SER A 1690 20.14 -11.17 -17.99
CA SER A 1690 19.15 -12.07 -17.43
C SER A 1690 18.65 -11.57 -16.08
N GLU A 1691 19.13 -10.40 -15.65
CA GLU A 1691 18.67 -9.73 -14.44
C GLU A 1691 18.16 -8.34 -14.69
N ILE A 1692 18.70 -7.63 -15.68
CA ILE A 1692 18.07 -6.39 -16.10
C ILE A 1692 16.69 -6.66 -16.67
N THR A 1693 16.48 -7.83 -17.25
CA THR A 1693 15.14 -8.20 -17.70
C THR A 1693 14.19 -8.35 -16.52
N VAL A 1694 14.66 -8.98 -15.44
CA VAL A 1694 13.81 -9.11 -14.26
C VAL A 1694 13.49 -7.75 -13.68
N LEU A 1695 14.46 -6.86 -13.65
CA LEU A 1695 14.18 -5.53 -13.11
C LEU A 1695 13.36 -4.68 -14.07
N THR A 1696 13.30 -5.03 -15.35
CA THR A 1696 12.57 -4.24 -16.33
C THR A 1696 11.11 -4.67 -16.47
N THR A 1697 10.85 -5.97 -16.49
CA THR A 1697 9.48 -6.47 -16.62
C THR A 1697 8.70 -6.41 -15.33
N SER A 1698 9.35 -6.05 -14.24
CA SER A 1698 8.64 -5.91 -12.97
C SER A 1698 7.80 -4.65 -12.90
N VAL A 1699 7.92 -3.74 -13.86
CA VAL A 1699 6.97 -2.64 -13.94
C VAL A 1699 5.79 -3.02 -14.85
N ASP A 1700 6.02 -3.88 -15.83
CA ASP A 1700 4.92 -4.38 -16.64
C ASP A 1700 4.06 -5.38 -15.88
N ALA A 1701 4.64 -6.08 -14.91
CA ALA A 1701 3.84 -6.89 -14.01
C ALA A 1701 2.99 -6.04 -13.07
N VAL A 1702 3.13 -4.72 -13.10
CA VAL A 1702 2.27 -3.82 -12.36
C VAL A 1702 1.29 -3.10 -13.27
N VAL A 1703 1.73 -2.76 -14.48
CA VAL A 1703 0.76 -2.29 -15.47
C VAL A 1703 -0.31 -3.34 -15.72
N ALA A 1704 0.04 -4.62 -15.66
CA ALA A 1704 -0.98 -5.65 -15.81
C ALA A 1704 -2.01 -5.59 -14.69
N ILE A 1705 -1.57 -5.40 -13.46
CA ILE A 1705 -2.53 -5.33 -12.36
C ILE A 1705 -3.41 -4.10 -12.50
N CYS A 1706 -2.83 -2.99 -12.97
CA CYS A 1706 -3.65 -1.80 -13.20
C CYS A 1706 -4.69 -2.06 -14.28
N VAL A 1707 -4.33 -2.78 -15.33
CA VAL A 1707 -5.30 -3.08 -16.39
C VAL A 1707 -6.42 -3.96 -15.86
N ILE A 1708 -6.08 -4.97 -15.05
CA ILE A 1708 -7.14 -5.83 -14.51
C ILE A 1708 -8.07 -5.04 -13.60
N PHE A 1709 -7.50 -4.23 -12.71
CA PHE A 1709 -8.30 -3.45 -11.78
C PHE A 1709 -9.13 -2.40 -12.49
N SER A 1710 -8.65 -1.88 -13.62
CA SER A 1710 -9.42 -0.93 -14.39
C SER A 1710 -10.55 -1.60 -15.15
N MET A 1711 -10.29 -2.76 -15.74
CA MET A 1711 -11.31 -3.43 -16.53
C MET A 1711 -12.35 -4.11 -15.68
N SER A 1712 -12.07 -4.34 -14.39
CA SER A 1712 -13.05 -4.93 -13.50
C SER A 1712 -14.01 -3.92 -12.92
N PHE A 1713 -14.16 -2.76 -13.57
CA PHE A 1713 -15.20 -1.80 -13.22
C PHE A 1713 -16.44 -1.99 -14.05
N VAL A 1714 -16.30 -2.24 -15.36
CA VAL A 1714 -17.47 -2.41 -16.21
C VAL A 1714 -18.36 -3.57 -15.78
N PRO A 1715 -17.86 -4.78 -15.55
CA PRO A 1715 -18.74 -5.86 -15.11
C PRO A 1715 -19.38 -5.61 -13.76
N ALA A 1716 -18.76 -4.81 -12.90
CA ALA A 1716 -19.42 -4.45 -11.64
C ALA A 1716 -20.44 -3.35 -11.83
N SER A 1717 -20.33 -2.57 -12.91
CA SER A 1717 -21.39 -1.63 -13.24
C SER A 1717 -22.59 -2.33 -13.85
N PHE A 1718 -22.38 -3.42 -14.60
CA PHE A 1718 -23.50 -4.13 -15.20
C PHE A 1718 -24.38 -4.81 -14.18
N VAL A 1719 -23.96 -4.92 -12.93
CA VAL A 1719 -24.62 -5.77 -11.96
C VAL A 1719 -25.52 -4.92 -11.08
N LEU A 1720 -25.20 -3.64 -10.95
CA LEU A 1720 -26.05 -2.75 -10.17
C LEU A 1720 -27.43 -2.65 -10.79
N TYR A 1721 -27.50 -2.69 -12.13
CA TYR A 1721 -28.80 -2.68 -12.80
C TYR A 1721 -29.62 -3.91 -12.44
N LEU A 1722 -28.98 -5.07 -12.43
CA LEU A 1722 -29.71 -6.28 -12.09
C LEU A 1722 -30.19 -6.25 -10.65
N ILE A 1723 -29.41 -5.65 -9.76
CA ILE A 1723 -29.88 -5.50 -8.38
C ILE A 1723 -31.06 -4.54 -8.32
N GLN A 1724 -31.01 -3.46 -9.09
CA GLN A 1724 -32.11 -2.51 -9.08
C GLN A 1724 -33.39 -3.11 -9.61
N GLU A 1725 -33.33 -4.03 -10.57
CA GLU A 1725 -34.57 -4.67 -10.96
C GLU A 1725 -34.96 -5.86 -10.10
N ARG A 1726 -34.03 -6.54 -9.42
CA ARG A 1726 -34.50 -7.66 -8.61
C ARG A 1726 -35.30 -7.16 -7.42
N VAL A 1727 -34.84 -6.11 -6.75
CA VAL A 1727 -35.69 -5.36 -5.84
C VAL A 1727 -36.68 -4.59 -6.70
N ASN A 1728 -37.61 -3.88 -6.06
CA ASN A 1728 -38.78 -3.17 -6.63
C ASN A 1728 -39.50 -4.01 -7.68
N LYS A 1729 -39.24 -5.31 -7.72
CA LYS A 1729 -40.08 -6.28 -8.41
C LYS A 1729 -40.29 -5.96 -9.88
N SER A 1730 -39.35 -5.29 -10.55
CA SER A 1730 -39.53 -5.07 -11.97
C SER A 1730 -39.27 -6.34 -12.77
N LYS A 1731 -38.25 -7.10 -12.39
CA LYS A 1731 -37.96 -8.33 -13.10
C LYS A 1731 -39.12 -9.31 -13.02
N HIS A 1732 -39.70 -9.44 -11.83
CA HIS A 1732 -40.84 -10.32 -11.64
C HIS A 1732 -42.01 -9.88 -12.51
N LEU A 1733 -42.18 -8.57 -12.66
CA LEU A 1733 -43.23 -8.06 -13.53
C LEU A 1733 -42.98 -8.43 -14.98
N GLN A 1734 -41.72 -8.37 -15.43
CA GLN A 1734 -41.42 -8.86 -16.77
C GLN A 1734 -41.80 -10.31 -16.88
N PHE A 1735 -41.45 -11.10 -15.88
CA PHE A 1735 -41.64 -12.55 -15.95
C PHE A 1735 -43.10 -12.92 -16.06
N ILE A 1736 -43.96 -12.24 -15.30
CA ILE A 1736 -45.38 -12.59 -15.30
C ILE A 1736 -45.95 -12.46 -16.70
N SER A 1737 -45.63 -11.38 -17.40
CA SER A 1737 -46.09 -11.22 -18.77
C SER A 1737 -45.54 -12.30 -19.69
N GLY A 1738 -44.52 -13.02 -19.25
CA GLY A 1738 -43.97 -14.18 -19.94
C GLY A 1738 -42.70 -13.84 -20.66
N VAL A 1739 -41.56 -14.01 -20.01
CA VAL A 1739 -40.27 -13.70 -20.61
C VAL A 1739 -39.33 -14.85 -20.22
N SER A 1740 -39.89 -15.97 -19.78
CA SER A 1740 -39.22 -17.27 -19.88
C SER A 1740 -37.75 -17.20 -19.51
N PRO A 1741 -37.41 -17.23 -18.23
CA PRO A 1741 -36.12 -16.69 -17.75
C PRO A 1741 -34.91 -16.88 -18.67
N THR A 1742 -34.90 -17.97 -19.43
CA THR A 1742 -33.83 -18.20 -20.38
C THR A 1742 -33.63 -17.00 -21.29
N THR A 1743 -34.70 -16.48 -21.89
CA THR A 1743 -34.51 -15.39 -22.83
C THR A 1743 -34.15 -14.11 -22.10
N TYR A 1744 -34.59 -13.95 -20.87
CA TYR A 1744 -34.19 -12.80 -20.08
C TYR A 1744 -32.69 -12.75 -19.90
N TRP A 1745 -32.11 -13.85 -19.41
CA TRP A 1745 -30.67 -13.87 -19.16
C TRP A 1745 -29.87 -13.84 -20.44
N VAL A 1746 -30.35 -14.51 -21.49
CA VAL A 1746 -29.64 -14.49 -22.76
C VAL A 1746 -29.58 -13.07 -23.31
N THR A 1747 -30.69 -12.35 -23.27
CA THR A 1747 -30.67 -10.99 -23.80
C THR A 1747 -29.79 -10.07 -22.95
N ASN A 1748 -29.77 -10.28 -21.64
CA ASN A 1748 -28.86 -9.46 -20.83
C ASN A 1748 -27.41 -9.73 -21.18
N PHE A 1749 -27.04 -11.00 -21.35
CA PHE A 1749 -25.65 -11.31 -21.70
C PHE A 1749 -25.31 -10.72 -23.06
N LEU A 1750 -26.24 -10.80 -24.01
CA LEU A 1750 -26.01 -10.26 -25.34
C LEU A 1750 -25.80 -8.76 -25.31
N TRP A 1751 -26.58 -8.03 -24.51
CA TRP A 1751 -26.37 -6.59 -24.46
C TRP A 1751 -25.08 -6.25 -23.73
N ASP A 1752 -24.77 -6.99 -22.67
CA ASP A 1752 -23.59 -6.67 -21.88
C ASP A 1752 -22.31 -6.86 -22.67
N ILE A 1753 -22.23 -7.91 -23.50
CA ILE A 1753 -21.03 -8.12 -24.30
C ILE A 1753 -20.79 -6.95 -25.23
N MET A 1754 -21.81 -6.56 -26.00
CA MET A 1754 -21.60 -5.51 -26.98
C MET A 1754 -21.41 -4.17 -26.31
N ASN A 1755 -21.89 -4.00 -25.09
CA ASN A 1755 -21.64 -2.76 -24.39
C ASN A 1755 -20.22 -2.70 -23.84
N TYR A 1756 -19.65 -3.85 -23.45
CA TYR A 1756 -18.29 -3.92 -22.94
C TYR A 1756 -17.25 -3.82 -24.03
N SER A 1757 -17.58 -4.29 -25.24
CA SER A 1757 -16.65 -4.22 -26.36
C SER A 1757 -16.19 -2.81 -26.61
N VAL A 1758 -17.03 -1.81 -26.35
CA VAL A 1758 -16.64 -0.43 -26.64
C VAL A 1758 -15.53 0.02 -25.71
N SER A 1759 -15.66 -0.27 -24.41
CA SER A 1759 -14.59 0.09 -23.49
C SER A 1759 -13.32 -0.69 -23.78
N ALA A 1760 -13.45 -1.97 -24.15
CA ALA A 1760 -12.27 -2.72 -24.52
C ALA A 1760 -11.59 -2.10 -25.72
N GLY A 1761 -12.36 -1.68 -26.72
CA GLY A 1761 -11.80 -1.00 -27.87
C GLY A 1761 -11.13 0.31 -27.54
N LEU A 1762 -11.67 1.04 -26.56
CA LEU A 1762 -10.99 2.26 -26.11
C LEU A 1762 -9.63 1.94 -25.49
N VAL A 1763 -9.55 0.87 -24.71
CA VAL A 1763 -8.25 0.47 -24.14
C VAL A 1763 -7.28 0.05 -25.24
N VAL A 1764 -7.76 -0.68 -26.25
CA VAL A 1764 -6.89 -1.02 -27.37
C VAL A 1764 -6.41 0.24 -28.06
N GLY A 1765 -7.28 1.24 -28.17
CA GLY A 1765 -6.86 2.50 -28.74
C GLY A 1765 -5.77 3.18 -27.94
N ILE A 1766 -5.85 3.11 -26.61
CA ILE A 1766 -4.85 3.80 -25.80
C ILE A 1766 -3.49 3.10 -25.91
N PHE A 1767 -3.47 1.76 -25.92
CA PHE A 1767 -2.19 1.10 -26.22
C PHE A 1767 -1.67 1.45 -27.61
N ILE A 1768 -2.53 1.48 -28.62
CA ILE A 1768 -2.00 1.84 -29.94
C ILE A 1768 -1.44 3.25 -29.91
N GLY A 1769 -2.05 4.13 -29.12
CA GLY A 1769 -1.54 5.49 -29.03
C GLY A 1769 -0.17 5.57 -28.39
N PHE A 1770 0.03 4.86 -27.28
CA PHE A 1770 1.35 4.89 -26.65
C PHE A 1770 2.40 4.19 -27.50
N GLN A 1771 1.98 3.44 -28.52
CA GLN A 1771 2.86 2.83 -29.52
C GLN A 1771 3.87 1.89 -28.90
N LYS A 1772 3.57 1.37 -27.73
CA LYS A 1772 4.48 0.46 -27.05
C LYS A 1772 4.65 -0.82 -27.88
N LYS A 1773 5.81 -1.45 -27.73
CA LYS A 1773 6.02 -2.75 -28.32
C LYS A 1773 5.46 -3.82 -27.38
N ALA A 1774 5.43 -5.05 -27.88
CA ALA A 1774 4.97 -6.23 -27.15
C ALA A 1774 3.46 -6.23 -26.98
N TYR A 1775 2.84 -5.12 -27.28
CA TYR A 1775 1.38 -5.07 -27.24
C TYR A 1775 0.81 -4.56 -28.54
N THR A 1776 1.39 -3.51 -29.12
CA THR A 1776 0.95 -2.96 -30.39
C THR A 1776 2.08 -3.10 -31.39
N SER A 1777 2.22 -4.31 -31.94
CA SER A 1777 3.12 -4.60 -33.04
C SER A 1777 2.37 -5.58 -33.92
N PRO A 1778 2.63 -5.59 -35.22
CA PRO A 1778 1.74 -6.31 -36.14
C PRO A 1778 1.49 -7.77 -35.78
N GLU A 1779 2.20 -8.29 -34.78
CA GLU A 1779 1.95 -9.65 -34.32
C GLU A 1779 1.58 -9.70 -32.84
N ASN A 1780 1.43 -8.55 -32.19
CA ASN A 1780 0.94 -8.53 -30.82
C ASN A 1780 -0.45 -7.91 -30.71
N LEU A 1781 -0.91 -7.22 -31.75
CA LEU A 1781 -2.29 -6.77 -31.76
C LEU A 1781 -3.28 -7.93 -31.67
N PRO A 1782 -3.17 -8.99 -32.47
CA PRO A 1782 -4.15 -10.08 -32.32
C PRO A 1782 -4.17 -10.64 -30.91
N ALA A 1783 -3.01 -10.86 -30.31
CA ALA A 1783 -2.97 -11.43 -28.97
C ALA A 1783 -3.61 -10.49 -27.97
N LEU A 1784 -3.25 -9.20 -28.04
CA LEU A 1784 -3.78 -8.25 -27.07
C LEU A 1784 -5.29 -8.12 -27.20
N VAL A 1785 -5.80 -7.99 -28.42
CA VAL A 1785 -7.23 -7.80 -28.61
C VAL A 1785 -8.01 -9.03 -28.18
N ALA A 1786 -7.56 -10.22 -28.58
CA ALA A 1786 -8.28 -11.42 -28.17
C ALA A 1786 -8.25 -11.57 -26.67
N LEU A 1787 -7.10 -11.28 -26.06
CA LEU A 1787 -6.97 -11.38 -24.61
C LEU A 1787 -7.90 -10.42 -23.91
N LEU A 1788 -8.12 -9.23 -24.49
CA LEU A 1788 -9.04 -8.28 -23.87
C LEU A 1788 -10.49 -8.71 -24.01
N LEU A 1789 -10.89 -9.18 -25.19
CA LEU A 1789 -12.29 -9.52 -25.39
C LEU A 1789 -12.70 -10.73 -24.57
N LEU A 1790 -11.91 -11.79 -24.62
CA LEU A 1790 -12.30 -12.97 -23.86
C LEU A 1790 -12.36 -12.71 -22.37
N TYR A 1791 -11.65 -11.71 -21.86
CA TYR A 1791 -11.74 -11.43 -20.43
C TYR A 1791 -13.17 -11.08 -20.05
N GLY A 1792 -13.76 -10.12 -20.74
CA GLY A 1792 -15.14 -9.77 -20.48
C GLY A 1792 -16.07 -10.93 -20.74
N TRP A 1793 -15.88 -11.62 -21.86
CA TRP A 1793 -16.74 -12.75 -22.17
C TRP A 1793 -16.78 -13.75 -21.03
N ALA A 1794 -15.67 -13.97 -20.35
CA ALA A 1794 -15.63 -14.96 -19.30
C ALA A 1794 -15.91 -14.42 -17.91
N VAL A 1795 -15.79 -13.11 -17.70
CA VAL A 1795 -15.98 -12.56 -16.36
C VAL A 1795 -17.37 -11.99 -16.15
N ILE A 1796 -18.07 -11.61 -17.21
CA ILE A 1796 -19.43 -11.13 -17.02
C ILE A 1796 -20.32 -12.20 -16.39
N PRO A 1797 -20.49 -13.39 -16.95
CA PRO A 1797 -21.37 -14.37 -16.30
C PRO A 1797 -20.88 -14.79 -14.94
N MET A 1798 -19.64 -14.48 -14.58
CA MET A 1798 -19.14 -14.88 -13.27
C MET A 1798 -19.81 -14.10 -12.16
N MET A 1799 -20.10 -12.81 -12.37
CA MET A 1799 -20.61 -11.96 -11.32
C MET A 1799 -22.12 -11.77 -11.38
N TYR A 1800 -22.81 -12.42 -12.30
CA TYR A 1800 -24.27 -12.43 -12.23
C TYR A 1800 -24.80 -13.04 -10.95
N PRO A 1801 -24.31 -14.19 -10.48
CA PRO A 1801 -24.81 -14.71 -9.20
C PRO A 1801 -24.62 -13.77 -8.04
N ALA A 1802 -23.75 -12.78 -8.15
CA ALA A 1802 -23.64 -11.78 -7.11
C ALA A 1802 -24.85 -10.88 -7.05
N SER A 1803 -25.74 -10.95 -8.02
CA SER A 1803 -26.96 -10.16 -8.01
C SER A 1803 -28.07 -10.81 -7.21
N PHE A 1804 -27.87 -12.01 -6.70
CA PHE A 1804 -28.87 -12.69 -5.89
C PHE A 1804 -28.59 -12.61 -4.41
N LEU A 1805 -27.50 -11.97 -4.01
CA LEU A 1805 -27.17 -11.90 -2.60
C LEU A 1805 -26.78 -10.50 -2.16
N PHE A 1806 -27.00 -9.48 -2.97
CA PHE A 1806 -26.84 -8.10 -2.54
C PHE A 1806 -28.14 -7.36 -2.79
N ASP A 1807 -28.53 -6.52 -1.85
CA ASP A 1807 -29.78 -5.81 -1.93
C ASP A 1807 -29.60 -4.30 -1.92
N VAL A 1808 -28.35 -3.83 -1.84
CA VAL A 1808 -28.03 -2.41 -1.88
C VAL A 1808 -26.95 -2.23 -2.93
N PRO A 1809 -27.19 -1.46 -3.99
CA PRO A 1809 -26.19 -1.38 -5.06
C PRO A 1809 -24.80 -0.96 -4.60
N SER A 1810 -24.70 0.00 -3.69
CA SER A 1810 -23.39 0.52 -3.31
C SER A 1810 -22.54 -0.53 -2.61
N THR A 1811 -23.15 -1.31 -1.72
CA THR A 1811 -22.40 -2.36 -1.05
C THR A 1811 -21.90 -3.39 -2.06
N ALA A 1812 -22.73 -3.75 -3.03
CA ALA A 1812 -22.29 -4.68 -4.05
C ALA A 1812 -21.12 -4.11 -4.83
N TYR A 1813 -21.19 -2.83 -5.20
CA TYR A 1813 -20.11 -2.21 -5.96
C TYR A 1813 -18.81 -2.26 -5.18
N VAL A 1814 -18.86 -1.90 -3.89
CA VAL A 1814 -17.62 -1.78 -3.15
C VAL A 1814 -17.18 -3.11 -2.56
N ALA A 1815 -17.98 -4.16 -2.70
CA ALA A 1815 -17.54 -5.49 -2.35
C ALA A 1815 -17.15 -6.33 -3.56
N LEU A 1816 -17.45 -5.86 -4.77
CA LEU A 1816 -16.89 -6.46 -5.96
C LEU A 1816 -15.61 -5.77 -6.40
N SER A 1817 -15.51 -4.46 -6.22
CA SER A 1817 -14.28 -3.75 -6.55
C SER A 1817 -13.13 -4.10 -5.63
N CYS A 1818 -13.37 -4.84 -4.55
CA CYS A 1818 -12.29 -5.31 -3.70
C CYS A 1818 -11.96 -6.78 -3.91
N ALA A 1819 -12.95 -7.60 -4.25
CA ALA A 1819 -12.62 -8.96 -4.69
C ALA A 1819 -11.85 -8.92 -6.00
N ASN A 1820 -12.25 -8.07 -6.92
CA ASN A 1820 -11.52 -8.02 -8.17
C ASN A 1820 -10.21 -7.31 -8.03
N LEU A 1821 -9.74 -7.18 -6.80
CA LEU A 1821 -8.40 -6.71 -6.48
C LEU A 1821 -7.63 -7.74 -5.66
N PHE A 1822 -8.27 -8.30 -4.64
CA PHE A 1822 -7.64 -9.39 -3.89
C PHE A 1822 -7.41 -10.61 -4.76
N ILE A 1823 -8.20 -10.79 -5.82
CA ILE A 1823 -7.96 -11.90 -6.75
C ILE A 1823 -7.14 -11.46 -7.95
N GLY A 1824 -6.91 -10.17 -8.11
CA GLY A 1824 -6.14 -9.68 -9.23
C GLY A 1824 -4.67 -9.59 -8.89
N ILE A 1825 -4.36 -9.21 -7.66
CA ILE A 1825 -2.97 -9.11 -7.21
C ILE A 1825 -2.43 -10.47 -6.84
N ASN A 1826 -3.13 -11.19 -5.97
CA ASN A 1826 -2.67 -12.44 -5.40
C ASN A 1826 -2.91 -13.62 -6.32
N SER A 1827 -3.01 -13.38 -7.58
CA SER A 1827 -2.95 -14.46 -8.56
C SER A 1827 -2.03 -14.11 -9.71
N SER A 1828 -1.91 -12.83 -10.05
CA SER A 1828 -1.00 -12.43 -11.10
C SER A 1828 0.43 -12.27 -10.58
N ALA A 1829 0.61 -11.90 -9.31
CA ALA A 1829 1.95 -11.59 -8.83
C ALA A 1829 2.67 -12.78 -8.21
N ILE A 1830 1.94 -13.70 -7.58
CA ILE A 1830 2.60 -14.74 -6.82
C ILE A 1830 3.42 -15.66 -7.71
N THR A 1831 2.90 -16.03 -8.88
CA THR A 1831 3.68 -16.88 -9.77
C THR A 1831 4.96 -16.17 -10.23
N PHE A 1832 4.86 -14.88 -10.57
CA PHE A 1832 6.05 -14.11 -10.94
C PHE A 1832 7.08 -14.13 -9.82
N ILE A 1833 6.66 -13.80 -8.60
CA ILE A 1833 7.61 -13.76 -7.49
C ILE A 1833 8.15 -15.14 -7.19
N LEU A 1834 7.39 -16.18 -7.51
CA LEU A 1834 7.72 -17.53 -7.12
C LEU A 1834 8.57 -18.26 -8.16
N GLU A 1835 8.70 -17.70 -9.36
CA GLU A 1835 9.59 -18.25 -10.36
C GLU A 1835 11.06 -17.94 -10.10
N LEU A 1836 11.36 -16.93 -9.29
CA LEU A 1836 12.75 -16.53 -9.07
C LEU A 1836 13.38 -17.33 -7.95
N PHE A 1837 13.23 -18.65 -8.01
CA PHE A 1837 13.82 -19.53 -7.00
C PHE A 1837 14.20 -20.81 -7.74
N GLU A 1838 15.45 -20.91 -8.15
CA GLU A 1838 15.94 -22.04 -8.93
C GLU A 1838 16.24 -23.28 -8.08
N ASN A 1839 15.65 -23.40 -6.90
CA ASN A 1839 16.04 -24.48 -6.01
C ASN A 1839 14.86 -24.83 -5.11
N ASN A 1840 15.16 -25.57 -4.04
CA ASN A 1840 14.27 -26.04 -2.98
C ASN A 1840 13.35 -27.14 -3.47
N ARG A 1841 13.20 -27.27 -4.79
CA ARG A 1841 12.56 -28.41 -5.42
C ARG A 1841 11.13 -28.61 -4.91
N THR A 1842 10.70 -27.74 -3.99
CA THR A 1842 9.33 -27.65 -3.53
C THR A 1842 8.69 -26.32 -3.90
N LEU A 1843 9.48 -25.26 -4.06
CA LEU A 1843 8.94 -24.03 -4.58
C LEU A 1843 8.49 -24.19 -6.02
N LEU A 1844 9.27 -24.91 -6.83
CA LEU A 1844 8.80 -25.29 -8.15
C LEU A 1844 7.65 -26.27 -8.08
N ARG A 1845 7.61 -27.12 -7.05
CA ARG A 1845 6.48 -28.01 -6.87
C ARG A 1845 5.19 -27.21 -6.68
N PHE A 1846 5.24 -26.16 -5.88
CA PHE A 1846 4.12 -25.24 -5.70
C PHE A 1846 3.80 -24.48 -6.97
N ASN A 1847 4.82 -23.95 -7.65
CA ASN A 1847 4.58 -23.10 -8.80
C ASN A 1847 3.94 -23.87 -9.95
N ALA A 1848 4.50 -25.02 -10.31
CA ALA A 1848 4.00 -25.74 -11.47
C ALA A 1848 2.61 -26.33 -11.25
N VAL A 1849 2.12 -26.35 -10.00
CA VAL A 1849 0.78 -26.82 -9.73
C VAL A 1849 -0.21 -25.69 -9.48
N LEU A 1850 0.24 -24.55 -8.94
CA LEU A 1850 -0.63 -23.38 -8.92
C LEU A 1850 -0.91 -22.91 -10.34
N ARG A 1851 0.08 -22.96 -11.22
CA ARG A 1851 -0.13 -22.49 -12.57
C ARG A 1851 -1.16 -23.34 -13.32
N LYS A 1852 -1.54 -24.49 -12.77
CA LYS A 1852 -2.60 -25.32 -13.31
C LYS A 1852 -3.84 -25.33 -12.42
N LEU A 1853 -3.73 -24.94 -11.17
CA LEU A 1853 -4.86 -24.90 -10.24
C LEU A 1853 -5.56 -23.56 -10.19
N LEU A 1854 -4.94 -22.49 -10.67
CA LEU A 1854 -5.54 -21.17 -10.66
C LEU A 1854 -6.16 -20.79 -12.00
N ILE A 1855 -6.24 -21.72 -12.94
CA ILE A 1855 -6.71 -21.39 -14.27
C ILE A 1855 -8.24 -21.43 -14.30
N VAL A 1856 -8.85 -21.51 -13.12
CA VAL A 1856 -10.31 -21.60 -13.03
C VAL A 1856 -11.02 -20.25 -13.13
N PHE A 1857 -10.32 -19.15 -12.91
CA PHE A 1857 -10.90 -17.81 -12.94
C PHE A 1857 -10.05 -16.81 -13.70
N PRO A 1858 -10.69 -15.84 -14.37
CA PRO A 1858 -10.05 -15.16 -15.50
C PRO A 1858 -9.05 -14.08 -15.13
N HIS A 1859 -8.99 -13.63 -13.87
CA HIS A 1859 -7.97 -12.67 -13.50
C HIS A 1859 -6.58 -13.26 -13.71
N PHE A 1860 -6.41 -14.54 -13.37
CA PHE A 1860 -5.18 -15.25 -13.66
C PHE A 1860 -4.96 -15.37 -15.17
N CYS A 1861 -5.99 -15.73 -15.91
CA CYS A 1861 -5.83 -15.92 -17.35
C CYS A 1861 -5.49 -14.63 -18.08
N LEU A 1862 -5.76 -13.48 -17.48
CA LEU A 1862 -5.35 -12.21 -18.08
C LEU A 1862 -4.03 -11.70 -17.55
N GLY A 1863 -3.72 -11.94 -16.27
CA GLY A 1863 -2.41 -11.56 -15.76
C GLY A 1863 -1.29 -12.35 -16.40
N ARG A 1864 -1.42 -13.67 -16.44
CA ARG A 1864 -0.43 -14.51 -17.07
C ARG A 1864 -0.48 -14.42 -18.59
N GLY A 1865 -1.25 -13.49 -19.14
CA GLY A 1865 -1.19 -13.24 -20.56
C GLY A 1865 -0.50 -11.93 -20.81
N LEU A 1866 -0.87 -10.92 -20.04
CA LEU A 1866 -0.24 -9.62 -20.24
C LEU A 1866 1.21 -9.61 -19.75
N ILE A 1867 1.55 -10.44 -18.77
CA ILE A 1867 2.96 -10.53 -18.36
C ILE A 1867 3.77 -11.32 -19.38
N ASP A 1868 3.20 -12.41 -19.89
CA ASP A 1868 3.93 -13.25 -20.83
C ASP A 1868 4.15 -12.55 -22.16
N LEU A 1869 3.19 -11.73 -22.61
CA LEU A 1869 3.42 -11.00 -23.85
C LEU A 1869 4.55 -9.97 -23.73
N ALA A 1870 5.01 -9.68 -22.52
CA ALA A 1870 6.17 -8.82 -22.29
C ALA A 1870 7.44 -9.61 -22.04
N LEU A 1871 7.34 -10.71 -21.30
CA LEU A 1871 8.51 -11.56 -21.11
C LEU A 1871 9.01 -12.10 -22.44
N SER A 1872 8.10 -12.55 -23.29
CA SER A 1872 8.51 -13.06 -24.59
C SER A 1872 9.19 -11.98 -25.40
N GLN A 1873 8.69 -10.75 -25.32
CA GLN A 1873 9.33 -9.66 -26.05
C GLN A 1873 10.74 -9.41 -25.53
N ALA A 1874 10.92 -9.42 -24.21
CA ALA A 1874 12.25 -9.21 -23.66
C ALA A 1874 13.21 -10.29 -24.13
N VAL A 1875 12.77 -11.54 -24.11
CA VAL A 1875 13.64 -12.64 -24.50
C VAL A 1875 13.95 -12.59 -25.99
N THR A 1876 12.97 -12.22 -26.82
CA THR A 1876 13.22 -12.11 -28.25
C THR A 1876 13.79 -10.75 -28.62
N ASP A 1877 14.09 -9.92 -27.65
CA ASP A 1877 14.76 -8.67 -27.95
C ASP A 1877 16.19 -8.61 -27.43
N VAL A 1878 16.56 -9.45 -26.46
CA VAL A 1878 17.98 -9.54 -26.14
C VAL A 1878 18.72 -10.32 -27.22
N TYR A 1879 18.06 -11.27 -27.89
CA TYR A 1879 18.72 -11.98 -28.98
C TYR A 1879 19.08 -11.04 -30.11
N ALA A 1880 18.12 -10.23 -30.54
CA ALA A 1880 18.38 -9.29 -31.62
C ALA A 1880 19.44 -8.28 -31.26
N ARG A 1881 19.97 -8.29 -30.03
CA ARG A 1881 21.08 -7.41 -29.73
C ARG A 1881 22.36 -7.92 -30.35
N PHE A 1882 22.58 -9.23 -30.35
CA PHE A 1882 23.71 -9.83 -31.03
C PHE A 1882 23.24 -10.97 -31.92
N GLY A 1883 22.82 -10.63 -33.14
CA GLY A 1883 22.67 -11.60 -34.20
C GLY A 1883 21.52 -12.57 -34.06
N GLU A 1884 21.49 -13.30 -32.94
CA GLU A 1884 20.56 -14.40 -32.72
C GLU A 1884 19.15 -14.05 -33.18
N GLU A 1885 18.47 -15.05 -33.76
CA GLU A 1885 17.13 -14.85 -34.29
C GLU A 1885 16.10 -15.63 -33.48
N HIS A 1886 14.99 -14.97 -33.17
CA HIS A 1886 13.90 -15.55 -32.39
C HIS A 1886 12.62 -14.87 -32.82
N SER A 1887 11.64 -15.65 -33.30
CA SER A 1887 10.39 -15.12 -33.82
C SER A 1887 9.21 -15.89 -33.25
N ALA A 1888 9.20 -16.07 -31.93
CA ALA A 1888 8.12 -16.81 -31.30
C ALA A 1888 6.79 -16.11 -31.52
N ASN A 1889 5.73 -16.89 -31.68
CA ASN A 1889 4.40 -16.37 -31.90
C ASN A 1889 3.52 -16.65 -30.71
N PRO A 1890 2.51 -15.83 -30.46
CA PRO A 1890 1.48 -16.20 -29.49
C PRO A 1890 0.59 -17.27 -30.09
N PHE A 1891 -0.51 -17.60 -29.42
CA PHE A 1891 -1.46 -18.58 -29.94
C PHE A 1891 -0.85 -19.95 -30.08
N HIS A 1892 0.08 -20.30 -29.20
CA HIS A 1892 0.85 -21.52 -29.39
C HIS A 1892 0.74 -22.46 -28.19
N TRP A 1893 -0.19 -22.22 -27.28
CA TRP A 1893 -0.46 -23.12 -26.16
C TRP A 1893 0.71 -23.18 -25.20
N ASP A 1894 1.85 -22.61 -25.58
CA ASP A 1894 2.95 -22.56 -24.64
C ASP A 1894 2.93 -21.28 -23.82
N LEU A 1895 2.43 -20.20 -24.39
CA LEU A 1895 2.35 -18.93 -23.68
C LEU A 1895 0.92 -18.44 -23.48
N ILE A 1896 0.14 -18.22 -24.54
CA ILE A 1896 -1.23 -17.73 -24.34
C ILE A 1896 -2.26 -18.54 -25.12
N GLY A 1897 -2.03 -19.84 -25.29
CA GLY A 1897 -3.05 -20.65 -25.92
C GLY A 1897 -3.98 -21.25 -24.90
N LYS A 1898 -3.42 -21.81 -23.84
CA LYS A 1898 -4.27 -22.40 -22.82
C LYS A 1898 -5.09 -21.35 -22.10
N ASN A 1899 -4.60 -20.10 -22.04
CA ASN A 1899 -5.37 -19.03 -21.45
C ASN A 1899 -6.62 -18.73 -22.26
N LEU A 1900 -6.46 -18.54 -23.57
CA LEU A 1900 -7.63 -18.28 -24.41
C LEU A 1900 -8.52 -19.49 -24.55
N PHE A 1901 -8.05 -20.68 -24.18
CA PHE A 1901 -9.01 -21.78 -24.12
C PHE A 1901 -9.77 -21.78 -22.81
N ALA A 1902 -9.08 -21.56 -21.71
CA ALA A 1902 -9.75 -21.56 -20.41
C ALA A 1902 -10.79 -20.48 -20.34
N MET A 1903 -10.54 -19.32 -20.96
CA MET A 1903 -11.54 -18.26 -20.93
C MET A 1903 -12.80 -18.65 -21.70
N VAL A 1904 -12.65 -19.28 -22.87
CA VAL A 1904 -13.83 -19.66 -23.64
C VAL A 1904 -14.64 -20.73 -22.90
N VAL A 1905 -13.96 -21.67 -22.24
CA VAL A 1905 -14.71 -22.71 -21.54
C VAL A 1905 -15.41 -22.14 -20.30
N GLU A 1906 -14.75 -21.28 -19.54
CA GLU A 1906 -15.41 -20.77 -18.36
C GLU A 1906 -16.33 -19.61 -18.67
N GLY A 1907 -16.39 -19.16 -19.90
CA GLY A 1907 -17.46 -18.25 -20.24
C GLY A 1907 -18.77 -18.92 -20.53
N VAL A 1908 -18.83 -20.25 -20.46
CA VAL A 1908 -20.05 -21.00 -20.64
C VAL A 1908 -20.42 -21.81 -19.40
N VAL A 1909 -19.43 -22.36 -18.69
CA VAL A 1909 -19.79 -23.09 -17.48
C VAL A 1909 -20.41 -22.14 -16.45
N TYR A 1910 -19.87 -20.92 -16.35
CA TYR A 1910 -20.43 -19.95 -15.39
C TYR A 1910 -21.83 -19.52 -15.81
N PHE A 1911 -22.06 -19.35 -17.10
CA PHE A 1911 -23.39 -18.96 -17.56
C PHE A 1911 -24.42 -20.03 -17.23
N LEU A 1912 -24.08 -21.29 -17.48
CA LEU A 1912 -24.99 -22.35 -17.07
C LEU A 1912 -25.14 -22.42 -15.57
N LEU A 1913 -24.13 -21.99 -14.82
CA LEU A 1913 -24.31 -21.91 -13.37
C LEU A 1913 -25.32 -20.82 -13.00
N THR A 1914 -25.31 -19.70 -13.71
CA THR A 1914 -26.30 -18.65 -13.37
C THR A 1914 -27.68 -18.96 -13.92
N LEU A 1915 -27.80 -19.92 -14.82
CA LEU A 1915 -29.12 -20.43 -15.18
C LEU A 1915 -29.65 -21.46 -14.21
N LEU A 1916 -28.85 -21.91 -13.24
CA LEU A 1916 -29.29 -22.85 -12.22
C LEU A 1916 -29.46 -22.21 -10.86
N VAL A 1917 -28.60 -21.24 -10.52
CA VAL A 1917 -28.75 -20.51 -9.27
C VAL A 1917 -30.05 -19.75 -9.25
N GLN A 1918 -30.65 -19.54 -10.42
CA GLN A 1918 -31.97 -18.93 -10.52
C GLN A 1918 -33.08 -19.96 -10.59
N ARG A 1919 -32.82 -21.13 -11.16
CA ARG A 1919 -33.83 -22.18 -11.20
C ARG A 1919 -34.10 -22.76 -9.82
N HIS A 1920 -33.10 -22.79 -8.94
CA HIS A 1920 -33.41 -23.13 -7.54
C HIS A 1920 -34.40 -22.15 -6.94
N PHE A 1921 -34.27 -20.87 -7.27
CA PHE A 1921 -35.25 -19.90 -6.81
C PHE A 1921 -36.63 -20.22 -7.35
N PHE A 1922 -36.72 -20.53 -8.63
CA PHE A 1922 -38.00 -20.84 -9.27
C PHE A 1922 -38.11 -22.32 -9.62
N ILE A 1935 -63.73 -29.90 9.18
CA ILE A 1935 -64.51 -29.15 10.15
C ILE A 1935 -65.71 -28.49 9.50
N VAL A 1936 -66.35 -27.59 10.24
CA VAL A 1936 -67.54 -26.90 9.78
C VAL A 1936 -67.15 -25.46 9.44
N ASP A 1937 -68.08 -24.73 8.83
CA ASP A 1937 -67.84 -23.33 8.49
C ASP A 1937 -69.11 -22.51 8.67
N GLU A 1938 -69.07 -21.23 8.32
CA GLU A 1938 -70.24 -20.39 8.42
C GLU A 1938 -71.29 -20.80 7.39
N ASP A 1939 -72.54 -20.48 7.68
CA ASP A 1939 -73.66 -20.94 6.86
C ASP A 1939 -73.69 -20.32 5.47
N ASP A 1940 -72.70 -19.51 5.12
CA ASP A 1940 -72.60 -18.91 3.79
C ASP A 1940 -71.38 -19.34 3.01
N ASP A 1941 -70.35 -19.85 3.69
CA ASP A 1941 -69.25 -20.54 3.02
C ASP A 1941 -69.67 -21.91 2.52
N VAL A 1942 -70.80 -22.42 3.00
CA VAL A 1942 -71.25 -23.76 2.62
C VAL A 1942 -71.55 -23.84 1.13
N ALA A 1943 -72.17 -22.80 0.57
CA ALA A 1943 -72.51 -22.82 -0.84
C ALA A 1943 -71.26 -22.95 -1.69
N GLU A 1944 -70.22 -22.18 -1.37
CA GLU A 1944 -68.99 -22.28 -2.15
C GLU A 1944 -68.24 -23.57 -1.86
N GLU A 1945 -68.39 -24.12 -0.65
CA GLU A 1945 -67.84 -25.45 -0.39
C GLU A 1945 -68.42 -26.47 -1.36
N ARG A 1946 -69.75 -26.54 -1.44
CA ARG A 1946 -70.40 -27.61 -2.17
C ARG A 1946 -70.69 -27.28 -3.62
N GLN A 1947 -70.37 -26.08 -4.10
CA GLN A 1947 -70.75 -25.75 -5.47
C GLN A 1947 -69.99 -26.58 -6.48
N ARG A 1948 -68.68 -26.72 -6.30
CA ARG A 1948 -67.84 -27.38 -7.31
C ARG A 1948 -67.15 -28.64 -6.79
N ILE A 1949 -67.41 -29.05 -5.56
CA ILE A 1949 -66.80 -30.25 -5.00
C ILE A 1949 -67.58 -31.51 -5.35
N ILE A 1950 -68.88 -31.52 -5.08
CA ILE A 1950 -69.71 -32.69 -5.31
C ILE A 1950 -70.69 -32.51 -6.45
N THR A 1951 -71.23 -31.30 -6.63
CA THR A 1951 -72.03 -31.04 -7.83
C THR A 1951 -71.10 -30.85 -9.03
N GLY A 1952 -70.23 -29.86 -8.97
CA GLY A 1952 -69.36 -29.55 -10.08
C GLY A 1952 -70.08 -28.54 -10.93
N GLY A 1953 -69.72 -27.28 -10.79
CA GLY A 1953 -70.53 -26.24 -11.38
C GLY A 1953 -69.76 -25.09 -11.96
N ASN A 1954 -68.48 -25.29 -12.27
CA ASN A 1954 -67.73 -24.22 -12.88
C ASN A 1954 -68.27 -23.93 -14.28
N LYS A 1955 -67.89 -24.77 -15.24
CA LYS A 1955 -68.44 -24.91 -16.58
C LYS A 1955 -68.38 -23.60 -17.37
N THR A 1956 -68.16 -22.48 -16.67
CA THR A 1956 -67.88 -21.21 -17.32
C THR A 1956 -66.97 -20.30 -16.51
N ASP A 1957 -66.48 -20.73 -15.35
CA ASP A 1957 -65.86 -19.82 -14.41
C ASP A 1957 -64.45 -19.48 -14.85
N ILE A 1958 -63.78 -18.65 -14.06
CA ILE A 1958 -62.48 -18.11 -14.43
C ILE A 1958 -61.42 -18.39 -13.38
N LEU A 1959 -61.84 -18.58 -12.12
CA LEU A 1959 -60.89 -18.75 -11.02
C LEU A 1959 -61.30 -19.88 -10.08
N ARG A 1960 -61.45 -21.08 -10.63
CA ARG A 1960 -62.02 -22.22 -9.92
C ARG A 1960 -61.41 -22.45 -8.53
N LEU A 1961 -60.09 -22.40 -8.40
CA LEU A 1961 -59.42 -22.14 -7.13
C LEU A 1961 -59.97 -23.00 -5.99
N HIS A 1962 -59.67 -24.30 -6.08
CA HIS A 1962 -60.07 -25.28 -5.07
C HIS A 1962 -59.29 -25.03 -3.79
N GLU A 1963 -59.37 -25.96 -2.82
CA GLU A 1963 -58.61 -25.83 -1.59
C GLU A 1963 -57.12 -25.74 -1.87
N LEU A 1964 -56.55 -24.56 -1.68
CA LEU A 1964 -55.12 -24.34 -1.70
C LEU A 1964 -54.59 -24.03 -0.31
N THR A 1965 -53.44 -24.59 0.00
CA THR A 1965 -52.81 -24.45 1.30
C THR A 1965 -51.34 -24.10 1.10
N LYS A 1966 -50.82 -23.26 1.98
CA LYS A 1966 -49.41 -22.85 1.93
C LYS A 1966 -48.79 -23.10 3.29
N ILE A 1967 -48.04 -24.19 3.40
CA ILE A 1967 -47.32 -24.53 4.62
C ILE A 1967 -45.86 -24.15 4.44
N TYR A 1968 -45.32 -23.39 5.39
CA TYR A 1968 -43.90 -23.12 5.48
C TYR A 1968 -43.16 -24.43 5.77
N PRO A 1969 -41.80 -24.42 5.79
CA PRO A 1969 -41.08 -25.63 6.24
C PRO A 1969 -41.73 -26.22 7.49
N GLY A 1970 -41.87 -25.39 8.52
CA GLY A 1970 -42.86 -25.65 9.54
C GLY A 1970 -42.79 -24.68 10.70
N THR A 1971 -43.94 -24.13 11.10
CA THR A 1971 -44.06 -23.52 12.42
C THR A 1971 -45.17 -24.16 13.22
N SER A 1972 -46.44 -24.03 12.80
CA SER A 1972 -47.53 -24.76 13.42
C SER A 1972 -48.51 -25.34 12.39
N SER A 1973 -48.82 -24.55 11.36
CA SER A 1973 -49.92 -24.86 10.44
C SER A 1973 -49.83 -23.92 9.25
N PRO A 1974 -50.38 -24.31 8.11
CA PRO A 1974 -50.26 -23.45 6.91
C PRO A 1974 -50.91 -22.10 7.14
N ALA A 1975 -50.25 -21.05 6.60
CA ALA A 1975 -50.82 -19.72 6.69
C ALA A 1975 -52.15 -19.66 5.96
N VAL A 1976 -52.24 -20.28 4.79
CA VAL A 1976 -53.49 -20.41 4.06
C VAL A 1976 -54.00 -21.82 4.25
N ASP A 1977 -55.20 -21.94 4.79
CA ASP A 1977 -55.84 -23.24 4.97
C ASP A 1977 -56.68 -23.54 3.74
N ARG A 1978 -57.46 -24.62 3.82
CA ARG A 1978 -58.32 -24.98 2.70
C ARG A 1978 -59.32 -23.86 2.43
N LEU A 1979 -59.47 -23.50 1.16
CA LEU A 1979 -60.45 -22.48 0.78
C LEU A 1979 -61.04 -22.79 -0.59
N CYS A 1980 -62.34 -22.57 -0.72
CA CYS A 1980 -63.07 -22.78 -1.96
C CYS A 1980 -63.75 -21.48 -2.35
N VAL A 1981 -63.42 -20.95 -3.53
CA VAL A 1981 -64.06 -19.79 -4.10
C VAL A 1981 -64.25 -20.02 -5.59
N GLY A 1982 -64.89 -19.06 -6.25
CA GLY A 1982 -65.08 -19.11 -7.68
C GLY A 1982 -65.57 -17.78 -8.20
N VAL A 1983 -65.01 -17.31 -9.29
CA VAL A 1983 -65.28 -15.98 -9.81
C VAL A 1983 -65.99 -16.10 -11.14
N ARG A 1984 -67.16 -15.51 -11.24
CA ARG A 1984 -67.95 -15.55 -12.45
C ARG A 1984 -67.53 -14.45 -13.40
N PRO A 1985 -67.88 -14.56 -14.67
CA PRO A 1985 -67.56 -13.51 -15.63
C PRO A 1985 -68.48 -12.30 -15.53
N GLY A 1986 -68.10 -11.31 -14.73
CA GLY A 1986 -68.91 -10.11 -14.61
C GLY A 1986 -68.93 -9.52 -13.23
N GLU A 1987 -68.21 -10.13 -12.29
CA GLU A 1987 -68.23 -9.70 -10.90
C GLU A 1987 -66.82 -9.53 -10.37
N CYS A 1988 -66.69 -8.69 -9.34
CA CYS A 1988 -65.42 -8.37 -8.71
C CYS A 1988 -65.37 -8.99 -7.32
N PHE A 1989 -64.51 -9.99 -7.15
CA PHE A 1989 -64.27 -10.52 -5.83
C PHE A 1989 -63.55 -9.49 -4.98
N GLY A 1990 -63.77 -9.53 -3.68
CA GLY A 1990 -63.19 -8.55 -2.80
C GLY A 1990 -61.94 -8.98 -2.06
N LEU A 1991 -62.03 -10.08 -1.32
CA LEU A 1991 -60.89 -10.64 -0.58
C LEU A 1991 -60.23 -9.58 0.31
N LEU A 1992 -60.95 -9.18 1.34
CA LEU A 1992 -60.40 -8.22 2.29
C LEU A 1992 -59.30 -8.84 3.14
N GLY A 1993 -59.66 -9.78 3.99
CA GLY A 1993 -58.69 -10.42 4.86
C GLY A 1993 -58.32 -9.57 6.06
N VAL A 1994 -58.22 -10.20 7.24
CA VAL A 1994 -57.72 -9.49 8.41
C VAL A 1994 -56.23 -9.25 8.20
N ASN A 1995 -55.78 -8.05 8.55
CA ASN A 1995 -54.39 -7.68 8.30
C ASN A 1995 -53.45 -8.56 9.12
N GLY A 1996 -52.33 -8.93 8.50
CA GLY A 1996 -51.32 -9.74 9.14
C GLY A 1996 -51.64 -11.22 9.18
N ALA A 1997 -52.93 -11.59 9.06
CA ALA A 1997 -53.32 -12.99 9.14
C ALA A 1997 -52.74 -13.83 8.03
N GLY A 1998 -52.33 -13.21 6.93
CA GLY A 1998 -51.74 -13.91 5.81
C GLY A 1998 -52.65 -13.89 4.61
N LYS A 1999 -52.49 -12.89 3.78
CA LYS A 1999 -53.26 -12.63 2.58
C LYS A 1999 -52.38 -12.48 1.36
N THR A 2000 -51.21 -11.85 1.51
CA THR A 2000 -50.33 -11.65 0.38
C THR A 2000 -49.86 -12.97 -0.20
N THR A 2001 -49.85 -14.02 0.61
CA THR A 2001 -49.41 -15.32 0.14
C THR A 2001 -50.38 -15.90 -0.89
N THR A 2002 -51.66 -15.56 -0.80
CA THR A 2002 -52.59 -15.98 -1.83
C THR A 2002 -52.20 -15.41 -3.19
N PHE A 2003 -51.91 -14.11 -3.25
CA PHE A 2003 -51.46 -13.53 -4.51
C PHE A 2003 -50.10 -14.05 -4.93
N LYS A 2004 -49.22 -14.31 -3.97
CA LYS A 2004 -47.93 -14.90 -4.31
C LYS A 2004 -48.13 -16.23 -5.02
N MET A 2005 -49.01 -17.08 -4.49
CA MET A 2005 -49.29 -18.34 -5.13
C MET A 2005 -49.95 -18.16 -6.48
N LEU A 2006 -50.90 -17.22 -6.59
CA LEU A 2006 -51.61 -17.04 -7.84
C LEU A 2006 -50.74 -16.45 -8.93
N THR A 2007 -49.65 -15.77 -8.58
CA THR A 2007 -48.78 -15.14 -9.57
C THR A 2007 -47.49 -15.92 -9.82
N GLY A 2008 -47.37 -17.11 -9.25
CA GLY A 2008 -46.17 -17.89 -9.47
C GLY A 2008 -44.97 -17.43 -8.68
N ASP A 2009 -45.14 -16.42 -7.82
CA ASP A 2009 -44.02 -15.91 -7.05
C ASP A 2009 -43.47 -16.99 -6.13
N THR A 2010 -44.35 -17.70 -5.42
CA THR A 2010 -43.94 -18.78 -4.54
C THR A 2010 -44.70 -20.05 -4.89
N THR A 2011 -44.47 -21.08 -4.09
CA THR A 2011 -44.88 -22.44 -4.39
C THR A 2011 -46.00 -22.91 -3.46
N VAL A 2012 -46.90 -23.70 -4.04
CA VAL A 2012 -48.11 -24.12 -3.35
C VAL A 2012 -47.83 -25.46 -2.69
N THR A 2013 -48.67 -25.83 -1.74
CA THR A 2013 -48.65 -27.14 -1.10
C THR A 2013 -49.93 -27.87 -1.48
N SER A 2014 -49.89 -28.55 -2.63
CA SER A 2014 -50.94 -29.45 -3.10
C SER A 2014 -52.32 -28.81 -3.03
N GLY A 2015 -52.49 -27.76 -3.83
CA GLY A 2015 -53.77 -27.15 -4.05
C GLY A 2015 -54.33 -27.47 -5.42
N ASP A 2016 -55.31 -26.66 -5.83
CA ASP A 2016 -55.93 -26.81 -7.14
C ASP A 2016 -56.50 -25.46 -7.56
N ALA A 2017 -55.82 -24.77 -8.46
CA ALA A 2017 -56.30 -23.48 -8.95
C ALA A 2017 -56.20 -23.47 -10.46
N THR A 2018 -57.29 -23.11 -11.13
CA THR A 2018 -57.33 -23.09 -12.58
C THR A 2018 -57.86 -21.74 -13.03
N VAL A 2019 -57.39 -21.32 -14.21
CA VAL A 2019 -57.83 -20.09 -14.85
C VAL A 2019 -58.52 -20.56 -16.13
N ALA A 2020 -59.01 -19.65 -16.95
CA ALA A 2020 -59.98 -20.00 -17.99
C ALA A 2020 -59.35 -20.86 -19.08
N GLY A 2021 -59.14 -22.14 -18.79
CA GLY A 2021 -58.69 -23.07 -19.80
C GLY A 2021 -57.57 -24.00 -19.35
N LYS A 2022 -56.69 -23.52 -18.47
CA LYS A 2022 -55.55 -24.31 -18.01
C LYS A 2022 -55.49 -24.26 -16.49
N SER A 2023 -54.41 -24.80 -15.93
CA SER A 2023 -54.24 -24.88 -14.49
C SER A 2023 -52.97 -24.15 -14.07
N ILE A 2024 -52.75 -24.08 -12.76
CA ILE A 2024 -51.67 -23.30 -12.18
C ILE A 2024 -50.46 -24.15 -11.82
N LEU A 2025 -50.56 -25.47 -11.95
CA LEU A 2025 -49.49 -26.36 -11.51
C LEU A 2025 -48.61 -26.87 -12.65
N THR A 2026 -49.13 -26.95 -13.88
CA THR A 2026 -48.35 -27.50 -14.97
C THR A 2026 -48.33 -26.62 -16.22
N ASN A 2027 -49.24 -25.67 -16.37
CA ASN A 2027 -49.30 -24.83 -17.55
C ASN A 2027 -49.25 -23.36 -17.18
N ILE A 2028 -48.38 -23.02 -16.21
CA ILE A 2028 -48.39 -21.67 -15.66
C ILE A 2028 -48.02 -20.64 -16.72
N SER A 2029 -47.11 -20.99 -17.63
CA SER A 2029 -46.84 -20.10 -18.75
C SER A 2029 -48.05 -19.94 -19.66
N GLU A 2030 -49.01 -20.85 -19.58
CA GLU A 2030 -50.23 -20.73 -20.35
C GLU A 2030 -51.36 -20.06 -19.57
N VAL A 2031 -51.15 -19.71 -18.31
CA VAL A 2031 -52.13 -18.96 -17.54
C VAL A 2031 -51.61 -17.58 -17.16
N HIS A 2032 -50.36 -17.29 -17.47
CA HIS A 2032 -49.81 -15.96 -17.22
C HIS A 2032 -50.03 -15.00 -18.37
N GLN A 2033 -50.75 -15.41 -19.42
CA GLN A 2033 -51.12 -14.52 -20.50
C GLN A 2033 -52.59 -14.14 -20.46
N ASN A 2034 -53.35 -14.69 -19.52
CA ASN A 2034 -54.75 -14.37 -19.36
C ASN A 2034 -55.03 -13.55 -18.11
N MET A 2035 -54.02 -12.85 -17.57
CA MET A 2035 -54.20 -12.10 -16.34
C MET A 2035 -53.20 -10.96 -16.27
N GLY A 2036 -53.67 -9.80 -15.82
CA GLY A 2036 -52.79 -8.71 -15.44
C GLY A 2036 -52.37 -8.84 -13.99
N TYR A 2037 -51.58 -7.87 -13.53
CA TYR A 2037 -51.17 -7.85 -12.14
C TYR A 2037 -50.64 -6.47 -11.78
N CYS A 2038 -51.31 -5.81 -10.85
CA CYS A 2038 -50.88 -4.50 -10.39
C CYS A 2038 -50.24 -4.65 -9.03
N PRO A 2039 -48.92 -4.50 -8.90
CA PRO A 2039 -48.28 -4.77 -7.62
C PRO A 2039 -48.67 -3.74 -6.58
N GLN A 2040 -48.57 -4.13 -5.32
CA GLN A 2040 -48.83 -3.16 -4.25
C GLN A 2040 -47.81 -2.04 -4.26
N PHE A 2041 -46.56 -2.36 -4.57
CA PHE A 2041 -45.51 -1.36 -4.64
C PHE A 2041 -45.16 -1.06 -6.09
N ASP A 2042 -44.61 0.13 -6.30
CA ASP A 2042 -44.39 0.65 -7.64
C ASP A 2042 -43.16 0.00 -8.26
N ALA A 2043 -43.35 -0.59 -9.44
CA ALA A 2043 -42.33 -1.38 -10.12
C ALA A 2043 -42.14 -0.79 -11.52
N ILE A 2044 -41.44 0.34 -11.58
CA ILE A 2044 -41.29 1.07 -12.83
C ILE A 2044 -39.85 1.55 -12.96
N ASP A 2045 -39.34 1.51 -14.18
CA ASP A 2045 -38.01 2.03 -14.49
C ASP A 2045 -38.07 3.54 -14.55
N GLU A 2046 -37.30 4.19 -13.68
CA GLU A 2046 -37.46 5.62 -13.46
C GLU A 2046 -36.70 6.46 -14.46
N LEU A 2047 -36.26 5.89 -15.58
CA LEU A 2047 -35.56 6.65 -16.59
C LEU A 2047 -36.16 6.56 -17.98
N LEU A 2048 -37.23 5.79 -18.20
CA LEU A 2048 -37.71 5.78 -19.57
C LEU A 2048 -38.68 6.92 -19.90
N THR A 2049 -39.97 6.73 -19.59
CA THR A 2049 -41.10 7.69 -19.69
C THR A 2049 -42.38 6.93 -19.43
N GLY A 2050 -43.52 7.62 -19.44
CA GLY A 2050 -44.79 6.93 -19.37
C GLY A 2050 -45.08 6.09 -20.60
N ARG A 2051 -44.87 6.64 -21.79
CA ARG A 2051 -45.37 6.01 -23.00
C ARG A 2051 -44.62 4.72 -23.33
N GLU A 2052 -43.31 4.71 -23.15
CA GLU A 2052 -42.58 3.54 -23.57
C GLU A 2052 -42.62 2.41 -22.55
N HIS A 2053 -43.09 2.65 -21.32
CA HIS A 2053 -43.49 1.53 -20.48
C HIS A 2053 -44.62 0.75 -21.13
N LEU A 2054 -45.60 1.48 -21.66
CA LEU A 2054 -46.69 0.84 -22.38
C LEU A 2054 -46.19 0.14 -23.63
N TYR A 2055 -45.27 0.77 -24.35
CA TYR A 2055 -44.67 0.10 -25.50
C TYR A 2055 -44.04 -1.23 -25.11
N LEU A 2056 -43.18 -1.20 -24.09
CA LEU A 2056 -42.53 -2.41 -23.60
C LEU A 2056 -43.53 -3.49 -23.24
N TYR A 2057 -44.51 -3.16 -22.40
CA TYR A 2057 -45.38 -4.20 -21.90
C TYR A 2057 -46.40 -4.65 -22.92
N ALA A 2058 -46.72 -3.82 -23.90
CA ALA A 2058 -47.48 -4.29 -25.04
C ALA A 2058 -46.69 -5.32 -25.81
N ARG A 2059 -45.42 -5.02 -26.10
CA ARG A 2059 -44.60 -5.95 -26.88
C ARG A 2059 -44.40 -7.26 -26.14
N LEU A 2060 -44.30 -7.23 -24.82
CA LEU A 2060 -43.99 -8.44 -24.09
C LEU A 2060 -45.07 -9.52 -24.19
N ARG A 2061 -46.29 -9.21 -24.64
CA ARG A 2061 -47.30 -10.25 -24.74
C ARG A 2061 -47.79 -10.48 -26.17
N GLY A 2062 -48.31 -9.47 -26.84
CA GLY A 2062 -48.95 -9.67 -28.12
C GLY A 2062 -48.88 -8.49 -29.04
N VAL A 2063 -50.05 -8.04 -29.49
CA VAL A 2063 -50.27 -6.76 -30.18
C VAL A 2063 -49.29 -6.57 -31.33
N PRO A 2064 -49.56 -7.16 -32.49
CA PRO A 2064 -48.66 -7.03 -33.65
C PRO A 2064 -48.28 -5.60 -33.99
N ALA A 2065 -47.26 -5.46 -34.84
CA ALA A 2065 -46.40 -4.28 -34.84
C ALA A 2065 -47.17 -2.99 -35.07
N GLU A 2066 -48.23 -3.03 -35.88
CA GLU A 2066 -48.91 -1.79 -36.22
C GLU A 2066 -50.09 -1.46 -35.32
N GLU A 2067 -50.38 -2.29 -34.32
CA GLU A 2067 -51.47 -2.01 -33.39
C GLU A 2067 -51.02 -1.49 -32.05
N ILE A 2068 -49.72 -1.58 -31.75
CA ILE A 2068 -49.22 -1.05 -30.48
C ILE A 2068 -49.53 0.43 -30.40
N GLU A 2069 -49.44 1.14 -31.53
CA GLU A 2069 -49.68 2.57 -31.54
C GLU A 2069 -51.06 2.90 -30.98
N LYS A 2070 -52.11 2.28 -31.52
CA LYS A 2070 -53.46 2.57 -31.05
C LYS A 2070 -53.73 2.04 -29.66
N VAL A 2071 -53.17 0.88 -29.32
CA VAL A 2071 -53.41 0.33 -27.98
C VAL A 2071 -52.84 1.24 -26.92
N ALA A 2072 -51.58 1.65 -27.09
CA ALA A 2072 -50.96 2.57 -26.14
C ALA A 2072 -51.61 3.94 -26.17
N ASN A 2073 -52.15 4.36 -27.33
CA ASN A 2073 -52.89 5.62 -27.33
C ASN A 2073 -54.14 5.55 -26.48
N TRP A 2074 -54.87 4.42 -26.55
CA TRP A 2074 -56.10 4.30 -25.78
C TRP A 2074 -55.82 4.23 -24.29
N SER A 2075 -54.80 3.46 -23.91
CA SER A 2075 -54.52 3.28 -22.49
C SER A 2075 -54.13 4.59 -21.80
N ILE A 2076 -53.52 5.52 -22.52
CA ILE A 2076 -53.10 6.77 -21.91
C ILE A 2076 -54.29 7.64 -21.59
N LYS A 2077 -55.25 7.73 -22.51
CA LYS A 2077 -56.40 8.60 -22.30
C LYS A 2077 -57.44 8.00 -21.39
N SER A 2078 -57.53 6.66 -21.32
CA SER A 2078 -58.50 6.07 -20.40
C SER A 2078 -58.19 6.45 -18.96
N LEU A 2079 -56.92 6.39 -18.56
CA LEU A 2079 -56.53 6.69 -17.20
C LEU A 2079 -56.21 8.15 -16.96
N GLY A 2080 -56.19 8.97 -18.00
CA GLY A 2080 -55.97 10.40 -17.85
C GLY A 2080 -54.53 10.80 -17.59
N LEU A 2081 -53.65 10.52 -18.55
CA LEU A 2081 -52.24 10.78 -18.39
C LEU A 2081 -51.64 11.70 -19.44
N THR A 2082 -52.46 12.20 -20.37
CA THR A 2082 -51.92 12.88 -21.55
C THR A 2082 -51.07 14.08 -21.21
N VAL A 2083 -51.26 14.69 -20.04
CA VAL A 2083 -50.41 15.81 -19.65
C VAL A 2083 -49.00 15.35 -19.33
N TYR A 2084 -48.87 14.19 -18.67
CA TYR A 2084 -47.58 13.74 -18.14
C TYR A 2084 -46.99 12.59 -18.94
N ALA A 2085 -47.57 12.24 -20.08
CA ALA A 2085 -47.28 10.95 -20.69
C ALA A 2085 -45.93 10.89 -21.40
N ASP A 2086 -45.09 11.92 -21.28
CA ASP A 2086 -43.75 11.87 -21.87
C ASP A 2086 -42.72 12.53 -20.95
N CYS A 2087 -42.74 12.22 -19.66
CA CYS A 2087 -41.91 13.00 -18.75
C CYS A 2087 -41.18 12.13 -17.74
N LEU A 2088 -40.64 10.98 -18.16
CA LEU A 2088 -39.74 10.18 -17.31
C LEU A 2088 -40.38 9.82 -15.98
N ALA A 2089 -41.29 8.85 -16.05
CA ALA A 2089 -41.73 8.17 -14.84
C ALA A 2089 -40.57 8.02 -13.88
N GLY A 2090 -40.77 8.42 -12.64
CA GLY A 2090 -39.69 8.65 -11.71
C GLY A 2090 -39.57 10.09 -11.28
N THR A 2091 -40.06 11.02 -12.10
CA THR A 2091 -40.46 12.34 -11.62
C THR A 2091 -41.94 12.41 -11.32
N TYR A 2092 -42.72 11.43 -11.77
CA TYR A 2092 -44.16 11.42 -11.54
C TYR A 2092 -44.44 11.58 -10.04
N SER A 2093 -45.39 12.45 -9.73
CA SER A 2093 -45.48 12.90 -8.34
C SER A 2093 -45.85 11.81 -7.35
N GLY A 2094 -47.12 11.43 -7.27
CA GLY A 2094 -47.46 10.39 -6.33
C GLY A 2094 -48.57 9.45 -6.76
N GLY A 2095 -49.33 9.87 -7.77
CA GLY A 2095 -50.51 9.14 -8.17
C GLY A 2095 -50.49 8.89 -9.64
N ASN A 2096 -49.61 9.60 -10.35
CA ASN A 2096 -49.38 9.27 -11.74
C ASN A 2096 -48.64 7.94 -11.87
N LYS A 2097 -47.77 7.63 -10.91
CA LYS A 2097 -47.16 6.32 -10.88
C LYS A 2097 -48.21 5.23 -10.71
N ARG A 2098 -49.15 5.44 -9.80
CA ARG A 2098 -50.18 4.43 -9.58
C ARG A 2098 -51.12 4.32 -10.78
N LYS A 2099 -51.44 5.44 -11.40
CA LYS A 2099 -52.23 5.39 -12.60
C LYS A 2099 -51.50 4.62 -13.69
N LEU A 2100 -50.19 4.82 -13.80
CA LEU A 2100 -49.41 4.09 -14.80
C LEU A 2100 -49.41 2.59 -14.53
N SER A 2101 -49.23 2.20 -13.27
CA SER A 2101 -49.21 0.78 -12.94
C SER A 2101 -50.55 0.14 -13.28
N THR A 2102 -51.65 0.80 -12.91
CA THR A 2102 -52.96 0.31 -13.28
C THR A 2102 -53.20 0.35 -14.78
N ALA A 2103 -52.49 1.19 -15.51
CA ALA A 2103 -52.61 1.20 -16.96
C ALA A 2103 -51.94 -0.03 -17.56
N ILE A 2104 -50.70 -0.29 -17.16
CA ILE A 2104 -49.96 -1.39 -17.79
C ILE A 2104 -50.48 -2.74 -17.32
N ALA A 2105 -51.15 -2.79 -16.17
CA ALA A 2105 -51.78 -4.05 -15.78
C ALA A 2105 -53.00 -4.35 -16.62
N LEU A 2106 -53.44 -3.42 -17.44
CA LEU A 2106 -54.73 -3.48 -18.11
C LEU A 2106 -54.57 -3.53 -19.62
N ILE A 2107 -53.35 -3.78 -20.11
CA ILE A 2107 -53.03 -3.68 -21.53
C ILE A 2107 -53.59 -4.93 -22.20
N GLY A 2108 -53.65 -4.92 -23.53
CA GLY A 2108 -54.32 -6.01 -24.20
C GLY A 2108 -55.78 -6.06 -23.77
N CYS A 2109 -56.28 -7.26 -23.53
CA CYS A 2109 -57.62 -7.45 -22.98
C CYS A 2109 -57.67 -8.77 -22.21
N PRO A 2110 -56.97 -8.89 -21.08
CA PRO A 2110 -57.01 -10.15 -20.35
C PRO A 2110 -58.38 -10.38 -19.74
N PRO A 2111 -58.80 -11.64 -19.59
CA PRO A 2111 -60.09 -11.93 -18.96
C PRO A 2111 -60.05 -12.00 -17.45
N LEU A 2112 -58.89 -11.77 -16.84
CA LEU A 2112 -58.76 -11.67 -15.39
C LEU A 2112 -57.80 -10.55 -15.08
N VAL A 2113 -58.10 -9.79 -14.02
CA VAL A 2113 -57.25 -8.69 -13.59
C VAL A 2113 -57.06 -8.79 -12.09
N LEU A 2114 -55.83 -8.70 -11.63
CA LEU A 2114 -55.53 -8.69 -10.21
C LEU A 2114 -55.01 -7.31 -9.84
N LEU A 2115 -55.74 -6.59 -9.00
CA LEU A 2115 -55.38 -5.26 -8.55
C LEU A 2115 -55.03 -5.32 -7.09
N ASP A 2116 -53.90 -4.73 -6.71
CA ASP A 2116 -53.44 -4.74 -5.33
C ASP A 2116 -53.32 -3.30 -4.85
N GLU A 2117 -54.32 -2.84 -4.12
CA GLU A 2117 -54.35 -1.51 -3.53
C GLU A 2117 -54.07 -0.45 -4.60
N PRO A 2118 -54.95 -0.34 -5.60
CA PRO A 2118 -54.65 0.49 -6.77
C PRO A 2118 -54.87 1.98 -6.56
N THR A 2119 -55.02 2.44 -5.34
CA THR A 2119 -55.27 3.86 -5.06
C THR A 2119 -54.69 4.16 -3.70
N THR A 2120 -53.51 4.78 -3.66
CA THR A 2120 -52.85 5.05 -2.40
C THR A 2120 -52.69 6.54 -2.12
N GLY A 2121 -52.02 7.27 -2.99
CA GLY A 2121 -51.80 8.68 -2.73
C GLY A 2121 -52.58 9.56 -3.68
N MET A 2122 -53.83 9.21 -3.93
CA MET A 2122 -54.67 9.96 -4.84
C MET A 2122 -55.65 10.82 -4.05
N ASP A 2123 -55.71 12.10 -4.38
CA ASP A 2123 -56.64 13.00 -3.75
C ASP A 2123 -58.06 12.64 -4.14
N PRO A 2124 -59.06 12.95 -3.30
CA PRO A 2124 -60.37 12.28 -3.42
C PRO A 2124 -61.05 12.47 -4.75
N GLN A 2125 -60.67 13.47 -5.54
CA GLN A 2125 -61.23 13.57 -6.87
C GLN A 2125 -60.62 12.57 -7.83
N ALA A 2126 -59.35 12.23 -7.65
CA ALA A 2126 -58.65 11.36 -8.59
C ALA A 2126 -59.15 9.92 -8.48
N ARG A 2127 -59.55 9.49 -7.30
CA ARG A 2127 -59.96 8.10 -7.11
C ARG A 2127 -61.17 7.76 -7.94
N ARG A 2128 -62.11 8.69 -8.06
CA ARG A 2128 -63.31 8.43 -8.83
C ARG A 2128 -62.98 8.14 -10.29
N MET A 2129 -62.04 8.88 -10.85
CA MET A 2129 -61.70 8.71 -12.25
C MET A 2129 -61.06 7.36 -12.53
N LEU A 2130 -60.69 6.62 -11.49
CA LEU A 2130 -60.20 5.25 -11.61
C LEU A 2130 -61.29 4.24 -11.33
N TRP A 2131 -62.11 4.49 -10.32
CA TRP A 2131 -63.19 3.57 -9.98
C TRP A 2131 -64.17 3.45 -11.13
N ASN A 2132 -64.41 4.55 -11.84
CA ASN A 2132 -65.28 4.48 -13.00
C ASN A 2132 -64.74 3.51 -14.03
N VAL A 2133 -63.43 3.55 -14.28
CA VAL A 2133 -62.83 2.63 -15.24
C VAL A 2133 -63.00 1.20 -14.79
N ILE A 2134 -62.67 0.94 -13.52
CA ILE A 2134 -62.69 -0.43 -13.04
C ILE A 2134 -64.10 -0.99 -13.03
N VAL A 2135 -65.11 -0.14 -12.98
CA VAL A 2135 -66.47 -0.64 -13.18
C VAL A 2135 -66.77 -0.82 -14.67
N SER A 2136 -66.19 0.03 -15.51
CA SER A 2136 -66.42 -0.10 -16.94
C SER A 2136 -65.96 -1.46 -17.46
N ILE A 2137 -64.79 -1.93 -17.01
CA ILE A 2137 -64.37 -3.27 -17.40
C ILE A 2137 -65.35 -4.32 -16.93
N ILE A 2138 -65.73 -4.26 -15.65
CA ILE A 2138 -66.55 -5.32 -15.09
C ILE A 2138 -67.90 -5.39 -15.78
N ARG A 2139 -68.34 -4.28 -16.35
CA ARG A 2139 -69.61 -4.31 -17.08
C ARG A 2139 -69.54 -5.21 -18.30
N GLU A 2140 -68.33 -5.57 -18.76
CA GLU A 2140 -68.14 -6.25 -20.03
C GLU A 2140 -68.06 -7.77 -19.92
N GLY A 2141 -68.02 -8.31 -18.71
CA GLY A 2141 -67.84 -9.74 -18.54
C GLY A 2141 -66.43 -10.18 -18.21
N ARG A 2142 -65.56 -9.27 -17.78
CA ARG A 2142 -64.21 -9.58 -17.38
C ARG A 2142 -64.10 -9.43 -15.86
N ALA A 2143 -63.61 -10.48 -15.20
CA ALA A 2143 -63.57 -10.48 -13.74
C ALA A 2143 -62.43 -9.61 -13.22
N VAL A 2144 -62.54 -9.21 -11.97
CA VAL A 2144 -61.50 -8.46 -11.27
C VAL A 2144 -61.39 -8.98 -9.84
N VAL A 2145 -60.17 -9.15 -9.36
CA VAL A 2145 -59.92 -9.42 -7.95
C VAL A 2145 -59.21 -8.21 -7.37
N LEU A 2146 -59.68 -7.74 -6.23
CA LEU A 2146 -59.25 -6.45 -5.69
C LEU A 2146 -58.78 -6.65 -4.26
N THR A 2147 -58.15 -5.62 -3.71
CA THR A 2147 -57.55 -5.69 -2.39
C THR A 2147 -57.21 -4.27 -1.95
N SER A 2148 -57.48 -3.92 -0.70
CA SER A 2148 -57.11 -2.60 -0.22
C SER A 2148 -57.15 -2.56 1.30
N HIS A 2149 -56.45 -1.58 1.86
CA HIS A 2149 -56.51 -1.34 3.29
C HIS A 2149 -57.78 -0.58 3.68
N SER A 2150 -58.25 0.30 2.82
CA SER A 2150 -59.45 1.06 3.12
C SER A 2150 -60.68 0.18 2.95
N MET A 2151 -61.74 0.53 3.67
CA MET A 2151 -63.05 -0.07 3.47
C MET A 2151 -63.95 0.81 2.62
N GLU A 2152 -63.44 1.91 2.10
CA GLU A 2152 -64.24 2.77 1.23
C GLU A 2152 -64.31 2.20 -0.18
N GLU A 2153 -63.16 2.05 -0.84
CA GLU A 2153 -63.19 1.54 -2.21
C GLU A 2153 -63.71 0.11 -2.24
N CYS A 2154 -63.28 -0.73 -1.30
CA CYS A 2154 -63.76 -2.09 -1.29
C CYS A 2154 -65.26 -2.17 -1.07
N GLU A 2155 -65.88 -1.09 -0.62
CA GLU A 2155 -67.32 -0.97 -0.59
C GLU A 2155 -67.88 -0.34 -1.87
N ALA A 2156 -67.08 0.46 -2.55
CA ALA A 2156 -67.57 1.20 -3.71
C ALA A 2156 -67.79 0.34 -4.94
N LEU A 2157 -66.89 -0.59 -5.23
CA LEU A 2157 -66.94 -1.29 -6.51
C LEU A 2157 -66.81 -2.81 -6.41
N CYS A 2158 -66.93 -3.40 -5.23
CA CYS A 2158 -66.96 -4.84 -5.11
C CYS A 2158 -68.40 -5.35 -5.08
N THR A 2159 -68.59 -6.57 -5.57
CA THR A 2159 -69.90 -7.20 -5.55
C THR A 2159 -69.98 -8.38 -4.60
N ARG A 2160 -68.86 -8.83 -4.04
CA ARG A 2160 -68.88 -9.77 -2.93
C ARG A 2160 -67.49 -9.81 -2.32
N LEU A 2161 -67.43 -10.23 -1.05
CA LEU A 2161 -66.21 -10.14 -0.26
C LEU A 2161 -65.97 -11.45 0.47
N ALA A 2162 -64.86 -11.49 1.20
CA ALA A 2162 -64.54 -12.64 2.02
C ALA A 2162 -63.49 -12.23 3.04
N ILE A 2163 -63.90 -12.11 4.29
CA ILE A 2163 -62.96 -11.73 5.35
C ILE A 2163 -62.15 -12.95 5.73
N MET A 2164 -60.83 -12.83 5.66
CA MET A 2164 -59.93 -13.91 6.03
C MET A 2164 -59.44 -13.68 7.44
N VAL A 2165 -59.51 -14.72 8.28
CA VAL A 2165 -58.97 -14.69 9.63
C VAL A 2165 -57.87 -15.75 9.64
N LYS A 2166 -57.20 -15.93 10.78
CA LYS A 2166 -56.04 -16.83 10.89
C LYS A 2166 -56.25 -18.12 10.12
N GLY A 2167 -57.51 -18.55 10.01
CA GLY A 2167 -57.85 -19.70 9.22
C GLY A 2167 -58.06 -19.32 7.76
N ALA A 2168 -59.24 -19.64 7.23
CA ALA A 2168 -59.51 -19.40 5.82
C ALA A 2168 -60.55 -18.31 5.61
N PHE A 2169 -61.77 -18.47 6.13
CA PHE A 2169 -62.85 -17.58 5.77
C PHE A 2169 -63.83 -17.45 6.92
N ARG A 2170 -64.57 -16.35 6.93
CA ARG A 2170 -65.61 -16.15 7.92
C ARG A 2170 -66.88 -15.56 7.33
N CYS A 2171 -66.94 -15.32 6.02
CA CYS A 2171 -68.15 -14.83 5.39
C CYS A 2171 -67.96 -14.78 3.88
N MET A 2172 -69.07 -14.60 3.18
CA MET A 2172 -69.11 -14.33 1.75
C MET A 2172 -70.24 -13.33 1.52
N GLY A 2173 -70.67 -13.21 0.27
CA GLY A 2173 -71.86 -12.45 -0.03
C GLY A 2173 -71.56 -10.99 -0.31
N THR A 2174 -72.63 -10.27 -0.63
CA THR A 2174 -72.53 -8.91 -1.13
C THR A 2174 -72.31 -7.97 0.07
N ILE A 2175 -72.33 -6.66 -0.17
CA ILE A 2175 -72.19 -5.69 0.91
C ILE A 2175 -73.42 -5.78 1.80
N GLN A 2176 -74.56 -5.40 1.26
CA GLN A 2176 -75.79 -5.32 2.05
C GLN A 2176 -76.13 -6.65 2.67
N HIS A 2177 -75.92 -7.74 1.93
CA HIS A 2177 -76.16 -9.07 2.49
C HIS A 2177 -75.30 -9.35 3.71
N LEU A 2178 -74.13 -8.72 3.81
CA LEU A 2178 -73.20 -9.04 4.87
C LEU A 2178 -73.32 -8.09 6.05
N LYS A 2179 -73.65 -6.83 5.80
CA LYS A 2179 -73.88 -5.89 6.90
C LYS A 2179 -74.91 -6.44 7.87
N SER A 2180 -76.05 -6.85 7.35
CA SER A 2180 -77.14 -7.31 8.21
C SER A 2180 -76.81 -8.65 8.84
N LYS A 2181 -76.34 -9.61 8.05
CA LYS A 2181 -76.06 -10.95 8.55
C LYS A 2181 -74.88 -10.99 9.51
N PHE A 2182 -74.07 -9.93 9.60
CA PHE A 2182 -72.96 -9.95 10.54
C PHE A 2182 -72.83 -8.64 11.30
N GLY A 2183 -73.93 -7.93 11.49
CA GLY A 2183 -73.86 -6.66 12.18
C GLY A 2183 -75.10 -6.26 12.94
N ASP A 2184 -75.26 -4.96 13.12
CA ASP A 2184 -76.41 -4.37 13.81
C ASP A 2184 -76.64 -2.99 13.20
N GLY A 2185 -77.26 -2.09 13.95
CA GLY A 2185 -77.09 -0.70 13.64
C GLY A 2185 -78.33 0.18 13.63
N TYR A 2186 -78.46 0.96 12.57
CA TYR A 2186 -79.48 1.99 12.43
C TYR A 2186 -79.28 3.08 13.48
N ILE A 2187 -78.14 3.76 13.35
CA ILE A 2187 -77.86 4.93 14.16
C ILE A 2187 -78.85 6.03 13.84
N VAL A 2188 -79.33 6.71 14.87
CA VAL A 2188 -80.32 7.76 14.73
C VAL A 2188 -79.81 9.02 15.40
N THR A 2189 -79.86 10.14 14.69
CA THR A 2189 -79.46 11.43 15.23
C THR A 2189 -80.61 12.42 15.07
N MET A 2190 -80.64 13.40 15.96
CA MET A 2190 -81.70 14.39 15.98
C MET A 2190 -81.28 15.54 16.88
N LYS A 2191 -81.66 16.76 16.48
CA LYS A 2191 -81.31 17.94 17.25
C LYS A 2191 -82.55 18.42 18.00
N ILE A 2192 -82.41 18.58 19.32
CA ILE A 2192 -83.55 18.94 20.16
C ILE A 2192 -83.86 20.41 19.96
N LYS A 2193 -84.94 20.70 19.24
CA LYS A 2193 -85.35 22.07 18.97
C LYS A 2193 -85.75 22.78 20.27
N LEU A 2200 -83.36 27.27 24.14
CA LEU A 2200 -83.13 26.62 25.42
C LEU A 2200 -83.50 25.14 25.33
N PRO A 2201 -82.54 24.30 24.94
CA PRO A 2201 -82.83 22.87 24.79
C PRO A 2201 -82.49 22.06 26.04
N ASP A 2202 -83.24 20.98 26.27
CA ASP A 2202 -82.96 20.04 27.34
C ASP A 2202 -83.12 18.62 26.80
N LEU A 2203 -82.32 17.70 27.37
CA LEU A 2203 -82.31 16.33 26.87
C LEU A 2203 -82.91 15.35 27.86
N ASN A 2204 -83.83 15.82 28.69
CA ASN A 2204 -84.51 14.94 29.62
C ASN A 2204 -85.64 14.22 28.91
N PRO A 2205 -86.48 14.94 28.16
CA PRO A 2205 -87.68 14.31 27.57
C PRO A 2205 -87.35 13.28 26.49
N VAL A 2206 -86.20 13.45 25.82
CA VAL A 2206 -85.85 12.56 24.71
C VAL A 2206 -85.60 11.15 25.21
N GLU A 2207 -84.84 11.00 26.30
CA GLU A 2207 -84.55 9.69 26.84
C GLU A 2207 -85.83 8.97 27.25
N GLN A 2208 -86.74 9.70 27.90
CA GLN A 2208 -88.02 9.11 28.27
C GLN A 2208 -88.81 8.70 27.04
N PHE A 2209 -88.86 9.56 26.03
CA PHE A 2209 -89.65 9.26 24.85
C PHE A 2209 -89.07 8.12 24.03
N PHE A 2210 -87.81 7.78 24.26
CA PHE A 2210 -87.29 6.53 23.73
C PHE A 2210 -87.80 5.32 24.49
N GLN A 2211 -88.94 5.45 25.18
CA GLN A 2211 -89.61 4.31 25.78
C GLN A 2211 -90.00 3.25 24.76
N GLY A 2212 -90.24 3.62 23.51
CA GLY A 2212 -90.56 2.61 22.51
C GLY A 2212 -89.35 1.85 22.03
N ASN A 2213 -88.15 2.39 22.28
CA ASN A 2213 -86.94 1.91 21.62
C ASN A 2213 -85.84 1.52 22.61
N PHE A 2214 -86.20 0.95 23.76
CA PHE A 2214 -85.17 0.63 24.76
C PHE A 2214 -84.09 -0.34 24.28
N PRO A 2215 -84.40 -1.43 23.55
CA PRO A 2215 -83.33 -2.39 23.22
C PRO A 2215 -82.27 -1.78 22.34
N GLY A 2216 -81.49 -0.86 22.92
CA GLY A 2216 -80.45 -0.13 22.24
C GLY A 2216 -80.13 1.16 22.97
N SER A 2217 -80.03 2.26 22.22
CA SER A 2217 -79.91 3.60 22.80
C SER A 2217 -78.72 3.74 23.73
N VAL A 2218 -77.50 3.60 23.21
CA VAL A 2218 -76.30 3.72 24.01
C VAL A 2218 -75.91 5.19 24.12
N GLN A 2219 -76.59 6.02 23.36
CA GLN A 2219 -76.58 7.49 23.39
C GLN A 2219 -75.31 8.14 22.87
N ARG A 2220 -74.19 7.42 22.88
CA ARG A 2220 -73.05 7.68 22.00
C ARG A 2220 -72.47 9.09 22.03
N GLU A 2221 -73.25 10.08 22.50
CA GLU A 2221 -72.83 11.49 22.47
C GLU A 2221 -73.95 12.37 22.99
N ARG A 2222 -73.58 13.53 23.54
CA ARG A 2222 -74.46 14.70 23.61
C ARG A 2222 -73.57 15.91 23.89
N HIS A 2223 -73.40 16.77 22.88
CA HIS A 2223 -72.68 18.01 23.17
C HIS A 2223 -73.60 19.06 23.75
N TYR A 2224 -74.50 19.59 22.93
CA TYR A 2224 -75.47 20.56 23.42
C TYR A 2224 -76.92 20.20 23.14
N ASN A 2225 -77.26 19.87 21.89
CA ASN A 2225 -78.61 19.37 21.62
C ASN A 2225 -78.67 18.30 20.54
N MET A 2226 -77.56 17.68 20.17
CA MET A 2226 -77.58 16.59 19.21
C MET A 2226 -77.49 15.25 19.93
N LEU A 2227 -78.23 14.26 19.42
CA LEU A 2227 -78.45 13.04 20.16
C LEU A 2227 -78.20 11.83 19.27
N GLN A 2228 -77.09 11.14 19.51
CA GLN A 2228 -76.75 9.91 18.80
C GLN A 2228 -77.30 8.72 19.56
N PHE A 2229 -77.66 7.67 18.81
CA PHE A 2229 -78.30 6.50 19.39
C PHE A 2229 -78.19 5.28 18.47
N GLN A 2230 -78.09 4.08 19.04
CA GLN A 2230 -78.13 2.84 18.26
C GLN A 2230 -79.39 2.06 18.65
N VAL A 2231 -80.44 2.21 17.87
CA VAL A 2231 -81.69 1.50 18.09
C VAL A 2231 -81.61 0.10 17.49
N SER A 2232 -82.63 -0.71 17.74
CA SER A 2232 -82.68 -2.06 17.20
C SER A 2232 -82.87 -2.01 15.69
N SER A 2233 -82.96 -3.19 15.05
CA SER A 2233 -83.00 -3.24 13.60
C SER A 2233 -84.30 -3.81 13.06
N SER A 2234 -85.43 -3.41 13.64
CA SER A 2234 -86.74 -3.74 13.09
C SER A 2234 -87.36 -2.59 12.33
N SER A 2235 -86.70 -1.43 12.28
CA SER A 2235 -87.14 -0.28 11.51
C SER A 2235 -88.53 0.17 11.92
N LEU A 2236 -88.82 0.05 13.21
CA LEU A 2236 -90.04 0.61 13.78
C LEU A 2236 -89.87 2.09 14.11
N ALA A 2237 -88.63 2.58 14.19
CA ALA A 2237 -88.42 4.00 14.41
C ALA A 2237 -89.06 4.83 13.30
N ARG A 2238 -88.96 4.36 12.06
CA ARG A 2238 -89.51 5.09 10.93
C ARG A 2238 -90.99 5.39 11.08
N ILE A 2239 -91.71 4.55 11.81
CA ILE A 2239 -93.14 4.77 11.97
C ILE A 2239 -93.40 5.47 13.30
N PHE A 2240 -92.57 5.20 14.31
CA PHE A 2240 -92.75 5.83 15.61
C PHE A 2240 -91.80 7.02 15.75
N GLN A 2241 -91.99 8.01 14.87
CA GLN A 2241 -91.29 9.27 15.06
C GLN A 2241 -92.10 10.50 14.65
N LEU A 2242 -93.40 10.38 14.41
CA LEU A 2242 -94.20 11.49 13.90
C LEU A 2242 -94.93 12.26 14.98
N LEU A 2243 -94.42 12.27 16.20
CA LEU A 2243 -94.97 13.15 17.23
C LEU A 2243 -93.85 13.69 18.10
N LEU A 2244 -92.73 14.03 17.47
CA LEU A 2244 -91.50 14.45 18.13
C LEU A 2244 -91.71 15.58 19.13
N SER A 2245 -91.17 15.41 20.33
CA SER A 2245 -91.20 16.43 21.38
C SER A 2245 -92.59 17.00 21.61
N GLU A 2253 -86.50 18.23 16.14
CA GLU A 2253 -86.31 19.00 14.91
C GLU A 2253 -85.89 18.13 13.74
N GLU A 2254 -84.58 18.11 13.43
CA GLU A 2254 -84.07 17.35 12.31
C GLU A 2254 -83.78 15.92 12.72
N TYR A 2255 -83.45 15.07 11.75
CA TYR A 2255 -83.33 13.64 12.01
C TYR A 2255 -82.48 12.99 10.93
N SER A 2256 -82.08 11.75 11.19
CA SER A 2256 -81.34 10.95 10.21
C SER A 2256 -81.25 9.53 10.71
N VAL A 2257 -81.34 8.57 9.79
CA VAL A 2257 -81.16 7.17 10.14
C VAL A 2257 -80.29 6.48 9.10
N THR A 2258 -79.07 6.12 9.47
CA THR A 2258 -78.12 5.52 8.54
C THR A 2258 -77.88 4.07 8.91
N GLN A 2259 -77.36 3.31 7.96
CA GLN A 2259 -76.97 1.93 8.22
C GLN A 2259 -75.52 1.89 8.67
N THR A 2260 -75.19 0.96 9.56
CA THR A 2260 -73.82 0.83 10.04
C THR A 2260 -72.88 0.61 8.87
N THR A 2261 -71.66 1.12 8.97
CA THR A 2261 -70.73 1.09 7.86
C THR A 2261 -70.11 -0.30 7.76
N LEU A 2262 -69.50 -0.57 6.61
CA LEU A 2262 -68.85 -1.85 6.38
C LEU A 2262 -67.66 -2.07 7.30
N ASP A 2263 -66.88 -1.04 7.59
CA ASP A 2263 -65.71 -1.22 8.43
C ASP A 2263 -66.06 -1.57 9.86
N GLN A 2264 -67.31 -1.36 10.28
CA GLN A 2264 -67.69 -1.82 11.61
C GLN A 2264 -67.74 -3.34 11.67
N VAL A 2265 -67.99 -3.99 10.53
CA VAL A 2265 -67.96 -5.45 10.48
C VAL A 2265 -66.54 -5.97 10.63
N PHE A 2266 -65.59 -5.29 9.99
CA PHE A 2266 -64.21 -5.74 10.07
C PHE A 2266 -63.68 -5.64 11.48
N VAL A 2267 -64.01 -4.55 12.19
CA VAL A 2267 -63.58 -4.43 13.57
C VAL A 2267 -64.18 -5.55 14.40
N ASN A 2268 -65.45 -5.90 14.14
CA ASN A 2268 -66.08 -6.98 14.90
C ASN A 2268 -65.40 -8.32 14.66
N PHE A 2269 -64.98 -8.58 13.42
CA PHE A 2269 -64.29 -9.83 13.16
C PHE A 2269 -62.90 -9.86 13.78
N ALA A 2270 -62.17 -8.74 13.69
CA ALA A 2270 -60.81 -8.68 14.20
C ALA A 2270 -60.76 -8.43 15.69
N LYS A 2271 -61.91 -8.22 16.32
CA LYS A 2271 -61.93 -7.81 17.72
C LYS A 2271 -61.46 -8.92 18.64
N GLN A 2272 -61.87 -10.15 18.37
CA GLN A 2272 -61.61 -11.26 19.27
C GLN A 2272 -60.14 -11.66 19.32
N GLN A 2273 -59.55 -11.86 18.14
CA GLN A 2273 -58.16 -12.32 17.97
C GLN A 2273 -57.20 -11.95 19.11
C1 NAG B . 57.09 -6.68 -20.16
C2 NAG B . 57.42 -6.88 -21.63
C3 NAG B . 57.48 -8.36 -21.97
C4 NAG B . 58.35 -9.11 -20.98
C5 NAG B . 57.94 -8.77 -19.56
C6 NAG B . 58.85 -9.38 -18.54
C7 NAG B . 56.77 -5.15 -23.24
C8 NAG B . 55.65 -4.57 -24.04
N2 NAG B . 56.46 -6.20 -22.48
O3 NAG B . 58.02 -8.51 -23.28
O4 NAG B . 58.15 -10.51 -21.14
O5 NAG B . 58.00 -7.36 -19.37
O6 NAG B . 60.19 -9.46 -19.02
O7 NAG B . 57.90 -4.71 -23.29
C1 NAG B . 59.16 -11.15 -21.92
C2 NAG B . 58.92 -12.64 -21.78
C3 NAG B . 59.91 -13.40 -22.64
C4 NAG B . 59.86 -12.92 -24.08
C5 NAG B . 59.99 -11.40 -24.14
C6 NAG B . 59.74 -10.84 -25.52
C7 NAG B . 58.40 -14.15 -19.93
C8 NAG B . 58.58 -14.45 -18.48
N2 NAG B . 59.02 -13.06 -20.40
O3 NAG B . 59.57 -14.78 -22.59
O4 NAG B . 60.95 -13.47 -24.79
O5 NAG B . 59.03 -10.77 -23.27
O6 NAG B . 58.44 -11.20 -25.99
O7 NAG B . 57.71 -14.86 -20.66
C1 BMA B . 60.47 -14.39 -25.80
C2 BMA B . 60.97 -13.88 -27.16
C3 BMA B . 60.50 -14.85 -28.24
C4 BMA B . 60.86 -16.32 -27.90
C5 BMA B . 60.39 -16.65 -26.47
C6 BMA B . 60.82 -18.01 -26.00
O2 BMA B . 62.39 -13.86 -27.19
O3 BMA B . 60.94 -14.41 -29.55
O4 BMA B . 60.21 -17.18 -28.81
O5 BMA B . 60.94 -15.70 -25.58
O6 BMA B . 60.23 -18.98 -26.83
C1 BMA B . 62.09 -15.10 -30.09
C2 BMA B . 61.64 -15.64 -31.50
C3 BMA B . 62.82 -15.86 -32.46
C4 BMA B . 63.83 -14.74 -32.35
C5 BMA B . 64.31 -14.73 -30.91
C6 BMA B . 65.54 -13.87 -30.69
O2 BMA B . 60.74 -14.72 -32.13
O3 BMA B . 62.37 -15.97 -33.81
O4 BMA B . 64.91 -14.94 -33.22
O5 BMA B . 63.22 -14.24 -30.12
O6 BMA B . 66.70 -14.66 -30.94
C1 BMA B . 60.76 -20.29 -26.52
C2 BMA B . 61.68 -20.72 -27.69
C3 BMA B . 62.38 -22.02 -27.36
C4 BMA B . 62.97 -22.02 -25.93
C5 BMA B . 61.94 -21.56 -24.90
C6 BMA B . 62.54 -21.44 -23.50
O2 BMA B . 62.70 -19.77 -27.89
O3 BMA B . 63.41 -22.26 -28.31
O4 BMA B . 63.38 -23.35 -25.59
O5 BMA B . 61.48 -20.27 -25.29
O6 BMA B . 63.58 -20.48 -23.53
C1 NAG C . 46.51 13.84 16.54
C2 NAG C . 47.73 13.16 17.12
C3 NAG C . 47.34 11.79 17.65
C4 NAG C . 46.16 11.90 18.61
C5 NAG C . 45.04 12.67 17.94
C6 NAG C . 43.88 12.94 18.87
C7 NAG C . 50.06 13.20 16.36
C8 NAG C . 50.97 13.07 15.19
N2 NAG C . 48.76 13.04 16.11
O3 NAG C . 48.45 11.22 18.33
O4 NAG C . 45.62 10.62 18.86
O5 NAG C . 45.52 13.93 17.49
O6 NAG C . 42.82 13.56 18.16
O7 NAG C . 50.48 13.42 17.48
C1 NAG C . 46.14 10.00 20.03
C2 NAG C . 45.15 8.94 20.49
C3 NAG C . 45.72 8.16 21.66
C4 NAG C . 47.04 7.55 21.26
C5 NAG C . 47.98 8.61 20.72
C6 NAG C . 49.25 8.04 20.13
C7 NAG C . 43.34 10.26 21.68
C8 NAG C . 44.34 10.85 22.64
N2 NAG C . 43.79 9.42 20.74
O3 NAG C . 44.77 7.17 22.03
O4 NAG C . 47.69 6.95 22.38
O5 NAG C . 47.36 9.38 19.67
O6 NAG C . 50.40 8.73 20.59
O7 NAG C . 42.16 10.56 21.74
C1 BMA C . 47.23 5.60 22.49
C2 BMA C . 48.39 4.74 22.87
C3 BMA C . 47.83 3.35 23.05
C4 BMA C . 46.84 3.34 24.18
C5 BMA C . 45.69 4.33 23.83
C6 BMA C . 44.75 4.63 24.98
O2 BMA C . 48.86 5.16 24.12
O3 BMA C . 48.79 2.27 23.14
O4 BMA C . 46.31 2.05 24.29
O5 BMA C . 46.26 5.59 23.51
O6 BMA C . 43.82 3.59 25.16
C1 BMA C . 49.77 2.32 24.19
C2 BMA C . 50.35 0.90 24.32
C3 BMA C . 51.60 0.89 25.16
C4 BMA C . 52.55 1.96 24.67
C5 BMA C . 51.87 3.31 24.80
C6 BMA C . 52.76 4.47 24.39
O2 BMA C . 50.74 0.44 23.05
O3 BMA C . 52.24 -0.36 25.12
O4 BMA C . 53.71 1.95 25.48
O5 BMA C . 50.77 3.29 23.91
O6 BMA C . 54.05 3.96 24.09
C1 BMA C . 44.20 2.92 26.38
C2 BMA C . 44.07 3.93 27.54
C3 BMA C . 44.70 3.27 28.76
C4 BMA C . 44.09 1.87 29.01
C5 BMA C . 43.93 1.03 27.68
C6 BMA C . 43.04 -0.17 27.84
O2 BMA C . 42.71 4.16 27.84
O3 BMA C . 44.62 4.08 29.92
O4 BMA C . 44.90 1.15 29.92
O5 BMA C . 43.37 1.84 26.68
O6 BMA C . 42.41 -0.39 26.59
C1 NAG D . 59.38 2.19 15.01
C2 NAG D . 59.09 3.67 15.27
C3 NAG D . 60.30 4.35 15.89
C4 NAG D . 60.67 3.65 17.18
C5 NAG D . 61.01 2.20 16.88
C6 NAG D . 61.29 1.41 18.14
C7 NAG D . 57.64 5.11 13.92
C8 NAG D . 57.43 5.72 12.58
N2 NAG D . 58.73 4.33 14.03
O3 NAG D . 59.98 5.71 16.15
O4 NAG D . 61.83 4.26 17.77
O5 NAG D . 59.89 1.57 16.24
O6 NAG D . 60.40 1.80 19.17
O7 NAG D . 56.88 5.29 14.86
C1 NAG E . 85.76 -37.17 -4.93
C2 NAG E . 87.11 -37.40 -4.24
C3 NAG E . 87.29 -38.85 -3.84
C4 NAG E . 85.94 -39.47 -3.52
C5 NAG E . 85.12 -39.57 -4.80
C6 NAG E . 83.63 -39.66 -4.55
C7 NAG E . 89.18 -36.13 -4.70
C8 NAG E . 90.21 -35.80 -5.72
N2 NAG E . 88.20 -36.96 -5.10
O3 NAG E . 88.15 -38.95 -2.71
O4 NAG E . 86.12 -40.78 -2.97
O5 NAG E . 85.33 -38.41 -5.62
O6 NAG E . 82.90 -39.29 -5.71
O7 NAG E . 89.21 -35.68 -3.55
C1 NAG F . 67.01 -36.71 1.40
C2 NAG F . 67.56 -37.63 0.30
C3 NAG F . 68.25 -38.86 0.90
C4 NAG F . 69.26 -38.44 1.95
C5 NAG F . 68.55 -37.57 2.98
C6 NAG F . 69.45 -37.13 4.10
C7 NAG F . 65.39 -38.66 -0.25
C8 NAG F . 64.43 -38.99 -1.35
N2 NAG F . 66.51 -38.04 -0.61
O3 NAG F . 68.90 -39.57 -0.14
O4 NAG F . 69.80 -39.59 2.58
O5 NAG F . 68.05 -36.40 2.34
O6 NAG F . 68.80 -37.23 5.36
O7 NAG F . 65.15 -38.96 0.92
C1 NAG G . 38.22 36.92 -12.99
C2 NAG G . 36.88 37.49 -12.47
C3 NAG G . 36.57 38.82 -13.12
C4 NAG G . 37.86 39.60 -13.32
C5 NAG G . 38.64 38.92 -14.43
C6 NAG G . 40.11 39.26 -14.40
C7 NAG G . 35.36 36.12 -13.84
C8 NAG G . 34.21 35.15 -13.81
N2 NAG G . 35.78 36.55 -12.65
O3 NAG G . 35.69 39.56 -12.28
O4 NAG G . 37.56 40.95 -13.68
O5 NAG G . 38.54 37.50 -14.32
O6 NAG G . 40.43 40.23 -15.39
O7 NAG G . 35.87 36.48 -14.90
C1 NAG H . 30.80 32.97 25.88
C2 NAG H . 30.40 31.84 26.85
C3 NAG H . 29.59 32.37 28.04
C4 NAG H . 30.28 33.55 28.68
C5 NAG H . 30.56 34.61 27.63
C6 NAG H . 31.29 35.81 28.18
C7 NAG H . 28.53 30.67 25.58
C8 NAG H . 27.75 31.95 25.49
N2 NAG H . 29.73 30.71 26.20
O3 NAG H . 29.44 31.32 29.00
O4 NAG H . 29.44 34.11 29.69
O5 NAG H . 31.39 34.06 26.60
O6 NAG H . 32.61 35.46 28.60
O7 NAG H . 28.10 29.63 25.10
C1 NAG I . 85.95 -28.55 -7.52
C2 NAG I . 85.25 -28.69 -8.90
C3 NAG I . 86.07 -28.06 -10.02
C4 NAG I . 87.27 -27.32 -9.48
C5 NAG I . 88.13 -28.29 -8.69
C6 NAG I . 89.31 -27.62 -8.02
C7 NAG I . 83.96 -30.52 -9.94
C8 NAG I . 83.85 -31.99 -10.14
N2 NAG I . 84.99 -30.10 -9.18
O3 NAG I . 85.24 -27.16 -10.75
O4 NAG I . 88.03 -26.78 -10.55
O5 NAG I . 87.37 -28.92 -7.65
O6 NAG I . 89.38 -27.99 -6.65
O7 NAG I . 83.17 -29.73 -10.44
C1 NAG J . 28.66 -3.20 -28.08
C2 NAG J . 28.25 -4.02 -29.30
C3 NAG J . 28.46 -3.21 -30.57
C4 NAG J . 27.74 -1.87 -30.46
C5 NAG J . 28.14 -1.15 -29.18
C6 NAG J . 27.39 0.14 -28.98
C7 NAG J . 28.52 -6.41 -28.84
C8 NAG J . 29.42 -7.61 -28.98
N2 NAG J . 28.99 -5.27 -29.36
O3 NAG J . 27.97 -3.94 -31.69
O4 NAG J . 28.08 -1.05 -31.58
O5 NAG J . 27.90 -1.99 -28.04
O6 NAG J . 27.37 0.91 -30.17
O7 NAG J . 27.43 -6.47 -28.29
P 3PE K . -27.09 -2.09 12.47
N 3PE K . -23.13 -1.32 12.99
O11 3PE K . -26.67 -3.09 11.29
O12 3PE K . -27.99 -2.83 13.44
O13 3PE K . -25.66 -1.90 13.17
O14 3PE K . -27.54 -0.77 11.90
C11 3PE K . -25.29 -0.71 13.86
C12 3PE K . -23.81 -0.79 14.15
C1 3PE K . -27.29 -3.10 10.00
C2 3PE K . -26.49 -4.01 9.07
C3 3PE K . -26.57 -3.48 7.64
O31 3PE K . -25.26 -3.53 7.07
O32 3PE K . -25.89 -3.60 4.84
C31 3PE K . -25.02 -3.31 5.65
C32 3PE K . -23.70 -2.72 5.20
C33 3PE K . -23.60 -1.28 5.69
C34 3PE K . -22.21 -0.99 6.26
C35 3PE K . -21.17 -0.89 5.15
C36 3PE K . -19.81 -0.48 5.72
C37 3PE K . -18.85 -0.05 4.62
C38 3PE K . -17.61 0.62 5.22
C39 3PE K . -16.98 1.57 4.23
C3A 3PE K . -15.82 0.91 3.51
C3B 3PE K . -14.69 0.65 4.50
C3C 3PE K . -13.46 0.13 3.76
C3D 3PE K . -13.12 1.05 2.60
C3E 3PE K . -11.88 0.53 1.88
C3F 3PE K . -11.32 1.61 0.96
C3G 3PE K . -9.90 1.26 0.54
C3H 3PE K . -9.28 2.43 -0.22
C3I 3PE K . -7.81 2.19 -0.48
O21 3PE K . -25.12 -4.01 9.45
O22 3PE K . -25.32 -6.31 9.54
C21 3PE K . -24.58 -5.35 9.36
C22 3PE K . -23.12 -5.58 9.00
C23 3PE K . -22.24 -5.45 10.24
C24 3PE K . -20.78 -5.64 9.86
C25 3PE K . -20.29 -4.51 8.97
C26 3PE K . -19.04 -4.91 8.21
C27 3PE K . -17.96 -5.44 9.14
C28 3PE K . -17.37 -4.33 10.00
C29 3PE K . -16.49 -3.40 9.17
C2A 3PE K . -15.35 -4.15 8.52
C2B 3PE K . -14.30 -3.18 8.00
C2C 3PE K . -13.15 -3.04 9.00
C2D 3PE K . -12.42 -1.73 8.81
C2E 3PE K . -11.86 -1.61 7.40
C2F 3PE K . -10.82 -2.68 7.15
C2G 3PE K . -10.02 -2.37 5.89
C2H 3PE K . -9.56 -0.92 5.87
C2I 3PE K . -9.00 -0.55 4.51
P 3PE L . -27.23 4.79 -10.01
N 3PE L . -28.25 2.77 -13.71
O11 3PE L . -26.75 3.76 -8.86
O12 3PE L . -26.07 5.07 -10.92
O13 3PE L . -28.23 3.99 -10.96
O14 3PE L . -27.99 5.93 -9.37
C11 3PE L . -28.61 4.63 -12.19
C12 3PE L . -29.26 3.63 -13.14
C1 3PE L . -26.10 4.23 -7.68
C2 3PE L . -24.66 3.73 -7.64
C3 3PE L . -23.97 4.24 -8.89
O31 3PE L . -22.61 3.84 -8.92
O32 3PE L . -21.67 5.83 -8.27
C31 3PE L . -21.63 4.88 -9.04
C32 3PE L . -20.56 4.82 -10.08
C33 3PE L . -20.15 6.25 -10.37
C34 3PE L . -18.99 6.27 -11.36
C35 3PE L . -17.85 7.13 -10.86
C36 3PE L . -17.37 6.63 -9.49
C37 3PE L . -17.13 5.13 -9.48
C38 3PE L . -17.17 4.58 -8.06
C39 3PE L . -15.91 5.00 -7.33
C3A 3PE L . -14.66 4.63 -8.13
C3B 3PE L . -13.83 5.86 -8.45
C3C 3PE L . -12.34 5.55 -8.33
C3D 3PE L . -12.06 4.75 -7.06
C3E 3PE L . -10.67 5.07 -6.51
C3F 3PE L . -10.20 3.97 -5.59
C3G 3PE L . -9.29 4.50 -4.50
C3H 3PE L . -7.91 4.84 -5.05
C3I 3PE L . -7.02 5.40 -3.96
O21 3PE L . -23.95 4.33 -6.55
O22 3PE L . -22.85 2.34 -6.21
C21 3PE L . -22.81 3.55 -6.14
C22 3PE L . -21.58 4.26 -5.64
C23 3PE L . -20.45 3.30 -5.33
C24 3PE L . -19.29 4.13 -4.83
C25 3PE L . -18.00 3.33 -4.81
C26 3PE L . -18.22 2.04 -4.07
C27 3PE L . -17.35 2.00 -2.82
C28 3PE L . -16.48 0.75 -2.71
C29 3PE L . -15.04 1.11 -3.08
C2A 3PE L . -14.88 1.64 -4.51
C2B 3PE L . -13.41 1.80 -4.87
C2C 3PE L . -12.64 0.60 -4.35
C2D 3PE L . -11.14 0.86 -4.32
C2E 3PE L . -10.41 -0.22 -3.55
C2F 3PE L . -9.00 0.21 -3.18
C2G 3PE L . -8.32 0.91 -4.35
C2H 3PE L . -6.83 1.06 -4.10
C2I 3PE L . -6.11 1.42 -5.38
#